data_4C7R
#
_entry.id   4C7R
#
_cell.length_a   115.560
_cell.length_b   129.500
_cell.length_c   167.950
_cell.angle_alpha   90.00
_cell.angle_beta   90.00
_cell.angle_gamma   90.00
#
_symmetry.space_group_name_H-M   'P 21 21 21'
#
loop_
_entity.id
_entity.type
_entity.pdbx_description
1 polymer 'GLYCINE BETAINE TRANSPORTER BETP'
2 non-polymer 'CITRATE ANION'
3 non-polymer 'CHLORIDE ION'
4 non-polymer '(1S)-2-{[{[(2R)-2,3-DIHYDROXYPROPYL]OXY}(HYDROXY)PHOSPHORYL]OXY}-1-[(PALMITOYLOXY)METHYL]ETHYL STEARATE'
5 non-polymer DI(HYDROXYETHYL)ETHER
6 non-polymer 5-CYCLOHEXYL-1-PENTYL-BETA-D-MALTOSIDE
7 water water
#
_entity_poly.entity_id   1
_entity_poly.type   'polypeptide(L)'
_entity_poly.pdbx_seq_one_letter_code
;LENPTNLEGKLADAAAAIILEGEDTQASLNWSVIVPALVIVLATVVWGIGFKDSFTNFASSALSAVVDNLGWAFILFGTV
FVFFIVVIAASKFGTIRLGRIDEAPEFRTVSWISMMFAAGMGIGLMFYGTTEPLTFYRNGVPGHDEHNVGVAMSTTMFHW
TLHPWAIYAIVGLAIAYSTFRVGRKQLLSSAFVPLIGEKGAEGWLGKLIDILAIIATVFGTACSLGLGALQIGAGLSAAN
IIEDPSDWTIVGIVSVLTLAFIFSAISGVGKGIQYLSNANMVLAALLAIFVFVVGPTVSILNLLPGSIGNYLSNFFQMAG
RTAMSADGTAGEWLGSWTIFYWAWWISWSPFVGMFLARISRGRSIREFILGVLLVPAGVSTVWFSIFGGTAIVFEQNGES
IWGDGAAEEQLFGLLHALPGGQIMGIIAMILLGTFFITSADSASTVMGTMSQHGQLEANKWVTAAWGVATAAIGLTLLLS
GGDNALSNLQNVTIVAATPFLFVVIGLMFALVKDLSNDVIYLEYREQQRFNARLARERRVHNEHRKRELAAKRRRERKAS
GAGKRR
;
_entity_poly.pdbx_strand_id   A,B,C
#
# COMPACT_ATOMS: atom_id res chain seq x y z
N ALA A 27 -16.07 -15.27 -45.80
CA ALA A 27 -17.36 -15.10 -45.13
C ALA A 27 -18.03 -13.80 -45.53
N SER A 28 -19.36 -13.79 -45.49
CA SER A 28 -20.15 -12.64 -45.92
C SER A 28 -19.91 -11.39 -45.07
N LEU A 29 -20.03 -10.23 -45.70
CA LEU A 29 -20.00 -8.96 -44.98
C LEU A 29 -21.29 -8.81 -44.19
N ASN A 30 -21.17 -8.26 -42.98
CA ASN A 30 -22.34 -8.02 -42.15
C ASN A 30 -22.87 -6.62 -42.36
N TRP A 31 -23.62 -6.43 -43.44
CA TRP A 31 -24.12 -5.11 -43.82
C TRP A 31 -25.01 -4.49 -42.75
N SER A 32 -25.71 -5.33 -41.99
CA SER A 32 -26.57 -4.83 -40.91
C SER A 32 -25.73 -4.16 -39.82
N VAL A 33 -24.44 -4.47 -39.80
CA VAL A 33 -23.50 -3.85 -38.86
C VAL A 33 -22.70 -2.73 -39.54
N ILE A 34 -22.34 -2.96 -40.79
CA ILE A 34 -21.55 -2.00 -41.55
C ILE A 34 -22.27 -0.67 -41.76
N VAL A 35 -23.44 -0.72 -42.39
CA VAL A 35 -24.17 0.48 -42.75
C VAL A 35 -24.34 1.47 -41.59
N PRO A 36 -24.97 1.04 -40.49
CA PRO A 36 -25.22 1.96 -39.37
C PRO A 36 -23.97 2.67 -38.87
N ALA A 37 -22.82 1.99 -38.94
CA ALA A 37 -21.56 2.60 -38.52
C ALA A 37 -21.08 3.62 -39.54
N LEU A 38 -21.02 3.21 -40.81
CA LEU A 38 -20.55 4.07 -41.87
C LEU A 38 -21.39 5.34 -41.99
N VAL A 39 -22.63 5.27 -41.50
CA VAL A 39 -23.52 6.43 -41.54
C VAL A 39 -23.19 7.40 -40.39
N ILE A 40 -23.03 6.86 -39.19
CA ILE A 40 -22.64 7.67 -38.05
C ILE A 40 -21.35 8.43 -38.36
N VAL A 41 -20.42 7.74 -39.03
CA VAL A 41 -19.13 8.31 -39.38
C VAL A 41 -19.26 9.37 -40.47
N LEU A 42 -19.85 8.99 -41.59
CA LEU A 42 -20.04 9.92 -42.70
C LEU A 42 -20.79 11.18 -42.27
N ALA A 43 -21.82 10.99 -41.45
CA ALA A 43 -22.56 12.12 -40.90
C ALA A 43 -21.61 13.08 -40.19
N THR A 44 -20.84 12.54 -39.25
CA THR A 44 -19.88 13.33 -38.49
C THR A 44 -18.96 14.14 -39.42
N VAL A 45 -18.41 13.47 -40.44
CA VAL A 45 -17.53 14.14 -41.39
C VAL A 45 -18.25 15.29 -42.09
N VAL A 46 -19.54 15.11 -42.33
CA VAL A 46 -20.36 16.17 -42.93
C VAL A 46 -20.56 17.32 -41.95
N TRP A 47 -21.07 16.99 -40.77
CA TRP A 47 -21.33 17.99 -39.73
C TRP A 47 -20.09 18.84 -39.49
N GLY A 48 -18.94 18.19 -39.40
CA GLY A 48 -17.69 18.88 -39.12
C GLY A 48 -17.20 19.76 -40.25
N ILE A 49 -17.02 19.17 -41.43
CA ILE A 49 -16.52 19.92 -42.59
C ILE A 49 -17.59 20.84 -43.20
N GLY A 50 -18.87 20.49 -42.99
CA GLY A 50 -19.96 21.28 -43.52
C GLY A 50 -20.34 22.46 -42.62
N PHE A 51 -20.52 22.18 -41.33
CA PHE A 51 -20.90 23.21 -40.37
C PHE A 51 -19.92 23.26 -39.20
N LYS A 52 -18.74 23.84 -39.43
CA LYS A 52 -17.71 23.93 -38.39
C LYS A 52 -18.27 24.50 -37.10
N ASP A 53 -19.29 25.34 -37.21
CA ASP A 53 -19.80 26.10 -36.08
C ASP A 53 -20.97 25.41 -35.36
N SER A 54 -21.58 24.44 -36.02
CA SER A 54 -22.65 23.65 -35.40
C SER A 54 -22.05 22.40 -34.78
N PHE A 55 -20.97 21.91 -35.39
CA PHE A 55 -20.28 20.73 -34.90
C PHE A 55 -19.49 21.06 -33.64
N THR A 56 -18.69 22.11 -33.71
CA THR A 56 -17.88 22.54 -32.57
C THR A 56 -18.71 22.78 -31.32
N ASN A 57 -19.87 23.41 -31.50
CA ASN A 57 -20.77 23.69 -30.39
C ASN A 57 -21.26 22.41 -29.73
N PHE A 58 -21.97 21.59 -30.48
CA PHE A 58 -22.45 20.30 -29.98
C PHE A 58 -21.33 19.53 -29.31
N ALA A 59 -20.17 19.49 -29.94
CA ALA A 59 -19.00 18.79 -29.40
C ALA A 59 -18.60 19.35 -28.05
N SER A 60 -18.59 20.68 -27.94
CA SER A 60 -18.18 21.34 -26.71
C SER A 60 -19.25 21.28 -25.63
N SER A 61 -20.51 21.29 -26.06
CA SER A 61 -21.64 21.22 -25.12
C SER A 61 -21.80 19.79 -24.60
N ALA A 62 -21.53 18.82 -25.45
CA ALA A 62 -21.62 17.41 -25.07
C ALA A 62 -20.46 17.03 -24.15
N LEU A 63 -19.31 17.66 -24.36
CA LEU A 63 -18.17 17.43 -23.49
C LEU A 63 -18.59 17.70 -22.05
N SER A 64 -19.07 18.92 -21.82
CA SER A 64 -19.53 19.31 -20.49
C SER A 64 -20.49 18.28 -19.92
N ALA A 65 -21.53 17.96 -20.68
CA ALA A 65 -22.53 17.00 -20.23
C ALA A 65 -21.91 15.69 -19.77
N VAL A 66 -20.95 15.18 -20.54
CA VAL A 66 -20.34 13.90 -20.24
C VAL A 66 -19.39 13.98 -19.05
N VAL A 67 -18.45 14.92 -19.10
CA VAL A 67 -17.48 15.10 -18.02
C VAL A 67 -18.15 15.40 -16.68
N ASP A 68 -19.25 16.14 -16.73
CA ASP A 68 -19.96 16.55 -15.51
C ASP A 68 -20.82 15.43 -14.92
N ASN A 69 -21.42 14.62 -15.77
CA ASN A 69 -22.36 13.59 -15.31
C ASN A 69 -21.79 12.18 -15.25
N LEU A 70 -20.82 11.88 -16.12
CA LEU A 70 -20.23 10.56 -16.17
C LEU A 70 -18.76 10.56 -15.78
N GLY A 71 -18.23 11.74 -15.47
CA GLY A 71 -16.84 11.87 -15.06
C GLY A 71 -16.47 10.93 -13.93
N TRP A 72 -17.36 10.81 -12.94
CA TRP A 72 -17.12 9.94 -11.80
C TRP A 72 -16.98 8.48 -12.22
N ALA A 73 -17.77 8.08 -13.22
CA ALA A 73 -17.77 6.68 -13.67
C ALA A 73 -16.47 6.27 -14.35
N PHE A 74 -15.93 7.15 -15.19
CA PHE A 74 -14.63 6.89 -15.80
C PHE A 74 -13.56 6.73 -14.72
N ILE A 75 -13.63 7.55 -13.69
CA ILE A 75 -12.62 7.58 -12.64
C ILE A 75 -12.76 6.39 -11.68
N LEU A 76 -13.99 6.04 -11.35
CA LEU A 76 -14.25 4.89 -10.48
C LEU A 76 -13.89 3.58 -11.16
N PHE A 77 -14.41 3.37 -12.37
CA PHE A 77 -14.24 2.10 -13.06
C PHE A 77 -12.86 1.97 -13.72
N GLY A 78 -12.21 3.10 -13.97
CA GLY A 78 -10.88 3.08 -14.54
C GLY A 78 -9.95 2.33 -13.61
N THR A 79 -10.14 2.56 -12.31
CA THR A 79 -9.35 1.91 -11.27
C THR A 79 -9.90 0.52 -10.96
N VAL A 80 -11.22 0.38 -11.04
CA VAL A 80 -11.85 -0.94 -10.88
C VAL A 80 -11.27 -1.91 -11.89
N PHE A 81 -11.22 -1.51 -13.16
CA PHE A 81 -10.56 -2.29 -14.20
C PHE A 81 -9.19 -2.82 -13.73
N VAL A 82 -8.43 -1.98 -13.04
CA VAL A 82 -7.09 -2.35 -12.63
C VAL A 82 -7.12 -3.47 -11.59
N PHE A 83 -7.96 -3.30 -10.57
CA PHE A 83 -8.14 -4.33 -9.54
C PHE A 83 -8.66 -5.62 -10.16
N PHE A 84 -9.79 -5.53 -10.84
CA PHE A 84 -10.42 -6.68 -11.47
C PHE A 84 -9.40 -7.58 -12.17
N ILE A 85 -8.63 -7.01 -13.08
CA ILE A 85 -7.70 -7.81 -13.90
C ILE A 85 -6.55 -8.39 -13.08
N VAL A 86 -6.17 -7.69 -12.01
CA VAL A 86 -5.13 -8.21 -11.11
C VAL A 86 -5.66 -9.38 -10.29
N VAL A 87 -6.94 -9.30 -9.89
CA VAL A 87 -7.58 -10.37 -9.16
C VAL A 87 -7.79 -11.62 -10.04
N ILE A 88 -8.21 -11.42 -11.29
CA ILE A 88 -8.32 -12.52 -12.23
C ILE A 88 -7.00 -13.28 -12.33
N ALA A 89 -5.93 -12.54 -12.59
CA ALA A 89 -4.62 -13.15 -12.77
C ALA A 89 -4.18 -13.92 -11.52
N ALA A 90 -4.52 -13.39 -10.35
CA ALA A 90 -4.12 -14.03 -9.10
C ALA A 90 -4.96 -15.26 -8.81
N SER A 91 -6.21 -15.23 -9.27
CA SER A 91 -7.15 -16.32 -9.04
C SER A 91 -6.77 -17.58 -9.79
N LYS A 92 -7.49 -18.66 -9.53
CA LYS A 92 -7.23 -19.93 -10.19
C LYS A 92 -7.51 -19.82 -11.69
N PHE A 93 -8.42 -18.91 -12.06
CA PHE A 93 -8.69 -18.64 -13.48
C PHE A 93 -7.41 -18.46 -14.29
N GLY A 94 -6.35 -18.02 -13.64
CA GLY A 94 -5.10 -17.70 -14.30
C GLY A 94 -4.32 -18.88 -14.84
N THR A 95 -4.72 -20.09 -14.45
CA THR A 95 -4.06 -21.30 -14.91
C THR A 95 -4.59 -21.71 -16.29
N ILE A 96 -5.83 -21.33 -16.57
CA ILE A 96 -6.48 -21.63 -17.85
C ILE A 96 -5.67 -21.13 -19.03
N ARG A 97 -5.54 -21.95 -20.06
CA ARG A 97 -4.82 -21.54 -21.26
C ARG A 97 -5.77 -21.00 -22.31
N LEU A 98 -5.32 -19.99 -23.05
CA LEU A 98 -6.14 -19.38 -24.10
C LEU A 98 -6.10 -20.20 -25.39
N GLY A 99 -6.82 -21.33 -25.37
CA GLY A 99 -6.84 -22.25 -26.48
C GLY A 99 -7.19 -23.64 -25.97
N ARG A 100 -6.73 -24.66 -26.69
CA ARG A 100 -6.98 -26.03 -26.28
C ARG A 100 -6.17 -26.37 -25.04
N ILE A 101 -6.66 -27.34 -24.27
CA ILE A 101 -5.99 -27.75 -23.03
C ILE A 101 -4.55 -28.15 -23.29
N ASP A 102 -3.62 -27.41 -22.70
CA ASP A 102 -2.19 -27.63 -22.90
C ASP A 102 -1.77 -27.49 -24.37
N GLU A 103 -2.31 -26.48 -25.03
CA GLU A 103 -1.85 -26.07 -26.35
C GLU A 103 -0.63 -25.17 -26.17
N ALA A 104 0.36 -25.33 -27.06
CA ALA A 104 1.57 -24.53 -26.98
C ALA A 104 1.41 -23.24 -27.78
N PRO A 105 2.00 -22.15 -27.26
CA PRO A 105 1.95 -20.82 -27.89
C PRO A 105 2.49 -20.85 -29.31
N GLU A 106 1.86 -20.08 -30.21
CA GLU A 106 2.31 -19.98 -31.60
C GLU A 106 3.70 -19.33 -31.68
N PHE A 107 3.90 -18.24 -30.95
CA PHE A 107 5.18 -17.56 -30.91
C PHE A 107 5.93 -17.95 -29.64
N ARG A 108 7.25 -17.86 -29.67
CA ARG A 108 8.05 -18.15 -28.48
C ARG A 108 7.99 -17.00 -27.48
N THR A 109 8.31 -17.29 -26.23
CA THR A 109 8.20 -16.32 -25.14
C THR A 109 8.91 -14.99 -25.45
N VAL A 110 9.99 -15.06 -26.22
CA VAL A 110 10.81 -13.88 -26.48
C VAL A 110 10.27 -12.99 -27.61
N SER A 111 9.55 -13.59 -28.55
CA SER A 111 8.99 -12.86 -29.68
C SER A 111 7.68 -12.18 -29.30
N TRP A 112 6.89 -12.87 -28.48
CA TRP A 112 5.64 -12.34 -27.95
C TRP A 112 5.89 -11.04 -27.17
N ILE A 113 6.88 -11.08 -26.28
CA ILE A 113 7.25 -9.91 -25.49
C ILE A 113 7.63 -8.73 -26.38
N SER A 114 8.44 -8.98 -27.40
CA SER A 114 8.88 -7.94 -28.31
C SER A 114 7.71 -7.26 -29.02
N MET A 115 6.69 -8.05 -29.36
CA MET A 115 5.51 -7.52 -30.04
C MET A 115 4.65 -6.68 -29.10
N MET A 116 4.93 -6.79 -27.80
CA MET A 116 4.26 -5.97 -26.81
C MET A 116 5.05 -4.69 -26.54
N PHE A 117 6.36 -4.76 -26.70
CA PHE A 117 7.19 -3.57 -26.71
C PHE A 117 6.71 -2.67 -27.83
N ALA A 118 6.93 -3.12 -29.06
CA ALA A 118 6.51 -2.39 -30.25
C ALA A 118 5.07 -1.88 -30.13
N ALA A 119 4.21 -2.66 -29.50
CA ALA A 119 2.82 -2.27 -29.34
C ALA A 119 2.72 -0.99 -28.53
N GLY A 120 3.37 -0.98 -27.37
CA GLY A 120 3.30 0.14 -26.44
C GLY A 120 3.77 1.48 -27.00
N MET A 121 4.56 1.44 -28.07
CA MET A 121 5.01 2.66 -28.72
C MET A 121 4.02 3.11 -29.78
N GLY A 122 3.59 4.36 -29.69
CA GLY A 122 2.65 4.90 -30.66
C GLY A 122 2.85 6.38 -30.93
N ILE A 123 1.89 6.99 -31.60
CA ILE A 123 1.91 8.43 -31.83
C ILE A 123 1.70 9.13 -30.50
N GLY A 124 0.91 8.52 -29.64
CA GLY A 124 0.68 9.03 -28.30
C GLY A 124 1.97 9.31 -27.57
N LEU A 125 2.92 8.38 -27.65
CA LEU A 125 4.21 8.56 -27.00
C LEU A 125 5.03 9.68 -27.64
N MET A 126 5.02 9.75 -28.97
CA MET A 126 5.70 10.82 -29.68
C MET A 126 5.13 12.18 -29.32
N PHE A 127 3.81 12.30 -29.39
CA PHE A 127 3.14 13.57 -29.15
C PHE A 127 3.29 14.05 -27.70
N TYR A 128 2.97 13.17 -26.75
CA TYR A 128 2.94 13.56 -25.33
C TYR A 128 4.25 13.31 -24.59
N GLY A 129 5.13 12.51 -25.17
CA GLY A 129 6.36 12.13 -24.53
C GLY A 129 7.05 13.29 -23.84
N THR A 130 7.27 14.36 -24.61
CA THR A 130 7.93 15.55 -24.09
C THR A 130 6.93 16.43 -23.35
N THR A 131 5.80 16.70 -23.99
CA THR A 131 4.85 17.72 -23.54
C THR A 131 4.21 17.49 -22.17
N GLU A 132 3.73 16.27 -21.92
CA GLU A 132 2.92 16.01 -20.72
C GLU A 132 3.65 16.25 -19.39
N PRO A 133 4.82 15.61 -19.20
CA PRO A 133 5.50 15.86 -17.92
C PRO A 133 6.03 17.29 -17.85
N LEU A 134 6.48 17.82 -18.97
CA LEU A 134 6.90 19.22 -19.06
C LEU A 134 5.76 20.11 -18.58
N THR A 135 4.57 19.90 -19.13
CA THR A 135 3.41 20.69 -18.75
C THR A 135 3.13 20.60 -17.26
N PHE A 136 3.19 19.40 -16.70
CA PHE A 136 2.90 19.20 -15.28
C PHE A 136 3.96 19.87 -14.41
N TYR A 137 5.21 19.81 -14.86
CA TYR A 137 6.30 20.43 -14.11
C TYR A 137 6.16 21.95 -14.07
N ARG A 138 5.97 22.55 -15.23
CA ARG A 138 5.79 24.00 -15.33
C ARG A 138 4.56 24.49 -14.58
N ASN A 139 3.42 23.85 -14.84
CA ASN A 139 2.14 24.38 -14.40
C ASN A 139 1.59 23.77 -13.13
N GLY A 140 2.08 22.57 -12.80
CA GLY A 140 1.59 21.83 -11.66
C GLY A 140 0.31 21.10 -12.02
N VAL A 141 -0.20 20.32 -11.07
CA VAL A 141 -1.47 19.63 -11.25
C VAL A 141 -2.35 19.92 -10.04
N PRO A 142 -3.67 19.80 -10.21
CA PRO A 142 -4.57 20.09 -9.09
C PRO A 142 -4.10 19.44 -7.80
N GLY A 143 -4.08 20.20 -6.72
CA GLY A 143 -3.71 19.66 -5.42
C GLY A 143 -2.21 19.66 -5.18
N HIS A 144 -1.48 20.25 -6.11
CA HIS A 144 -0.04 20.39 -5.97
C HIS A 144 0.43 21.72 -6.55
N ASP A 145 1.64 22.13 -6.17
CA ASP A 145 2.24 23.34 -6.72
C ASP A 145 3.18 23.01 -7.87
N GLU A 146 3.54 24.02 -8.64
CA GLU A 146 4.39 23.84 -9.81
C GLU A 146 5.78 23.32 -9.44
N HIS A 147 6.49 22.84 -10.45
CA HIS A 147 7.89 22.43 -10.30
C HIS A 147 8.09 21.23 -9.38
N ASN A 148 7.06 20.41 -9.24
CA ASN A 148 7.18 19.15 -8.52
C ASN A 148 7.55 18.03 -9.49
N VAL A 149 8.84 17.65 -9.50
CA VAL A 149 9.34 16.65 -10.44
C VAL A 149 8.63 15.31 -10.23
N GLY A 150 8.53 14.89 -8.98
CA GLY A 150 7.89 13.63 -8.62
C GLY A 150 6.46 13.53 -9.14
N VAL A 151 5.63 14.51 -8.80
CA VAL A 151 4.25 14.53 -9.25
C VAL A 151 4.15 14.58 -10.77
N ALA A 152 5.05 15.34 -11.39
CA ALA A 152 5.09 15.43 -12.84
C ALA A 152 5.23 14.04 -13.45
N MET A 153 6.20 13.29 -12.95
CA MET A 153 6.47 11.96 -13.49
C MET A 153 5.40 10.93 -13.11
N SER A 154 4.91 11.02 -11.87
CA SER A 154 3.91 10.08 -11.37
C SER A 154 2.57 10.26 -12.07
N THR A 155 2.12 11.52 -12.17
CA THR A 155 0.85 11.82 -12.84
C THR A 155 0.86 11.37 -14.31
N THR A 156 2.05 11.18 -14.87
CA THR A 156 2.19 10.75 -16.25
C THR A 156 2.11 9.23 -16.34
N MET A 157 2.83 8.55 -15.45
CA MET A 157 2.76 7.09 -15.36
C MET A 157 1.32 6.65 -15.24
N PHE A 158 0.57 7.36 -14.40
CA PHE A 158 -0.83 7.09 -14.16
C PHE A 158 -1.63 6.99 -15.47
N HIS A 159 -1.47 7.97 -16.34
CA HIS A 159 -2.23 8.00 -17.58
C HIS A 159 -1.75 6.98 -18.62
N TRP A 160 -0.52 6.50 -18.49
CA TRP A 160 0.10 5.72 -19.56
C TRP A 160 0.57 4.30 -19.19
N THR A 161 0.29 3.85 -17.98
CA THR A 161 0.75 2.52 -17.57
C THR A 161 -0.39 1.51 -17.31
N LEU A 162 -0.57 1.14 -16.04
CA LEU A 162 -1.54 0.12 -15.66
C LEU A 162 -2.96 0.42 -16.13
N HIS A 163 -3.39 1.67 -15.94
CA HIS A 163 -4.79 2.01 -16.19
C HIS A 163 -5.30 1.71 -17.61
N PRO A 164 -4.53 2.12 -18.64
CA PRO A 164 -4.99 1.80 -19.99
C PRO A 164 -4.84 0.32 -20.34
N TRP A 165 -3.74 -0.30 -19.92
CA TRP A 165 -3.45 -1.67 -20.30
C TRP A 165 -4.30 -2.71 -19.55
N ALA A 166 -4.83 -2.30 -18.39
CA ALA A 166 -5.84 -3.10 -17.73
C ALA A 166 -7.01 -3.21 -18.69
N ILE A 167 -7.49 -2.04 -19.14
CA ILE A 167 -8.57 -1.99 -20.13
C ILE A 167 -8.27 -2.90 -21.32
N TYR A 168 -7.07 -2.77 -21.90
CA TYR A 168 -6.68 -3.61 -23.02
C TYR A 168 -6.65 -5.08 -22.63
N ALA A 169 -6.03 -5.38 -21.49
CA ALA A 169 -5.95 -6.75 -21.01
C ALA A 169 -7.34 -7.37 -20.91
N ILE A 170 -8.26 -6.63 -20.30
CA ILE A 170 -9.64 -7.09 -20.15
C ILE A 170 -10.28 -7.46 -21.48
N VAL A 171 -10.31 -6.51 -22.42
CA VAL A 171 -10.90 -6.77 -23.73
C VAL A 171 -10.16 -7.89 -24.47
N GLY A 172 -8.83 -7.87 -24.39
CA GLY A 172 -8.02 -8.88 -25.03
C GLY A 172 -8.37 -10.27 -24.53
N LEU A 173 -8.56 -10.38 -23.22
CA LEU A 173 -8.89 -11.65 -22.58
C LEU A 173 -10.28 -12.13 -23.02
N ALA A 174 -11.27 -11.26 -22.86
CA ALA A 174 -12.63 -11.58 -23.27
C ALA A 174 -12.68 -12.07 -24.71
N ILE A 175 -11.84 -11.48 -25.56
CA ILE A 175 -11.78 -11.86 -26.96
C ILE A 175 -10.96 -13.12 -27.20
N ALA A 176 -9.86 -13.26 -26.48
CA ALA A 176 -9.00 -14.43 -26.64
C ALA A 176 -9.68 -15.69 -26.10
N TYR A 177 -10.21 -15.61 -24.89
CA TYR A 177 -10.91 -16.75 -24.29
C TYR A 177 -12.13 -17.12 -25.12
N SER A 178 -12.86 -16.11 -25.59
CA SER A 178 -14.05 -16.35 -26.37
C SER A 178 -13.72 -17.07 -27.67
N THR A 179 -12.67 -16.63 -28.33
CA THR A 179 -12.27 -17.20 -29.62
C THR A 179 -11.49 -18.50 -29.48
N PHE A 180 -10.38 -18.47 -28.76
CA PHE A 180 -9.46 -19.60 -28.71
C PHE A 180 -9.92 -20.77 -27.84
N ARG A 181 -10.58 -20.46 -26.72
CA ARG A 181 -11.00 -21.51 -25.77
C ARG A 181 -12.37 -22.08 -26.10
N VAL A 182 -13.38 -21.22 -26.17
CA VAL A 182 -14.75 -21.65 -26.42
C VAL A 182 -15.04 -21.89 -27.91
N GLY A 183 -14.22 -21.29 -28.77
CA GLY A 183 -14.32 -21.50 -30.20
C GLY A 183 -15.36 -20.67 -30.93
N ARG A 184 -15.66 -19.48 -30.41
CA ARG A 184 -16.67 -18.62 -31.01
C ARG A 184 -16.13 -17.77 -32.16
N LYS A 185 -16.94 -16.82 -32.60
CA LYS A 185 -16.51 -15.83 -33.58
C LYS A 185 -15.60 -14.81 -32.92
N GLN A 186 -14.58 -14.35 -33.64
CA GLN A 186 -13.70 -13.31 -33.11
C GLN A 186 -14.42 -11.97 -33.21
N LEU A 187 -15.37 -11.75 -32.30
CA LEU A 187 -16.23 -10.59 -32.32
C LEU A 187 -16.56 -10.21 -30.88
N LEU A 188 -16.68 -8.91 -30.62
CA LEU A 188 -16.94 -8.44 -29.26
C LEU A 188 -18.31 -8.93 -28.78
N SER A 189 -19.26 -9.05 -29.70
CA SER A 189 -20.58 -9.57 -29.38
C SER A 189 -20.51 -10.98 -28.82
N SER A 190 -19.47 -11.71 -29.18
CA SER A 190 -19.28 -13.07 -28.71
C SER A 190 -18.97 -13.11 -27.20
N ALA A 191 -18.20 -12.14 -26.73
CA ALA A 191 -17.81 -12.08 -25.33
C ALA A 191 -19.02 -11.92 -24.41
N PHE A 192 -20.13 -11.47 -24.96
CA PHE A 192 -21.37 -11.29 -24.19
C PHE A 192 -22.30 -12.51 -24.24
N VAL A 193 -21.85 -13.57 -24.89
CA VAL A 193 -22.66 -14.80 -25.00
C VAL A 193 -23.12 -15.36 -23.64
N PRO A 194 -22.27 -15.26 -22.61
CA PRO A 194 -22.66 -15.84 -21.31
C PRO A 194 -23.64 -14.97 -20.52
N LEU A 195 -23.87 -13.75 -20.98
CA LEU A 195 -24.86 -12.88 -20.36
C LEU A 195 -26.05 -12.69 -21.30
N ILE A 196 -25.78 -12.72 -22.60
CA ILE A 196 -26.77 -12.37 -23.60
C ILE A 196 -27.25 -13.58 -24.40
N GLY A 197 -26.39 -14.59 -24.52
CA GLY A 197 -26.73 -15.81 -25.23
C GLY A 197 -26.30 -15.80 -26.69
N GLU A 198 -26.17 -16.99 -27.26
CA GLU A 198 -25.79 -17.13 -28.67
C GLU A 198 -26.83 -16.49 -29.58
N LYS A 199 -28.05 -16.35 -29.09
CA LYS A 199 -29.12 -15.71 -29.84
C LYS A 199 -29.11 -14.20 -29.61
N GLY A 200 -28.52 -13.78 -28.50
CA GLY A 200 -28.35 -12.37 -28.22
C GLY A 200 -27.24 -11.78 -29.06
N ALA A 201 -26.15 -12.55 -29.22
CA ALA A 201 -25.00 -12.12 -30.01
C ALA A 201 -25.31 -12.07 -31.51
N GLU A 202 -26.22 -12.93 -31.95
CA GLU A 202 -26.67 -12.91 -33.33
C GLU A 202 -27.76 -11.86 -33.48
N GLY A 203 -28.35 -11.47 -32.35
CA GLY A 203 -29.45 -10.52 -32.35
C GLY A 203 -29.03 -9.08 -32.54
N TRP A 204 -29.93 -8.16 -32.21
CA TRP A 204 -29.68 -6.73 -32.41
C TRP A 204 -28.65 -6.16 -31.44
N LEU A 205 -28.78 -6.53 -30.17
CA LEU A 205 -27.86 -6.06 -29.14
C LEU A 205 -26.43 -6.50 -29.46
N GLY A 206 -26.28 -7.75 -29.88
CA GLY A 206 -24.99 -8.27 -30.27
C GLY A 206 -24.37 -7.45 -31.39
N LYS A 207 -25.17 -7.14 -32.41
CA LYS A 207 -24.70 -6.32 -33.51
C LYS A 207 -24.41 -4.90 -33.02
N LEU A 208 -25.31 -4.37 -32.19
CA LEU A 208 -25.13 -3.05 -31.60
C LEU A 208 -23.76 -2.95 -30.94
N ILE A 209 -23.40 -3.97 -30.18
CA ILE A 209 -22.08 -4.03 -29.57
C ILE A 209 -20.99 -3.86 -30.63
N ASP A 210 -21.05 -4.69 -31.67
CA ASP A 210 -20.09 -4.62 -32.76
C ASP A 210 -20.09 -3.24 -33.44
N ILE A 211 -21.28 -2.67 -33.63
CA ILE A 211 -21.39 -1.34 -34.21
C ILE A 211 -20.65 -0.32 -33.35
N LEU A 212 -20.94 -0.34 -32.05
CA LEU A 212 -20.28 0.55 -31.10
C LEU A 212 -18.77 0.29 -31.08
N ALA A 213 -18.39 -0.97 -31.22
CA ALA A 213 -16.99 -1.35 -31.25
C ALA A 213 -16.30 -0.73 -32.45
N ILE A 214 -17.02 -0.63 -33.57
CA ILE A 214 -16.50 0.02 -34.77
C ILE A 214 -16.40 1.52 -34.56
N ILE A 215 -17.53 2.15 -34.23
CA ILE A 215 -17.57 3.58 -33.97
C ILE A 215 -16.49 4.00 -32.97
N ALA A 216 -16.36 3.24 -31.91
CA ALA A 216 -15.35 3.53 -30.89
C ALA A 216 -13.95 3.51 -31.51
N THR A 217 -13.71 2.51 -32.36
CA THR A 217 -12.38 2.33 -32.94
C THR A 217 -12.01 3.40 -33.96
N VAL A 218 -12.95 3.81 -34.81
CA VAL A 218 -12.64 4.82 -35.81
C VAL A 218 -12.31 6.18 -35.17
N PHE A 219 -13.05 6.55 -34.13
CA PHE A 219 -12.78 7.80 -33.42
C PHE A 219 -11.49 7.72 -32.62
N GLY A 220 -11.24 6.57 -32.00
CA GLY A 220 -10.02 6.37 -31.23
C GLY A 220 -8.79 6.45 -32.10
N THR A 221 -8.85 5.79 -33.26
CA THR A 221 -7.76 5.84 -34.23
C THR A 221 -7.67 7.24 -34.83
N ALA A 222 -8.82 7.84 -35.11
CA ALA A 222 -8.87 9.19 -35.67
C ALA A 222 -8.11 10.16 -34.79
N CYS A 223 -8.27 10.01 -33.48
CA CYS A 223 -7.57 10.85 -32.52
C CYS A 223 -6.07 10.72 -32.71
N SER A 224 -5.59 9.48 -32.74
CA SER A 224 -4.18 9.21 -32.96
C SER A 224 -3.72 9.75 -34.30
N LEU A 225 -4.61 9.73 -35.29
CA LEU A 225 -4.29 10.22 -36.63
C LEU A 225 -4.23 11.74 -36.68
N GLY A 226 -5.18 12.38 -36.00
CA GLY A 226 -5.17 13.83 -35.88
C GLY A 226 -3.91 14.30 -35.20
N LEU A 227 -3.64 13.73 -34.02
CA LEU A 227 -2.42 14.00 -33.29
C LEU A 227 -1.21 13.95 -34.20
N GLY A 228 -1.12 12.87 -34.98
CA GLY A 228 -0.02 12.70 -35.92
C GLY A 228 0.11 13.85 -36.89
N ALA A 229 -1.01 14.27 -37.48
CA ALA A 229 -1.01 15.36 -38.45
C ALA A 229 -0.51 16.66 -37.83
N LEU A 230 -1.10 17.04 -36.70
CA LEU A 230 -0.71 18.26 -36.01
C LEU A 230 0.79 18.29 -35.72
N GLN A 231 1.33 17.14 -35.33
CA GLN A 231 2.74 17.07 -34.93
C GLN A 231 3.67 17.02 -36.14
N ILE A 232 3.33 16.19 -37.12
CA ILE A 232 4.14 16.10 -38.34
C ILE A 232 4.03 17.42 -39.10
N GLY A 233 2.95 18.14 -38.86
CA GLY A 233 2.74 19.44 -39.47
C GLY A 233 3.63 20.50 -38.85
N ALA A 234 3.57 20.61 -37.52
CA ALA A 234 4.40 21.55 -36.79
C ALA A 234 5.88 21.22 -37.00
N GLY A 235 6.14 19.95 -37.31
CA GLY A 235 7.51 19.48 -37.50
C GLY A 235 8.11 19.89 -38.83
N LEU A 236 7.25 20.19 -39.81
CA LEU A 236 7.72 20.70 -41.10
C LEU A 236 8.10 22.16 -40.96
N SER A 237 7.43 22.86 -40.04
CA SER A 237 7.66 24.28 -39.80
C SER A 237 8.77 24.51 -38.78
N ALA A 238 9.21 23.42 -38.14
CA ALA A 238 10.31 23.50 -37.20
C ALA A 238 11.63 23.22 -37.91
N ALA A 239 11.57 22.40 -38.95
CA ALA A 239 12.74 22.11 -39.77
C ALA A 239 12.93 23.21 -40.80
N ASN A 240 12.07 24.22 -40.75
CA ASN A 240 12.08 25.31 -41.72
C ASN A 240 12.05 24.81 -43.16
N ILE A 241 11.19 23.85 -43.42
CA ILE A 241 10.99 23.31 -44.76
C ILE A 241 9.72 23.91 -45.35
N ILE A 242 8.83 24.36 -44.47
CA ILE A 242 7.55 24.94 -44.87
C ILE A 242 7.17 26.08 -43.92
N GLU A 243 6.75 27.21 -44.49
CA GLU A 243 6.24 28.31 -43.68
C GLU A 243 4.95 28.86 -44.28
N ASP A 244 4.11 27.94 -44.77
CA ASP A 244 2.78 28.29 -45.25
C ASP A 244 1.76 27.61 -44.33
N PRO A 245 1.77 27.99 -43.03
CA PRO A 245 0.97 27.29 -42.02
C PRO A 245 -0.52 27.44 -42.26
N SER A 246 -1.15 26.40 -42.80
CA SER A 246 -2.57 26.46 -43.13
C SER A 246 -3.22 25.08 -43.21
N ASP A 247 -4.47 25.05 -43.66
CA ASP A 247 -5.21 23.82 -43.80
C ASP A 247 -4.75 23.03 -45.02
N TRP A 248 -4.38 23.75 -46.07
CA TRP A 248 -3.92 23.13 -47.31
C TRP A 248 -2.66 22.29 -47.07
N THR A 249 -2.08 22.45 -45.89
CA THR A 249 -0.89 21.68 -45.52
C THR A 249 -1.28 20.46 -44.69
N ILE A 250 -2.12 20.66 -43.69
CA ILE A 250 -2.63 19.57 -42.87
C ILE A 250 -3.32 18.54 -43.77
N VAL A 251 -4.11 19.06 -44.71
CA VAL A 251 -4.73 18.21 -45.74
C VAL A 251 -3.65 17.51 -46.54
N GLY A 252 -2.58 18.23 -46.87
CA GLY A 252 -1.49 17.68 -47.65
C GLY A 252 -0.76 16.53 -46.97
N ILE A 253 -0.97 16.39 -45.67
CA ILE A 253 -0.32 15.31 -44.91
C ILE A 253 -1.26 14.12 -44.76
N VAL A 254 -2.50 14.38 -44.38
CA VAL A 254 -3.50 13.34 -44.23
C VAL A 254 -3.80 12.69 -45.58
N SER A 255 -3.53 13.42 -46.66
CA SER A 255 -3.81 12.94 -48.01
C SER A 255 -2.72 12.00 -48.52
N VAL A 256 -1.46 12.46 -48.48
CA VAL A 256 -0.35 11.64 -48.91
C VAL A 256 -0.27 10.35 -48.09
N LEU A 257 -0.29 10.51 -46.76
CA LEU A 257 -0.23 9.36 -45.87
C LEU A 257 -1.43 8.42 -46.03
N THR A 258 -2.62 8.99 -46.23
CA THR A 258 -3.80 8.17 -46.48
C THR A 258 -3.65 7.38 -47.78
N LEU A 259 -3.17 8.04 -48.82
CA LEU A 259 -2.85 7.35 -50.07
C LEU A 259 -1.87 6.23 -49.78
N ALA A 260 -0.83 6.53 -49.03
CA ALA A 260 0.17 5.54 -48.64
C ALA A 260 -0.49 4.36 -47.93
N PHE A 261 -1.53 4.65 -47.16
CA PHE A 261 -2.29 3.59 -46.50
C PHE A 261 -3.03 2.71 -47.50
N ILE A 262 -3.67 3.36 -48.47
CA ILE A 262 -4.47 2.65 -49.48
C ILE A 262 -3.59 1.82 -50.41
N PHE A 263 -2.31 2.16 -50.49
CA PHE A 263 -1.38 1.42 -51.34
C PHE A 263 -0.51 0.44 -50.55
N SER A 264 -0.81 0.29 -49.26
CA SER A 264 -0.15 -0.71 -48.43
C SER A 264 -1.14 -1.81 -48.06
N ALA A 265 -2.40 -1.41 -47.89
CA ALA A 265 -3.48 -2.36 -47.61
C ALA A 265 -3.98 -3.00 -48.90
N ILE A 266 -3.36 -2.61 -50.02
CA ILE A 266 -3.70 -3.17 -51.32
C ILE A 266 -2.63 -4.15 -51.79
N SER A 267 -1.39 -3.91 -51.38
CA SER A 267 -0.29 -4.82 -51.71
C SER A 267 -0.25 -5.98 -50.72
N GLY A 268 -0.90 -5.79 -49.57
CA GLY A 268 -0.92 -6.80 -48.53
C GLY A 268 -0.63 -6.18 -47.18
N VAL A 269 -1.66 -6.09 -46.33
CA VAL A 269 -1.50 -5.49 -45.01
C VAL A 269 -0.70 -6.39 -44.07
N GLY A 270 -0.79 -7.69 -44.30
CA GLY A 270 -0.08 -8.67 -43.48
C GLY A 270 1.42 -8.61 -43.70
N LYS A 271 1.84 -8.09 -44.85
CA LYS A 271 3.26 -8.00 -45.17
C LYS A 271 3.85 -6.66 -44.71
N GLY A 272 3.11 -5.59 -44.94
CA GLY A 272 3.58 -4.26 -44.58
C GLY A 272 3.76 -4.10 -43.09
N ILE A 273 2.76 -4.54 -42.33
CA ILE A 273 2.76 -4.38 -40.88
C ILE A 273 4.05 -4.87 -40.23
N GLN A 274 4.77 -5.74 -40.92
CA GLN A 274 6.01 -6.31 -40.36
C GLN A 274 7.22 -5.43 -40.63
N TYR A 275 7.67 -5.37 -41.88
CA TYR A 275 8.87 -4.60 -42.22
C TYR A 275 8.68 -3.11 -41.93
N LEU A 276 7.43 -2.65 -42.03
CA LEU A 276 7.12 -1.26 -41.73
C LEU A 276 7.25 -0.97 -40.24
N SER A 277 6.93 -1.97 -39.43
CA SER A 277 6.99 -1.84 -37.98
C SER A 277 8.42 -1.95 -37.46
N ASN A 278 9.24 -2.75 -38.14
CA ASN A 278 10.63 -2.94 -37.73
C ASN A 278 11.48 -1.70 -37.95
N ALA A 279 11.05 -0.85 -38.88
CA ALA A 279 11.68 0.45 -39.07
C ALA A 279 11.13 1.41 -38.02
N ASN A 280 9.86 1.21 -37.66
CA ASN A 280 9.21 2.00 -36.62
C ASN A 280 9.91 1.93 -35.28
N MET A 281 10.67 0.86 -35.07
CA MET A 281 11.32 0.65 -33.78
C MET A 281 12.77 1.12 -33.77
N VAL A 282 13.51 0.83 -34.84
CA VAL A 282 14.88 1.30 -34.96
C VAL A 282 14.91 2.82 -34.96
N LEU A 283 13.92 3.42 -35.62
CA LEU A 283 13.77 4.86 -35.63
C LEU A 283 13.44 5.34 -34.22
N ALA A 284 12.47 4.70 -33.59
CA ALA A 284 12.12 5.01 -32.21
C ALA A 284 13.32 4.78 -31.30
N ALA A 285 14.14 3.79 -31.65
CA ALA A 285 15.32 3.45 -30.86
C ALA A 285 16.45 4.45 -31.08
N LEU A 286 16.60 4.90 -32.32
CA LEU A 286 17.57 5.96 -32.62
C LEU A 286 17.15 7.24 -31.94
N LEU A 287 15.87 7.58 -32.06
CA LEU A 287 15.33 8.78 -31.42
C LEU A 287 15.58 8.73 -29.92
N ALA A 288 15.22 7.61 -29.30
CA ALA A 288 15.36 7.42 -27.86
C ALA A 288 16.82 7.45 -27.43
N ILE A 289 17.62 6.52 -27.98
CA ILE A 289 19.03 6.44 -27.65
C ILE A 289 19.74 7.78 -27.87
N PHE A 290 19.41 8.46 -28.97
CA PHE A 290 20.01 9.75 -29.26
C PHE A 290 19.83 10.74 -28.11
N VAL A 291 18.58 11.04 -27.78
CA VAL A 291 18.26 11.99 -26.72
C VAL A 291 18.76 11.51 -25.35
N PHE A 292 18.88 10.20 -25.19
CA PHE A 292 19.40 9.65 -23.93
C PHE A 292 20.90 9.86 -23.82
N VAL A 293 21.60 9.78 -24.94
CA VAL A 293 23.05 9.90 -24.96
C VAL A 293 23.53 11.36 -24.92
N VAL A 294 22.85 12.22 -25.69
CA VAL A 294 23.23 13.63 -25.78
C VAL A 294 22.67 14.47 -24.64
N GLY A 295 21.44 14.16 -24.22
CA GLY A 295 20.79 14.87 -23.14
C GLY A 295 21.40 14.57 -21.78
N PRO A 296 20.71 14.98 -20.71
CA PRO A 296 21.22 14.80 -19.36
C PRO A 296 21.08 13.35 -18.92
N THR A 297 22.02 12.53 -19.38
CA THR A 297 21.97 11.08 -19.22
C THR A 297 21.69 10.59 -17.80
N VAL A 298 22.50 11.03 -16.84
CA VAL A 298 22.36 10.53 -15.47
C VAL A 298 21.20 11.20 -14.74
N SER A 299 20.64 12.24 -15.34
CA SER A 299 19.40 12.82 -14.84
C SER A 299 18.23 11.92 -15.22
N ILE A 300 18.30 11.39 -16.44
CA ILE A 300 17.29 10.46 -16.94
C ILE A 300 17.31 9.16 -16.16
N LEU A 301 18.49 8.56 -16.02
CA LEU A 301 18.63 7.37 -15.19
C LEU A 301 18.02 7.60 -13.81
N ASN A 302 18.25 8.80 -13.26
CA ASN A 302 17.68 9.19 -11.98
C ASN A 302 16.15 9.09 -11.97
N LEU A 303 15.52 9.43 -13.09
CA LEU A 303 14.06 9.42 -13.19
C LEU A 303 13.43 8.03 -13.33
N LEU A 304 14.24 6.99 -13.51
CA LEU A 304 13.70 5.63 -13.58
C LEU A 304 13.12 5.23 -12.22
N PRO A 305 13.97 5.13 -11.18
CA PRO A 305 13.41 4.85 -9.85
C PRO A 305 12.56 6.00 -9.32
N GLY A 306 12.78 7.20 -9.84
CA GLY A 306 11.98 8.35 -9.43
C GLY A 306 10.55 8.24 -9.93
N SER A 307 10.39 7.69 -11.13
CA SER A 307 9.06 7.50 -11.71
C SER A 307 8.30 6.37 -11.01
N ILE A 308 8.84 5.15 -11.11
CA ILE A 308 8.20 3.98 -10.53
C ILE A 308 7.78 4.25 -9.07
N GLY A 309 8.74 4.73 -8.27
CA GLY A 309 8.49 4.98 -6.86
C GLY A 309 7.42 6.02 -6.60
N ASN A 310 7.47 7.13 -7.33
CA ASN A 310 6.46 8.16 -7.14
C ASN A 310 5.10 7.74 -7.64
N TYR A 311 5.11 6.86 -8.65
CA TYR A 311 3.88 6.31 -9.20
C TYR A 311 3.18 5.45 -8.13
N LEU A 312 3.91 4.49 -7.60
CA LEU A 312 3.38 3.66 -6.53
C LEU A 312 2.91 4.53 -5.36
N SER A 313 3.71 5.55 -5.05
CA SER A 313 3.42 6.44 -3.93
C SER A 313 2.09 7.19 -4.04
N ASN A 314 1.76 7.68 -5.23
CA ASN A 314 0.60 8.56 -5.41
C ASN A 314 -0.57 7.94 -6.16
N PHE A 315 -0.45 6.64 -6.45
CA PHE A 315 -1.47 5.89 -7.20
C PHE A 315 -2.90 6.14 -6.74
N PHE A 316 -3.17 5.87 -5.46
CA PHE A 316 -4.52 6.02 -4.94
C PHE A 316 -4.94 7.48 -4.78
N GLN A 317 -4.01 8.35 -4.41
CA GLN A 317 -4.30 9.76 -4.31
C GLN A 317 -4.79 10.25 -5.67
N MET A 318 -4.06 9.89 -6.73
CA MET A 318 -4.47 10.18 -8.10
C MET A 318 -5.80 9.54 -8.45
N ALA A 319 -5.93 8.25 -8.13
CA ALA A 319 -7.15 7.49 -8.42
C ALA A 319 -8.38 8.12 -7.77
N GLY A 320 -8.16 8.87 -6.69
CA GLY A 320 -9.25 9.52 -5.98
C GLY A 320 -9.55 10.91 -6.50
N ARG A 321 -8.77 11.38 -7.47
CA ARG A 321 -8.93 12.74 -7.99
C ARG A 321 -10.21 12.86 -8.83
N THR A 322 -11.17 13.61 -8.30
CA THR A 322 -12.42 13.90 -9.01
C THR A 322 -12.58 15.40 -9.10
N ALA A 323 -13.75 15.84 -9.55
CA ALA A 323 -14.01 17.26 -9.71
C ALA A 323 -14.34 17.95 -8.39
N MET A 324 -14.37 17.17 -7.31
CA MET A 324 -14.57 17.75 -5.98
C MET A 324 -13.23 17.91 -5.28
N SER A 325 -12.17 17.42 -5.91
CA SER A 325 -10.82 17.52 -5.36
C SER A 325 -10.31 18.95 -5.50
N ALA A 326 -9.25 19.27 -4.78
CA ALA A 326 -8.70 20.63 -4.77
C ALA A 326 -9.82 21.62 -4.53
N ASP A 327 -10.57 21.39 -3.45
CA ASP A 327 -11.70 22.24 -3.08
C ASP A 327 -12.66 22.49 -4.25
N GLY A 328 -13.09 21.43 -4.91
CA GLY A 328 -14.07 21.50 -5.98
C GLY A 328 -13.57 22.23 -7.21
N THR A 329 -12.33 21.95 -7.60
CA THR A 329 -11.66 22.74 -8.63
C THR A 329 -11.05 21.91 -9.76
N ALA A 330 -10.68 20.66 -9.45
CA ALA A 330 -9.96 19.81 -10.38
C ALA A 330 -10.73 19.50 -11.67
N GLY A 331 -12.03 19.79 -11.67
CA GLY A 331 -12.89 19.47 -12.81
C GLY A 331 -12.39 19.84 -14.19
N GLU A 332 -11.89 21.07 -14.33
CA GLU A 332 -11.42 21.57 -15.62
C GLU A 332 -10.18 20.84 -16.10
N TRP A 333 -9.17 20.77 -15.23
CA TRP A 333 -7.93 20.05 -15.53
C TRP A 333 -8.22 18.60 -15.89
N LEU A 334 -9.21 18.03 -15.22
CA LEU A 334 -9.58 16.63 -15.38
C LEU A 334 -10.03 16.28 -16.80
N GLY A 335 -10.88 17.12 -17.38
CA GLY A 335 -11.45 16.85 -18.69
C GLY A 335 -10.52 17.12 -19.85
N SER A 336 -9.29 17.51 -19.55
CA SER A 336 -8.30 17.80 -20.58
C SER A 336 -7.16 16.80 -20.50
N TRP A 337 -7.03 16.17 -19.34
CA TRP A 337 -6.00 15.15 -19.12
C TRP A 337 -6.58 13.78 -18.79
N THR A 338 -6.75 13.49 -17.50
CA THR A 338 -7.16 12.16 -17.03
C THR A 338 -8.35 11.57 -17.79
N ILE A 339 -9.48 12.27 -17.76
CA ILE A 339 -10.71 11.78 -18.39
C ILE A 339 -10.61 11.64 -19.92
N PHE A 340 -9.88 12.53 -20.57
CA PHE A 340 -9.69 12.39 -22.02
C PHE A 340 -8.87 11.17 -22.35
N TYR A 341 -7.97 10.78 -21.44
CA TYR A 341 -7.14 9.61 -21.66
C TYR A 341 -7.97 8.35 -21.43
N TRP A 342 -8.73 8.37 -20.34
CA TRP A 342 -9.61 7.26 -20.02
C TRP A 342 -10.56 7.01 -21.18
N ALA A 343 -11.20 8.07 -21.67
CA ALA A 343 -12.06 7.99 -22.83
C ALA A 343 -11.30 7.43 -24.04
N TRP A 344 -10.11 7.96 -24.28
CA TRP A 344 -9.30 7.54 -25.43
C TRP A 344 -8.96 6.04 -25.38
N TRP A 345 -8.53 5.57 -24.21
CA TRP A 345 -8.13 4.17 -24.06
C TRP A 345 -9.31 3.21 -24.20
N ILE A 346 -10.49 3.63 -23.73
CA ILE A 346 -11.71 2.85 -23.86
C ILE A 346 -12.03 2.62 -25.33
N SER A 347 -12.23 3.71 -26.07
CA SER A 347 -12.63 3.63 -27.46
C SER A 347 -11.62 2.87 -28.34
N TRP A 348 -10.38 2.80 -27.90
CA TRP A 348 -9.32 2.18 -28.69
C TRP A 348 -9.13 0.71 -28.33
N SER A 349 -9.88 0.25 -27.33
CA SER A 349 -9.70 -1.11 -26.80
C SER A 349 -10.18 -2.25 -27.71
N PRO A 350 -11.30 -2.05 -28.44
CA PRO A 350 -11.68 -3.11 -29.37
C PRO A 350 -10.51 -3.48 -30.27
N PHE A 351 -9.77 -2.48 -30.74
CA PHE A 351 -8.61 -2.71 -31.60
C PHE A 351 -7.43 -3.32 -30.85
N VAL A 352 -7.00 -2.67 -29.78
CA VAL A 352 -5.83 -3.10 -29.03
C VAL A 352 -6.02 -4.50 -28.45
N GLY A 353 -7.18 -4.73 -27.84
CA GLY A 353 -7.48 -6.02 -27.25
C GLY A 353 -7.48 -7.15 -28.27
N MET A 354 -8.08 -6.89 -29.42
CA MET A 354 -8.11 -7.87 -30.49
C MET A 354 -6.70 -8.17 -31.00
N PHE A 355 -5.90 -7.11 -31.16
CA PHE A 355 -4.50 -7.30 -31.52
C PHE A 355 -3.78 -8.17 -30.49
N LEU A 356 -4.08 -7.95 -29.23
CA LEU A 356 -3.46 -8.69 -28.14
C LEU A 356 -3.91 -10.14 -28.13
N ALA A 357 -5.21 -10.35 -28.31
CA ALA A 357 -5.74 -11.70 -28.38
C ALA A 357 -4.99 -12.53 -29.42
N ARG A 358 -4.94 -12.01 -30.64
CA ARG A 358 -4.40 -12.74 -31.78
C ARG A 358 -2.93 -13.15 -31.63
N ILE A 359 -2.16 -12.38 -30.88
CA ILE A 359 -0.75 -12.68 -30.68
C ILE A 359 -0.50 -13.52 -29.43
N SER A 360 -1.54 -13.72 -28.63
CA SER A 360 -1.39 -14.32 -27.31
C SER A 360 -1.87 -15.76 -27.17
N ARG A 361 -2.34 -16.36 -28.27
CA ARG A 361 -2.88 -17.72 -28.21
C ARG A 361 -1.87 -18.71 -27.62
N GLY A 362 -2.37 -19.62 -26.80
CA GLY A 362 -1.53 -20.62 -26.16
C GLY A 362 -0.94 -20.15 -24.85
N ARG A 363 -1.26 -18.92 -24.47
CA ARG A 363 -0.77 -18.36 -23.22
C ARG A 363 -1.75 -18.65 -22.10
N SER A 364 -1.25 -18.69 -20.87
CA SER A 364 -2.11 -18.79 -19.70
C SER A 364 -2.66 -17.41 -19.34
N ILE A 365 -3.93 -17.36 -18.97
CA ILE A 365 -4.58 -16.09 -18.61
C ILE A 365 -3.65 -15.21 -17.76
N ARG A 366 -3.02 -15.81 -16.76
CA ARG A 366 -2.07 -15.12 -15.90
C ARG A 366 -0.86 -14.59 -16.69
N GLU A 367 -0.25 -15.46 -17.48
CA GLU A 367 0.87 -15.05 -18.33
C GLU A 367 0.47 -13.81 -19.12
N PHE A 368 -0.63 -13.92 -19.86
CA PHE A 368 -1.15 -12.83 -20.67
C PHE A 368 -1.32 -11.52 -19.89
N ILE A 369 -2.02 -11.56 -18.76
CA ILE A 369 -2.26 -10.37 -17.96
C ILE A 369 -0.95 -9.76 -17.46
N LEU A 370 -0.03 -10.61 -17.04
CA LEU A 370 1.24 -10.17 -16.49
C LEU A 370 2.13 -9.53 -17.55
N GLY A 371 1.89 -9.88 -18.81
CA GLY A 371 2.67 -9.33 -19.91
C GLY A 371 2.07 -8.06 -20.46
N VAL A 372 0.75 -8.04 -20.61
CA VAL A 372 0.03 -6.86 -21.09
C VAL A 372 0.25 -5.67 -20.16
N LEU A 373 0.34 -5.95 -18.86
CA LEU A 373 0.57 -4.92 -17.86
C LEU A 373 2.04 -4.51 -17.79
N LEU A 374 2.89 -5.46 -17.43
CA LEU A 374 4.29 -5.17 -17.11
C LEU A 374 5.17 -4.67 -18.26
N VAL A 375 4.92 -5.13 -19.48
CA VAL A 375 5.83 -4.81 -20.58
C VAL A 375 5.63 -3.42 -21.18
N PRO A 376 4.39 -3.09 -21.60
CA PRO A 376 4.16 -1.73 -22.09
C PRO A 376 4.47 -0.67 -21.03
N ALA A 377 4.45 -1.05 -19.76
CA ALA A 377 4.81 -0.13 -18.68
C ALA A 377 6.30 0.20 -18.76
N GLY A 378 7.11 -0.79 -19.12
CA GLY A 378 8.54 -0.59 -19.25
C GLY A 378 8.91 0.43 -20.31
N VAL A 379 8.23 0.36 -21.47
CA VAL A 379 8.52 1.27 -22.57
C VAL A 379 8.05 2.69 -22.28
N SER A 380 6.86 2.81 -21.70
CA SER A 380 6.33 4.13 -21.32
C SER A 380 7.22 4.81 -20.29
N THR A 381 7.65 4.04 -19.30
CA THR A 381 8.47 4.57 -18.21
C THR A 381 9.80 5.11 -18.72
N VAL A 382 10.44 4.38 -19.63
CA VAL A 382 11.71 4.80 -20.21
C VAL A 382 11.52 5.97 -21.16
N TRP A 383 10.50 5.88 -22.01
CA TRP A 383 10.23 6.93 -22.99
C TRP A 383 10.01 8.29 -22.31
N PHE A 384 9.16 8.31 -21.29
CA PHE A 384 8.85 9.56 -20.59
C PHE A 384 10.03 10.09 -19.77
N SER A 385 10.91 9.18 -19.32
CA SER A 385 12.10 9.61 -18.59
C SER A 385 13.09 10.28 -19.53
N ILE A 386 13.28 9.70 -20.71
CA ILE A 386 14.18 10.28 -21.70
C ILE A 386 13.70 11.66 -22.12
N PHE A 387 12.56 11.71 -22.81
CA PHE A 387 12.07 12.96 -23.36
C PHE A 387 11.58 13.95 -22.30
N GLY A 388 10.55 13.56 -21.56
CA GLY A 388 10.02 14.43 -20.52
C GLY A 388 11.09 14.88 -19.54
N GLY A 389 11.94 13.95 -19.11
CA GLY A 389 13.02 14.26 -18.21
C GLY A 389 13.95 15.31 -18.80
N THR A 390 14.37 15.09 -20.03
CA THR A 390 15.20 16.06 -20.75
C THR A 390 14.51 17.43 -20.77
N ALA A 391 13.22 17.43 -21.02
CA ALA A 391 12.47 18.68 -21.13
C ALA A 391 12.29 19.38 -19.78
N ILE A 392 12.53 18.65 -18.70
CA ILE A 392 12.43 19.25 -17.38
C ILE A 392 13.79 19.79 -16.94
N VAL A 393 14.85 19.07 -17.30
CA VAL A 393 16.20 19.50 -16.97
C VAL A 393 16.50 20.84 -17.62
N PHE A 394 15.93 21.06 -18.81
CA PHE A 394 16.06 22.34 -19.50
C PHE A 394 15.38 23.48 -18.74
N GLU A 395 14.19 23.21 -18.20
CA GLU A 395 13.48 24.20 -17.40
C GLU A 395 14.29 24.59 -16.17
N GLN A 396 14.92 23.60 -15.55
CA GLN A 396 15.68 23.82 -14.33
C GLN A 396 16.94 24.60 -14.62
N ASN A 397 17.42 24.51 -15.86
CA ASN A 397 18.65 25.19 -16.26
C ASN A 397 18.41 26.52 -16.96
N GLY A 398 17.16 26.96 -17.00
CA GLY A 398 16.80 28.20 -17.65
C GLY A 398 16.82 28.11 -19.17
N GLU A 399 17.09 26.90 -19.68
CA GLU A 399 17.11 26.66 -21.13
C GLU A 399 15.72 26.27 -21.62
N SER A 400 14.70 26.68 -20.87
CA SER A 400 13.31 26.33 -21.17
C SER A 400 12.95 26.25 -22.65
N ILE A 401 12.51 25.07 -23.06
CA ILE A 401 11.76 24.92 -24.29
C ILE A 401 10.30 25.02 -23.89
N TRP A 402 9.40 25.20 -24.85
CA TRP A 402 7.99 25.44 -24.58
C TRP A 402 7.47 26.30 -25.71
N GLY A 403 8.33 27.22 -26.17
CA GLY A 403 7.96 28.16 -27.21
C GLY A 403 6.71 28.93 -26.81
N ASP A 404 5.70 28.87 -27.67
CA ASP A 404 4.44 29.57 -27.43
C ASP A 404 3.45 28.69 -26.68
N GLY A 405 3.97 27.67 -26.01
CA GLY A 405 3.16 26.77 -25.21
C GLY A 405 2.26 25.86 -26.03
N ALA A 406 2.81 25.29 -27.09
CA ALA A 406 2.04 24.41 -27.98
C ALA A 406 2.60 22.99 -27.99
N ALA A 407 1.75 22.02 -27.66
CA ALA A 407 2.15 20.63 -27.59
C ALA A 407 2.78 20.13 -28.90
N GLU A 408 2.13 20.46 -30.01
CA GLU A 408 2.53 19.94 -31.32
C GLU A 408 3.98 20.29 -31.69
N GLU A 409 4.54 21.28 -31.00
CA GLU A 409 5.87 21.78 -31.33
C GLU A 409 6.98 21.32 -30.37
N GLN A 410 6.60 20.98 -29.15
CA GLN A 410 7.59 20.78 -28.09
C GLN A 410 8.66 19.71 -28.35
N LEU A 411 8.30 18.63 -29.01
CA LEU A 411 9.28 17.60 -29.32
C LEU A 411 10.39 18.15 -30.21
N PHE A 412 10.00 18.74 -31.34
CA PHE A 412 10.95 19.34 -32.26
C PHE A 412 11.79 20.42 -31.57
N GLY A 413 11.14 21.19 -30.70
CA GLY A 413 11.84 22.14 -29.87
C GLY A 413 12.93 21.47 -29.06
N LEU A 414 12.55 20.48 -28.27
CA LEU A 414 13.51 19.72 -27.48
C LEU A 414 14.65 19.17 -28.32
N LEU A 415 14.33 18.63 -29.48
CA LEU A 415 15.33 18.02 -30.34
C LEU A 415 16.36 19.03 -30.84
N HIS A 416 15.88 20.21 -31.25
CA HIS A 416 16.76 21.23 -31.83
C HIS A 416 17.88 21.67 -30.87
N ALA A 417 17.55 21.79 -29.59
CA ALA A 417 18.53 22.21 -28.60
C ALA A 417 19.60 21.14 -28.37
N LEU A 418 19.62 20.13 -29.23
CA LEU A 418 20.57 19.03 -29.12
C LEU A 418 21.45 18.92 -30.37
N PRO A 419 22.72 18.56 -30.19
CA PRO A 419 23.69 18.31 -31.27
C PRO A 419 23.24 17.23 -32.24
N GLY A 420 22.40 17.59 -33.20
CA GLY A 420 21.86 16.65 -34.16
C GLY A 420 20.36 16.79 -34.26
N GLY A 421 19.83 17.75 -33.53
CA GLY A 421 18.39 17.98 -33.46
C GLY A 421 17.76 18.28 -34.81
N GLN A 422 18.57 18.60 -35.80
CA GLN A 422 18.04 18.89 -37.13
C GLN A 422 17.83 17.59 -37.91
N ILE A 423 18.83 16.71 -37.88
CA ILE A 423 18.72 15.43 -38.57
C ILE A 423 17.71 14.52 -37.88
N MET A 424 17.83 14.37 -36.57
CA MET A 424 16.93 13.52 -35.81
C MET A 424 15.54 14.13 -35.71
N GLY A 425 15.47 15.45 -35.82
CA GLY A 425 14.20 16.14 -35.86
C GLY A 425 13.47 15.90 -37.16
N ILE A 426 14.02 15.00 -37.98
CA ILE A 426 13.41 14.63 -39.25
C ILE A 426 13.04 13.16 -39.29
N ILE A 427 13.83 12.32 -38.62
CA ILE A 427 13.46 10.92 -38.47
C ILE A 427 12.18 10.88 -37.63
N ALA A 428 11.95 11.96 -36.89
CA ALA A 428 10.73 12.11 -36.11
C ALA A 428 9.56 12.40 -37.04
N MET A 429 9.86 13.12 -38.12
CA MET A 429 8.87 13.35 -39.17
C MET A 429 8.45 12.00 -39.74
N ILE A 430 9.46 11.25 -40.20
CA ILE A 430 9.23 9.92 -40.77
C ILE A 430 8.40 9.08 -39.83
N LEU A 431 8.91 8.86 -38.63
CA LEU A 431 8.23 8.06 -37.61
C LEU A 431 6.74 8.34 -37.55
N LEU A 432 6.38 9.61 -37.41
CA LEU A 432 4.99 10.02 -37.31
C LEU A 432 4.16 9.57 -38.51
N GLY A 433 4.76 9.64 -39.69
CA GLY A 433 4.11 9.16 -40.89
C GLY A 433 4.05 7.65 -40.89
N THR A 434 5.17 7.02 -40.57
CA THR A 434 5.25 5.56 -40.50
C THR A 434 4.26 5.03 -39.47
N PHE A 435 4.20 5.69 -38.31
CA PHE A 435 3.23 5.34 -37.27
C PHE A 435 1.82 5.55 -37.79
N PHE A 436 1.62 6.65 -38.51
CA PHE A 436 0.31 6.95 -39.10
C PHE A 436 -0.18 5.77 -39.95
N ILE A 437 0.71 5.21 -40.77
CA ILE A 437 0.36 4.09 -41.65
C ILE A 437 0.12 2.81 -40.87
N THR A 438 1.08 2.44 -40.03
CA THR A 438 0.99 1.22 -39.24
C THR A 438 -0.29 1.20 -38.41
N SER A 439 -0.59 2.32 -37.75
CA SER A 439 -1.78 2.42 -36.93
C SER A 439 -3.05 2.27 -37.76
N ALA A 440 -3.10 2.98 -38.88
CA ALA A 440 -4.26 2.91 -39.77
C ALA A 440 -4.46 1.50 -40.31
N ASP A 441 -3.37 0.83 -40.67
CA ASP A 441 -3.45 -0.54 -41.17
C ASP A 441 -3.97 -1.50 -40.12
N SER A 442 -3.35 -1.50 -38.94
CA SER A 442 -3.77 -2.38 -37.85
C SER A 442 -5.22 -2.14 -37.49
N ALA A 443 -5.58 -0.88 -37.26
CA ALA A 443 -6.94 -0.52 -36.86
C ALA A 443 -7.96 -0.88 -37.94
N SER A 444 -7.60 -0.67 -39.19
CA SER A 444 -8.50 -0.97 -40.31
C SER A 444 -8.79 -2.46 -40.44
N THR A 445 -7.78 -3.28 -40.16
CA THR A 445 -7.95 -4.73 -40.21
C THR A 445 -8.96 -5.19 -39.18
N VAL A 446 -8.74 -4.81 -37.93
CA VAL A 446 -9.65 -5.15 -36.84
C VAL A 446 -11.08 -4.75 -37.19
N MET A 447 -11.23 -3.55 -37.76
CA MET A 447 -12.55 -3.07 -38.16
C MET A 447 -13.16 -3.96 -39.24
N GLY A 448 -12.32 -4.41 -40.18
CA GLY A 448 -12.76 -5.32 -41.22
C GLY A 448 -13.25 -6.63 -40.63
N THR A 449 -12.40 -7.26 -39.82
CA THR A 449 -12.76 -8.48 -39.11
C THR A 449 -14.05 -8.26 -38.33
N MET A 450 -14.19 -7.06 -37.79
CA MET A 450 -15.34 -6.72 -36.95
C MET A 450 -16.57 -6.43 -37.80
N SER A 451 -16.38 -6.30 -39.10
CA SER A 451 -17.48 -6.07 -40.03
C SER A 451 -17.55 -7.19 -41.07
N GLN A 452 -17.25 -8.40 -40.63
CA GLN A 452 -17.22 -9.56 -41.52
C GLN A 452 -17.36 -10.87 -40.73
N HIS A 453 -18.16 -10.83 -39.67
CA HIS A 453 -18.41 -12.00 -38.85
C HIS A 453 -17.13 -12.65 -38.31
N GLY A 454 -16.27 -11.83 -37.72
CA GLY A 454 -15.07 -12.31 -37.05
C GLY A 454 -14.03 -12.94 -37.94
N GLN A 455 -14.13 -12.69 -39.25
CA GLN A 455 -13.17 -13.25 -40.20
C GLN A 455 -11.77 -12.67 -40.01
N LEU A 456 -10.80 -13.56 -39.80
CA LEU A 456 -9.42 -13.15 -39.54
C LEU A 456 -8.87 -12.26 -40.66
N GLU A 457 -8.53 -12.87 -41.79
CA GLU A 457 -8.11 -12.12 -42.97
C GLU A 457 -9.33 -11.51 -43.66
N ALA A 458 -9.47 -10.19 -43.58
CA ALA A 458 -10.67 -9.53 -44.06
C ALA A 458 -10.53 -8.96 -45.46
N ASN A 459 -11.66 -8.57 -46.04
CA ASN A 459 -11.69 -8.00 -47.39
C ASN A 459 -10.71 -6.83 -47.53
N LYS A 460 -10.28 -6.57 -48.76
CA LYS A 460 -9.28 -5.54 -49.02
C LYS A 460 -9.89 -4.15 -49.20
N TRP A 461 -11.01 -4.10 -49.91
CA TRP A 461 -11.68 -2.82 -50.17
C TRP A 461 -12.47 -2.32 -48.96
N VAL A 462 -12.91 -3.25 -48.11
CA VAL A 462 -13.63 -2.88 -46.90
C VAL A 462 -12.66 -2.42 -45.80
N THR A 463 -11.42 -2.88 -45.89
CA THR A 463 -10.37 -2.44 -44.99
C THR A 463 -9.96 -1.01 -45.32
N ALA A 464 -9.61 -0.78 -46.58
CA ALA A 464 -9.23 0.55 -47.04
C ALA A 464 -10.38 1.54 -46.82
N ALA A 465 -11.61 1.07 -47.01
CA ALA A 465 -12.79 1.88 -46.75
C ALA A 465 -12.72 2.50 -45.35
N TRP A 466 -12.73 1.66 -44.33
CA TRP A 466 -12.66 2.13 -42.94
C TRP A 466 -11.44 3.00 -42.72
N GLY A 467 -10.31 2.59 -43.30
CA GLY A 467 -9.08 3.36 -43.15
C GLY A 467 -9.27 4.79 -43.60
N VAL A 468 -9.78 4.95 -44.83
CA VAL A 468 -10.08 6.26 -45.38
C VAL A 468 -11.03 7.04 -44.48
N ALA A 469 -12.16 6.41 -44.14
CA ALA A 469 -13.16 7.04 -43.28
C ALA A 469 -12.56 7.48 -41.93
N THR A 470 -11.70 6.65 -41.36
CA THR A 470 -11.07 6.98 -40.08
C THR A 470 -10.16 8.20 -40.22
N ALA A 471 -9.47 8.29 -41.35
CA ALA A 471 -8.59 9.44 -41.62
C ALA A 471 -9.43 10.68 -41.93
N ALA A 472 -10.65 10.47 -42.41
CA ALA A 472 -11.56 11.57 -42.70
C ALA A 472 -12.02 12.27 -41.42
N ILE A 473 -12.28 11.48 -40.38
CA ILE A 473 -12.70 12.02 -39.10
C ILE A 473 -11.58 12.86 -38.49
N GLY A 474 -10.38 12.28 -38.42
CA GLY A 474 -9.24 12.97 -37.88
C GLY A 474 -9.03 14.31 -38.55
N LEU A 475 -9.15 14.32 -39.87
CA LEU A 475 -9.05 15.54 -40.65
C LEU A 475 -10.14 16.51 -40.22
N THR A 476 -11.38 16.04 -40.24
CA THR A 476 -12.53 16.83 -39.83
C THR A 476 -12.32 17.44 -38.45
N LEU A 477 -12.02 16.59 -37.47
CA LEU A 477 -11.79 17.04 -36.10
C LEU A 477 -10.81 18.21 -36.03
N LEU A 478 -9.76 18.15 -36.84
CA LEU A 478 -8.76 19.21 -36.88
C LEU A 478 -9.28 20.48 -37.54
N LEU A 479 -10.08 20.33 -38.59
CA LEU A 479 -10.60 21.48 -39.33
C LEU A 479 -11.71 22.21 -38.59
N SER A 480 -12.72 21.47 -38.14
CA SER A 480 -13.79 22.06 -37.36
C SER A 480 -13.24 22.70 -36.09
N GLY A 481 -12.10 22.19 -35.62
CA GLY A 481 -11.46 22.72 -34.44
C GLY A 481 -11.00 24.15 -34.59
N GLY A 482 -10.16 24.40 -35.59
CA GLY A 482 -9.64 25.72 -35.84
C GLY A 482 -8.27 25.94 -35.20
N ASP A 483 -8.11 27.08 -34.54
CA ASP A 483 -6.87 27.39 -33.85
C ASP A 483 -6.71 26.54 -32.59
N ASN A 484 -7.84 26.04 -32.09
CA ASN A 484 -7.84 25.07 -31.01
C ASN A 484 -8.26 23.70 -31.54
N ALA A 485 -7.40 23.12 -32.36
CA ALA A 485 -7.70 21.83 -32.99
C ALA A 485 -7.76 20.69 -31.96
N LEU A 486 -6.79 20.68 -31.05
CA LEU A 486 -6.74 19.66 -30.00
C LEU A 486 -8.03 19.59 -29.20
N SER A 487 -8.42 20.71 -28.60
CA SER A 487 -9.60 20.76 -27.74
C SER A 487 -10.80 20.09 -28.42
N ASN A 488 -10.92 20.28 -29.73
CA ASN A 488 -11.99 19.67 -30.50
C ASN A 488 -11.74 18.17 -30.69
N LEU A 489 -10.53 17.83 -31.09
CA LEU A 489 -10.10 16.46 -31.29
C LEU A 489 -10.29 15.61 -30.04
N GLN A 490 -10.22 16.25 -28.88
CA GLN A 490 -10.36 15.56 -27.61
C GLN A 490 -11.83 15.42 -27.19
N ASN A 491 -12.54 16.54 -27.18
CA ASN A 491 -13.95 16.55 -26.80
C ASN A 491 -14.75 15.48 -27.54
N VAL A 492 -14.44 15.30 -28.83
CA VAL A 492 -15.12 14.29 -29.62
C VAL A 492 -14.71 12.89 -29.18
N THR A 493 -13.41 12.65 -29.10
CA THR A 493 -12.90 11.36 -28.65
C THR A 493 -13.55 10.94 -27.33
N ILE A 494 -13.88 11.92 -26.50
CA ILE A 494 -14.54 11.65 -25.22
C ILE A 494 -16.02 11.29 -25.41
N VAL A 495 -16.70 12.02 -26.28
CA VAL A 495 -18.12 11.79 -26.50
C VAL A 495 -18.37 10.47 -27.24
N ALA A 496 -17.42 10.08 -28.08
CA ALA A 496 -17.57 8.88 -28.89
C ALA A 496 -17.14 7.62 -28.12
N ALA A 497 -16.54 7.82 -26.95
CA ALA A 497 -16.08 6.71 -26.13
C ALA A 497 -17.10 6.36 -25.07
N THR A 498 -17.94 7.32 -24.72
CA THR A 498 -18.88 7.19 -23.62
C THR A 498 -19.70 5.88 -23.64
N PRO A 499 -20.37 5.60 -24.76
CA PRO A 499 -21.17 4.36 -24.82
C PRO A 499 -20.33 3.12 -24.53
N PHE A 500 -19.12 3.08 -25.09
CA PHE A 500 -18.29 1.89 -25.00
C PHE A 500 -17.70 1.66 -23.60
N LEU A 501 -17.80 2.67 -22.73
CA LEU A 501 -17.38 2.52 -21.35
C LEU A 501 -18.28 1.52 -20.63
N PHE A 502 -19.54 1.48 -21.05
CA PHE A 502 -20.50 0.55 -20.47
C PHE A 502 -20.35 -0.87 -21.03
N VAL A 503 -19.77 -0.95 -22.23
CA VAL A 503 -19.46 -2.24 -22.82
C VAL A 503 -18.28 -2.88 -22.09
N VAL A 504 -17.26 -2.06 -21.81
CA VAL A 504 -16.09 -2.54 -21.09
C VAL A 504 -16.44 -2.96 -19.67
N ILE A 505 -17.40 -2.28 -19.06
CA ILE A 505 -17.87 -2.66 -17.73
C ILE A 505 -18.62 -3.99 -17.80
N GLY A 506 -19.45 -4.15 -18.82
CA GLY A 506 -20.21 -5.37 -19.01
C GLY A 506 -19.29 -6.57 -19.22
N LEU A 507 -18.14 -6.32 -19.84
CA LEU A 507 -17.18 -7.38 -20.10
C LEU A 507 -16.70 -8.04 -18.80
N MET A 508 -16.56 -7.24 -17.74
CA MET A 508 -16.17 -7.79 -16.45
C MET A 508 -17.14 -8.86 -16.03
N PHE A 509 -18.42 -8.63 -16.26
CA PHE A 509 -19.46 -9.58 -15.86
C PHE A 509 -19.50 -10.79 -16.77
N ALA A 510 -19.47 -10.55 -18.08
CA ALA A 510 -19.42 -11.61 -19.06
C ALA A 510 -18.20 -12.50 -18.82
N LEU A 511 -17.04 -11.87 -18.70
CA LEU A 511 -15.78 -12.59 -18.54
C LEU A 511 -15.79 -13.53 -17.34
N VAL A 512 -16.46 -13.12 -16.26
CA VAL A 512 -16.49 -13.91 -15.03
C VAL A 512 -17.42 -15.10 -15.19
N LYS A 513 -18.57 -14.87 -15.82
CA LYS A 513 -19.53 -15.93 -16.07
C LYS A 513 -18.86 -17.02 -16.90
N ASP A 514 -18.11 -16.59 -17.92
CA ASP A 514 -17.47 -17.52 -18.85
C ASP A 514 -16.40 -18.37 -18.18
N LEU A 515 -15.49 -17.72 -17.46
CA LEU A 515 -14.39 -18.42 -16.80
C LEU A 515 -14.88 -19.34 -15.69
N SER A 516 -16.06 -19.04 -15.15
CA SER A 516 -16.64 -19.86 -14.09
C SER A 516 -17.20 -21.17 -14.63
N ASN A 517 -17.55 -21.17 -15.92
CA ASN A 517 -18.11 -22.35 -16.56
C ASN A 517 -17.09 -23.07 -17.43
N ASP A 518 -15.81 -22.73 -17.24
CA ASP A 518 -14.74 -23.38 -17.98
C ASP A 518 -14.50 -24.78 -17.42
N VAL A 519 -14.53 -25.77 -18.30
CA VAL A 519 -14.40 -27.17 -17.89
C VAL A 519 -13.32 -27.40 -16.84
N ILE A 520 -12.13 -26.85 -17.06
CA ILE A 520 -11.00 -27.09 -16.17
C ILE A 520 -11.19 -26.49 -14.78
N TYR A 521 -11.94 -25.39 -14.70
CA TYR A 521 -12.24 -24.76 -13.42
C TYR A 521 -13.36 -25.50 -12.69
N LEU A 522 -14.34 -25.99 -13.46
CA LEU A 522 -15.45 -26.74 -12.89
C LEU A 522 -14.96 -28.05 -12.26
N GLU A 523 -14.01 -28.69 -12.93
CA GLU A 523 -13.41 -29.91 -12.42
C GLU A 523 -12.61 -29.65 -11.15
N TYR A 524 -11.98 -28.47 -11.09
CA TYR A 524 -11.19 -28.09 -9.92
C TYR A 524 -12.07 -27.86 -8.70
N ARG A 525 -13.13 -27.08 -8.87
CA ARG A 525 -14.07 -26.78 -7.79
C ARG A 525 -14.83 -28.05 -7.40
N GLU A 526 -14.84 -29.02 -8.30
CA GLU A 526 -15.50 -30.29 -8.06
C GLU A 526 -14.63 -31.20 -7.20
N GLN A 527 -13.32 -31.14 -7.43
CA GLN A 527 -12.37 -31.94 -6.66
C GLN A 527 -12.14 -31.35 -5.27
N GLN A 528 -12.50 -30.10 -5.08
CA GLN A 528 -12.35 -29.46 -3.79
C GLN A 528 -13.44 -29.99 -2.87
N ARG A 529 -14.63 -30.17 -3.44
CA ARG A 529 -15.77 -30.66 -2.68
C ARG A 529 -15.53 -32.09 -2.26
N PHE A 530 -15.25 -32.95 -3.24
CA PHE A 530 -15.00 -34.36 -2.99
C PHE A 530 -13.97 -34.56 -1.90
N ASN A 531 -12.90 -33.75 -1.96
CA ASN A 531 -11.78 -33.90 -1.05
C ASN A 531 -12.13 -33.50 0.37
N ALA A 532 -12.97 -32.47 0.48
CA ALA A 532 -13.42 -32.02 1.79
C ALA A 532 -14.37 -33.08 2.32
N ARG A 533 -15.28 -33.53 1.47
CA ARG A 533 -16.16 -34.62 1.84
C ARG A 533 -15.36 -35.85 2.26
N LEU A 534 -14.39 -36.24 1.43
CA LEU A 534 -13.55 -37.40 1.73
C LEU A 534 -12.85 -37.18 3.06
N ALA A 535 -12.29 -35.98 3.23
CA ALA A 535 -11.56 -35.64 4.44
C ALA A 535 -12.43 -35.77 5.68
N ARG A 536 -13.67 -35.28 5.59
CA ARG A 536 -14.59 -35.32 6.72
C ARG A 536 -14.94 -36.74 7.14
N GLU A 537 -15.10 -37.65 6.17
CA GLU A 537 -15.39 -39.06 6.48
C GLU A 537 -14.29 -39.65 7.34
N ARG A 538 -13.05 -39.48 6.90
CA ARG A 538 -11.89 -40.01 7.63
C ARG A 538 -11.81 -39.46 9.04
N ARG A 539 -11.99 -38.15 9.18
CA ARG A 539 -11.91 -37.52 10.48
C ARG A 539 -13.02 -38.00 11.40
N VAL A 540 -14.26 -37.86 10.94
CA VAL A 540 -15.43 -38.13 11.76
C VAL A 540 -15.49 -39.58 12.26
N HIS A 541 -14.97 -40.51 11.46
CA HIS A 541 -14.94 -41.91 11.88
C HIS A 541 -13.88 -42.13 12.93
N ASN A 542 -12.66 -41.67 12.65
CA ASN A 542 -11.58 -41.80 13.61
C ASN A 542 -11.97 -41.23 14.97
N GLU A 543 -12.71 -40.12 14.95
CA GLU A 543 -13.21 -39.51 16.17
C GLU A 543 -14.15 -40.47 16.90
N HIS A 544 -14.97 -41.18 16.13
CA HIS A 544 -15.89 -42.18 16.69
C HIS A 544 -15.12 -43.29 17.38
N ARG A 545 -13.94 -43.61 16.86
CA ARG A 545 -13.17 -44.73 17.38
C ARG A 545 -12.51 -44.39 18.72
N LYS A 546 -11.97 -43.18 18.81
CA LYS A 546 -11.33 -42.71 20.04
C LYS A 546 -12.30 -42.64 21.22
N ARG A 547 -13.54 -42.19 20.95
CA ARG A 547 -14.57 -42.18 21.98
C ARG A 547 -14.85 -43.58 22.54
N GLU A 548 -14.69 -44.61 21.70
CA GLU A 548 -14.87 -45.99 22.13
C GLU A 548 -13.63 -46.49 22.86
N LEU A 549 -12.46 -46.19 22.29
CA LEU A 549 -11.20 -46.63 22.87
C LEU A 549 -10.96 -45.97 24.22
N ALA A 550 -11.47 -44.75 24.37
CA ALA A 550 -11.40 -44.03 25.64
C ALA A 550 -12.37 -44.65 26.65
N ALA A 551 -13.52 -45.10 26.16
CA ALA A 551 -14.55 -45.68 27.02
C ALA A 551 -14.09 -47.01 27.62
N LYS A 552 -13.24 -47.73 26.90
CA LYS A 552 -12.75 -49.01 27.40
C LYS A 552 -11.63 -48.81 28.42
N ARG A 553 -10.69 -47.91 28.10
CA ARG A 553 -9.54 -47.69 28.96
C ARG A 553 -9.94 -47.12 30.33
N ARG A 554 -10.88 -46.18 30.34
CA ARG A 554 -11.28 -45.52 31.58
C ARG A 554 -12.02 -46.44 32.53
N ARG A 555 -13.20 -45.99 32.98
CA ARG A 555 -13.97 -46.73 33.99
C ARG A 555 -13.97 -48.24 33.74
N GLU A 556 -14.04 -48.64 32.48
CA GLU A 556 -14.05 -50.06 32.13
C GLU A 556 -12.77 -50.77 32.56
N ARG A 557 -11.73 -50.66 31.73
CA ARG A 557 -10.45 -51.31 31.97
C ARG A 557 -9.60 -50.53 32.96
N ALA B 27 48.50 -25.55 6.19
CA ALA B 27 47.64 -24.37 6.18
C ALA B 27 47.15 -24.06 4.78
N SER B 28 45.83 -24.10 4.60
CA SER B 28 45.22 -23.82 3.30
C SER B 28 44.89 -22.33 3.17
N LEU B 29 45.81 -21.58 2.56
CA LEU B 29 45.65 -20.14 2.40
C LEU B 29 45.63 -19.73 0.93
N ASN B 30 44.47 -19.29 0.45
CA ASN B 30 44.29 -18.91 -0.94
C ASN B 30 44.96 -17.57 -1.22
N TRP B 31 46.26 -17.61 -1.51
CA TRP B 31 47.04 -16.39 -1.68
C TRP B 31 46.62 -15.55 -2.88
N SER B 32 46.06 -16.19 -3.90
CA SER B 32 45.61 -15.47 -5.08
C SER B 32 44.56 -14.42 -4.72
N VAL B 33 43.97 -14.54 -3.54
CA VAL B 33 42.98 -13.59 -3.08
C VAL B 33 43.47 -12.79 -1.87
N ILE B 34 44.33 -13.39 -1.06
CA ILE B 34 44.85 -12.74 0.14
C ILE B 34 45.87 -11.67 -0.20
N VAL B 35 46.60 -11.86 -1.30
CA VAL B 35 47.60 -10.89 -1.70
C VAL B 35 46.99 -9.57 -2.18
N PRO B 36 46.16 -9.62 -3.23
CA PRO B 36 45.55 -8.38 -3.74
C PRO B 36 44.68 -7.69 -2.70
N ALA B 37 44.05 -8.46 -1.83
CA ALA B 37 43.22 -7.89 -0.76
C ALA B 37 44.09 -7.09 0.20
N LEU B 38 45.11 -7.75 0.75
CA LEU B 38 46.02 -7.11 1.70
C LEU B 38 46.79 -5.95 1.09
N VAL B 39 46.99 -6.00 -0.23
CA VAL B 39 47.69 -4.93 -0.93
C VAL B 39 46.83 -3.67 -0.95
N ILE B 40 45.56 -3.82 -1.31
CA ILE B 40 44.64 -2.69 -1.32
C ILE B 40 44.53 -2.07 0.06
N VAL B 41 44.39 -2.91 1.08
CA VAL B 41 44.28 -2.45 2.46
C VAL B 41 45.45 -1.57 2.88
N LEU B 42 46.66 -2.13 2.83
CA LEU B 42 47.85 -1.43 3.28
C LEU B 42 48.18 -0.21 2.43
N ALA B 43 47.94 -0.31 1.13
CA ALA B 43 48.16 0.83 0.23
C ALA B 43 47.25 1.99 0.64
N THR B 44 46.06 1.65 1.11
CA THR B 44 45.10 2.65 1.55
C THR B 44 45.53 3.27 2.88
N VAL B 45 46.29 2.52 3.66
CA VAL B 45 46.81 3.01 4.93
C VAL B 45 47.98 3.95 4.72
N VAL B 46 48.89 3.59 3.82
CA VAL B 46 50.00 4.45 3.46
C VAL B 46 49.49 5.77 2.92
N TRP B 47 48.65 5.69 1.89
CA TRP B 47 48.10 6.86 1.23
C TRP B 47 47.32 7.75 2.19
N GLY B 48 46.80 7.15 3.26
CA GLY B 48 46.00 7.88 4.23
C GLY B 48 46.82 8.55 5.31
N ILE B 49 47.63 7.77 6.01
CA ILE B 49 48.44 8.28 7.12
C ILE B 49 49.58 9.18 6.63
N GLY B 50 50.10 8.90 5.44
CA GLY B 50 51.22 9.63 4.89
C GLY B 50 50.87 10.91 4.17
N PHE B 51 49.99 10.80 3.17
CA PHE B 51 49.66 11.92 2.30
C PHE B 51 48.27 12.48 2.58
N LYS B 52 47.97 12.76 3.84
CA LYS B 52 46.66 13.26 4.26
C LYS B 52 45.88 13.97 3.15
N ASP B 53 46.27 15.20 2.86
CA ASP B 53 45.59 16.02 1.85
C ASP B 53 45.24 15.23 0.59
N SER B 54 46.20 14.47 0.08
CA SER B 54 46.01 13.71 -1.14
C SER B 54 44.84 12.74 -1.05
N PHE B 55 44.87 11.85 -0.05
CA PHE B 55 43.85 10.83 0.10
C PHE B 55 42.49 11.38 0.53
N THR B 56 42.50 12.47 1.29
CA THR B 56 41.25 13.09 1.74
C THR B 56 40.56 13.82 0.59
N ASN B 57 41.34 14.22 -0.41
CA ASN B 57 40.78 14.84 -1.61
C ASN B 57 40.25 13.78 -2.57
N PHE B 58 40.96 12.67 -2.68
CA PHE B 58 40.56 11.55 -3.53
C PHE B 58 39.20 10.99 -3.09
N ALA B 59 39.00 10.91 -1.78
CA ALA B 59 37.77 10.36 -1.23
C ALA B 59 36.58 11.29 -1.48
N SER B 60 36.85 12.56 -1.73
CA SER B 60 35.80 13.56 -1.89
C SER B 60 35.39 13.77 -3.35
N SER B 61 36.26 13.37 -4.28
CA SER B 61 35.96 13.51 -5.70
C SER B 61 35.47 12.21 -6.30
N ALA B 62 36.02 11.09 -5.83
CA ALA B 62 35.49 9.78 -6.20
C ALA B 62 34.08 9.67 -5.65
N LEU B 63 33.88 10.21 -4.46
CA LEU B 63 32.56 10.28 -3.84
C LEU B 63 31.56 10.88 -4.82
N SER B 64 31.79 12.13 -5.19
CA SER B 64 30.93 12.83 -6.13
C SER B 64 30.78 12.06 -7.44
N ALA B 65 31.86 11.40 -7.86
CA ALA B 65 31.81 10.60 -9.08
C ALA B 65 30.76 9.51 -8.98
N VAL B 66 30.78 8.78 -7.85
CA VAL B 66 29.87 7.67 -7.64
C VAL B 66 28.45 8.15 -7.39
N VAL B 67 28.29 9.14 -6.52
CA VAL B 67 26.97 9.62 -6.12
C VAL B 67 26.22 10.27 -7.27
N ASP B 68 26.95 10.75 -8.27
CA ASP B 68 26.34 11.44 -9.40
C ASP B 68 26.04 10.49 -10.56
N ASN B 69 26.89 9.49 -10.74
CA ASN B 69 26.80 8.61 -11.90
C ASN B 69 26.20 7.24 -11.59
N LEU B 70 26.35 6.78 -10.34
CA LEU B 70 25.84 5.47 -9.95
C LEU B 70 24.79 5.56 -8.84
N GLY B 71 24.48 6.78 -8.42
CA GLY B 71 23.49 6.98 -7.38
C GLY B 71 22.15 6.37 -7.72
N TRP B 72 21.82 6.34 -9.01
CA TRP B 72 20.54 5.82 -9.47
C TRP B 72 20.48 4.30 -9.31
N ALA B 73 21.64 3.65 -9.37
CA ALA B 73 21.70 2.20 -9.21
C ALA B 73 21.53 1.82 -7.74
N PHE B 74 22.31 2.44 -6.86
CA PHE B 74 22.20 2.18 -5.43
C PHE B 74 20.74 2.33 -4.97
N ILE B 75 20.07 3.33 -5.49
CA ILE B 75 18.70 3.66 -5.11
C ILE B 75 17.66 2.73 -5.74
N LEU B 76 17.74 2.52 -7.06
CA LEU B 76 16.79 1.68 -7.76
C LEU B 76 16.85 0.21 -7.33
N PHE B 77 18.06 -0.34 -7.32
CA PHE B 77 18.25 -1.74 -6.95
C PHE B 77 18.09 -2.00 -5.45
N GLY B 78 18.34 -0.98 -4.64
CA GLY B 78 18.13 -1.10 -3.20
C GLY B 78 16.69 -1.46 -2.89
N THR B 79 15.77 -0.95 -3.69
CA THR B 79 14.35 -1.22 -3.52
C THR B 79 13.95 -2.51 -4.25
N VAL B 80 14.67 -2.82 -5.31
CA VAL B 80 14.47 -4.10 -6.00
C VAL B 80 14.81 -5.26 -5.05
N PHE B 81 15.92 -5.12 -4.31
CA PHE B 81 16.30 -6.13 -3.33
C PHE B 81 15.14 -6.45 -2.40
N VAL B 82 14.36 -5.42 -2.06
CA VAL B 82 13.25 -5.61 -1.12
C VAL B 82 12.08 -6.36 -1.75
N PHE B 83 11.72 -5.99 -2.98
CA PHE B 83 10.65 -6.67 -3.70
C PHE B 83 11.05 -8.11 -3.97
N PHE B 84 12.20 -8.28 -4.60
CA PHE B 84 12.77 -9.59 -4.89
C PHE B 84 12.73 -10.54 -3.70
N ILE B 85 13.27 -10.10 -2.56
CA ILE B 85 13.39 -10.98 -1.39
C ILE B 85 12.06 -11.47 -0.80
N VAL B 86 11.04 -10.62 -0.79
CA VAL B 86 9.75 -11.05 -0.25
C VAL B 86 8.99 -11.87 -1.28
N VAL B 87 9.35 -11.70 -2.55
CA VAL B 87 8.78 -12.53 -3.61
C VAL B 87 9.29 -13.95 -3.47
N ILE B 88 10.62 -14.10 -3.42
CA ILE B 88 11.24 -15.39 -3.18
C ILE B 88 10.56 -16.13 -2.02
N ALA B 89 10.16 -15.37 -1.00
CA ALA B 89 9.52 -15.96 0.17
C ALA B 89 8.08 -16.37 -0.13
N ALA B 90 7.40 -15.56 -0.94
CA ALA B 90 6.02 -15.85 -1.29
C ALA B 90 5.92 -17.01 -2.27
N SER B 91 6.98 -17.26 -3.03
CA SER B 91 6.98 -18.31 -4.02
C SER B 91 7.15 -19.69 -3.37
N LYS B 92 7.35 -20.72 -4.19
CA LYS B 92 7.49 -22.08 -3.69
C LYS B 92 8.85 -22.30 -3.05
N PHE B 93 9.87 -21.59 -3.55
CA PHE B 93 11.22 -21.72 -3.00
C PHE B 93 11.25 -21.51 -1.48
N GLY B 94 10.17 -20.94 -0.95
CA GLY B 94 10.08 -20.67 0.47
C GLY B 94 9.89 -21.90 1.33
N THR B 95 9.28 -22.93 0.75
CA THR B 95 9.03 -24.17 1.49
C THR B 95 10.31 -25.01 1.60
N ILE B 96 11.22 -24.81 0.67
CA ILE B 96 12.54 -25.45 0.69
C ILE B 96 13.25 -25.20 2.02
N ARG B 97 14.11 -26.13 2.42
CA ARG B 97 14.86 -25.97 3.66
C ARG B 97 16.36 -25.79 3.38
N LEU B 98 17.10 -25.37 4.41
CA LEU B 98 18.52 -25.10 4.27
C LEU B 98 19.37 -26.21 4.88
N GLY B 99 19.68 -27.21 4.06
CA GLY B 99 20.38 -28.40 4.51
C GLY B 99 19.77 -29.61 3.81
N ARG B 100 19.84 -30.77 4.45
CA ARG B 100 19.23 -31.98 3.90
C ARG B 100 17.72 -31.75 3.73
N ILE B 101 17.04 -32.68 3.10
CA ILE B 101 15.60 -32.57 2.89
C ILE B 101 14.84 -32.82 4.19
N ASP B 102 13.97 -31.88 4.54
CA ASP B 102 13.20 -31.95 5.78
C ASP B 102 14.09 -32.08 7.03
N GLU B 103 15.23 -31.42 6.99
CA GLU B 103 16.10 -31.34 8.17
C GLU B 103 15.54 -30.30 9.14
N ALA B 104 15.61 -30.60 10.42
CA ALA B 104 15.10 -29.71 11.45
C ALA B 104 16.10 -28.61 11.77
N PRO B 105 15.60 -27.44 12.21
CA PRO B 105 16.48 -26.33 12.59
C PRO B 105 17.51 -26.76 13.63
N GLU B 106 18.75 -26.32 13.48
CA GLU B 106 19.79 -26.58 14.47
C GLU B 106 19.36 -26.07 15.83
N PHE B 107 19.35 -24.74 15.96
CA PHE B 107 18.95 -24.08 17.20
C PHE B 107 17.44 -24.05 17.30
N ARG B 108 16.92 -24.01 18.52
CA ARG B 108 15.49 -23.84 18.74
C ARG B 108 15.12 -22.38 18.50
N THR B 109 13.95 -22.16 17.92
CA THR B 109 13.50 -20.84 17.50
C THR B 109 13.92 -19.69 18.42
N VAL B 110 13.68 -19.84 19.71
CA VAL B 110 13.90 -18.77 20.67
C VAL B 110 15.36 -18.32 20.78
N SER B 111 16.29 -19.15 20.32
CA SER B 111 17.71 -18.79 20.29
C SER B 111 18.13 -18.25 18.93
N TRP B 112 17.36 -18.59 17.91
CA TRP B 112 17.57 -18.07 16.57
C TRP B 112 17.16 -16.60 16.59
N ILE B 113 15.99 -16.34 17.14
CA ILE B 113 15.44 -14.99 17.25
C ILE B 113 16.31 -14.10 18.13
N SER B 114 16.72 -14.62 19.29
CA SER B 114 17.54 -13.85 20.21
C SER B 114 18.91 -13.49 19.61
N MET B 115 19.40 -14.33 18.70
CA MET B 115 20.67 -14.06 18.05
C MET B 115 20.52 -13.03 16.93
N MET B 116 19.30 -12.85 16.44
CA MET B 116 19.02 -11.81 15.46
C MET B 116 18.82 -10.46 16.12
N PHE B 117 18.98 -10.43 17.44
CA PHE B 117 18.95 -9.19 18.19
C PHE B 117 20.34 -8.57 18.25
N ALA B 118 21.31 -9.35 18.72
CA ALA B 118 22.69 -8.92 18.68
C ALA B 118 23.07 -8.61 17.25
N ALA B 119 22.26 -9.13 16.31
CA ALA B 119 22.41 -8.81 14.90
C ALA B 119 21.99 -7.36 14.66
N GLY B 120 20.84 -6.98 15.22
CA GLY B 120 20.33 -5.63 15.09
C GLY B 120 21.15 -4.58 15.81
N MET B 121 21.39 -4.81 17.10
CA MET B 121 22.19 -3.91 17.93
C MET B 121 23.59 -3.72 17.34
N GLY B 122 24.24 -2.62 17.70
CA GLY B 122 25.58 -2.34 17.23
C GLY B 122 26.01 -0.88 17.33
N ILE B 123 27.18 -0.56 16.80
CA ILE B 123 27.72 0.79 16.88
C ILE B 123 26.87 1.79 16.11
N GLY B 124 26.49 1.43 14.88
CA GLY B 124 25.63 2.28 14.07
C GLY B 124 24.44 2.84 14.83
N LEU B 125 23.79 1.99 15.64
CA LEU B 125 22.64 2.44 16.41
C LEU B 125 23.05 3.25 17.63
N MET B 126 24.29 3.08 18.07
CA MET B 126 24.84 3.88 19.15
C MET B 126 25.17 5.28 18.62
N PHE B 127 25.69 5.33 17.40
CA PHE B 127 26.12 6.58 16.81
C PHE B 127 24.97 7.43 16.30
N TYR B 128 24.02 6.80 15.60
CA TYR B 128 22.96 7.54 14.92
C TYR B 128 21.62 7.55 15.65
N GLY B 129 21.50 6.72 16.68
CA GLY B 129 20.27 6.59 17.42
C GLY B 129 19.66 7.94 17.76
N THR B 130 20.49 8.83 18.28
CA THR B 130 20.06 10.16 18.69
C THR B 130 20.24 11.18 17.57
N THR B 131 21.36 11.07 16.87
CA THR B 131 21.73 12.03 15.83
C THR B 131 20.75 12.10 14.67
N GLU B 132 20.47 10.96 14.06
CA GLU B 132 19.72 10.89 12.81
C GLU B 132 18.30 11.45 12.92
N PRO B 133 17.50 10.90 13.84
CA PRO B 133 16.14 11.45 13.97
C PRO B 133 16.17 12.92 14.34
N LEU B 134 17.13 13.33 15.16
CA LEU B 134 17.24 14.73 15.58
C LEU B 134 17.55 15.65 14.39
N THR B 135 18.54 15.25 13.58
CA THR B 135 18.89 15.99 12.38
C THR B 135 17.69 16.19 11.45
N PHE B 136 17.03 15.09 11.08
CA PHE B 136 15.91 15.13 10.12
C PHE B 136 14.77 16.02 10.62
N TYR B 137 14.54 16.00 11.93
CA TYR B 137 13.54 16.89 12.52
C TYR B 137 13.92 18.36 12.33
N ARG B 138 15.16 18.70 12.67
CA ARG B 138 15.62 20.10 12.62
C ARG B 138 15.68 20.67 11.20
N ASN B 139 16.55 20.11 10.36
CA ASN B 139 16.76 20.59 9.00
C ASN B 139 15.61 20.30 8.07
N GLY B 140 14.86 19.25 8.38
CA GLY B 140 13.86 18.75 7.46
C GLY B 140 14.51 17.74 6.53
N VAL B 141 13.77 17.31 5.53
CA VAL B 141 14.21 16.27 4.60
C VAL B 141 13.79 16.70 3.20
N PRO B 142 14.61 16.37 2.19
CA PRO B 142 14.27 16.87 0.85
C PRO B 142 12.84 16.55 0.46
N GLY B 143 12.06 17.58 0.14
CA GLY B 143 10.67 17.40 -0.25
C GLY B 143 9.68 17.57 0.88
N HIS B 144 10.18 17.95 2.05
CA HIS B 144 9.33 18.22 3.20
C HIS B 144 9.93 19.39 3.97
N ASP B 145 9.12 20.05 4.79
CA ASP B 145 9.66 21.11 5.64
C ASP B 145 10.13 20.61 7.01
N GLU B 146 10.81 21.48 7.72
CA GLU B 146 11.43 21.16 8.99
C GLU B 146 10.40 20.83 10.06
N HIS B 147 10.85 20.20 11.13
CA HIS B 147 10.04 20.00 12.34
C HIS B 147 8.87 19.04 12.11
N ASN B 148 9.11 18.02 11.27
CA ASN B 148 8.11 17.02 10.96
C ASN B 148 8.47 15.69 11.62
N VAL B 149 7.82 15.36 12.72
CA VAL B 149 8.17 14.17 13.49
C VAL B 149 8.08 12.92 12.62
N GLY B 150 6.89 12.69 12.06
CA GLY B 150 6.65 11.55 11.19
C GLY B 150 7.73 11.32 10.15
N VAL B 151 8.06 12.36 9.38
CA VAL B 151 9.01 12.21 8.30
C VAL B 151 10.38 11.95 8.86
N ALA B 152 10.66 12.53 10.03
CA ALA B 152 11.90 12.24 10.73
C ALA B 152 11.98 10.75 11.06
N MET B 153 10.99 10.25 11.79
CA MET B 153 10.97 8.83 12.20
C MET B 153 10.95 7.88 11.00
N SER B 154 10.09 8.16 10.04
CA SER B 154 9.96 7.32 8.85
C SER B 154 11.24 7.26 8.02
N THR B 155 11.85 8.42 7.78
CA THR B 155 13.11 8.47 7.04
C THR B 155 14.18 7.61 7.73
N THR B 156 14.13 7.58 9.06
CA THR B 156 15.10 6.82 9.85
C THR B 156 14.84 5.32 9.71
N MET B 157 13.61 4.92 10.02
CA MET B 157 13.17 3.54 9.81
C MET B 157 13.62 3.05 8.44
N PHE B 158 13.40 3.90 7.43
CA PHE B 158 13.74 3.59 6.06
C PHE B 158 15.19 3.17 5.88
N HIS B 159 16.10 3.81 6.61
CA HIS B 159 17.53 3.54 6.45
C HIS B 159 17.97 2.31 7.24
N TRP B 160 17.16 1.91 8.21
CA TRP B 160 17.61 0.90 9.17
C TRP B 160 16.80 -0.41 9.22
N THR B 161 15.64 -0.46 8.56
CA THR B 161 14.80 -1.65 8.63
C THR B 161 14.85 -2.56 7.38
N LEU B 162 13.78 -2.52 6.58
CA LEU B 162 13.63 -3.44 5.46
C LEU B 162 14.80 -3.42 4.45
N HIS B 163 15.24 -2.24 4.06
CA HIS B 163 16.24 -2.11 3.01
C HIS B 163 17.59 -2.78 3.32
N PRO B 164 18.18 -2.48 4.49
CA PRO B 164 19.47 -3.12 4.76
C PRO B 164 19.34 -4.64 4.92
N TRP B 165 18.28 -5.08 5.61
CA TRP B 165 18.13 -6.50 5.91
C TRP B 165 17.69 -7.34 4.72
N ALA B 166 17.08 -6.70 3.72
CA ALA B 166 16.82 -7.35 2.45
C ALA B 166 18.16 -7.75 1.83
N ILE B 167 19.10 -6.82 1.86
CA ILE B 167 20.45 -7.05 1.37
C ILE B 167 21.15 -8.15 2.16
N TYR B 168 20.91 -8.19 3.47
CA TYR B 168 21.52 -9.20 4.33
C TYR B 168 20.91 -10.57 4.11
N ALA B 169 19.64 -10.58 3.70
CA ALA B 169 18.95 -11.84 3.43
C ALA B 169 19.37 -12.42 2.09
N ILE B 170 19.62 -11.55 1.12
CA ILE B 170 20.04 -12.01 -0.21
C ILE B 170 21.41 -12.69 -0.15
N VAL B 171 22.38 -12.00 0.43
CA VAL B 171 23.71 -12.57 0.57
C VAL B 171 23.69 -13.79 1.50
N GLY B 172 22.89 -13.70 2.56
CA GLY B 172 22.82 -14.76 3.54
C GLY B 172 22.20 -16.03 2.99
N LEU B 173 21.11 -15.87 2.23
CA LEU B 173 20.45 -16.99 1.60
C LEU B 173 21.37 -17.64 0.57
N ALA B 174 21.79 -16.86 -0.43
CA ALA B 174 22.70 -17.34 -1.46
C ALA B 174 23.77 -18.24 -0.85
N ILE B 175 24.36 -17.78 0.25
CA ILE B 175 25.36 -18.58 0.95
C ILE B 175 24.76 -19.84 1.58
N ALA B 176 23.81 -19.66 2.50
CA ALA B 176 23.20 -20.78 3.20
C ALA B 176 22.71 -21.87 2.25
N TYR B 177 22.24 -21.47 1.07
CA TYR B 177 21.78 -22.42 0.08
C TYR B 177 22.95 -23.13 -0.59
N SER B 178 23.86 -22.33 -1.14
CA SER B 178 25.06 -22.86 -1.79
C SER B 178 25.87 -23.75 -0.85
N THR B 179 25.67 -23.58 0.45
CA THR B 179 26.50 -24.24 1.45
C THR B 179 25.86 -25.49 2.08
N PHE B 180 24.69 -25.32 2.70
CA PHE B 180 24.06 -26.42 3.43
C PHE B 180 23.27 -27.35 2.50
N ARG B 181 22.55 -26.77 1.55
CA ARG B 181 21.65 -27.53 0.68
C ARG B 181 22.40 -28.23 -0.46
N VAL B 182 23.14 -27.45 -1.24
CA VAL B 182 23.85 -27.99 -2.40
C VAL B 182 25.20 -28.57 -2.03
N GLY B 183 25.74 -28.15 -0.89
CA GLY B 183 26.96 -28.73 -0.35
C GLY B 183 28.27 -28.13 -0.84
N ARG B 184 28.22 -26.89 -1.30
CA ARG B 184 29.43 -26.22 -1.78
C ARG B 184 30.24 -25.61 -0.63
N LYS B 185 31.31 -24.92 -0.97
CA LYS B 185 32.15 -24.24 0.02
C LYS B 185 31.53 -22.92 0.47
N GLN B 186 31.71 -22.60 1.75
CA GLN B 186 31.16 -21.37 2.31
C GLN B 186 31.92 -20.16 1.77
N LEU B 187 31.72 -19.89 0.48
CA LEU B 187 32.44 -18.84 -0.23
C LEU B 187 31.44 -18.10 -1.09
N LEU B 188 31.59 -16.78 -1.16
CA LEU B 188 30.66 -15.98 -1.96
C LEU B 188 30.71 -16.42 -3.43
N SER B 189 31.90 -16.80 -3.87
CA SER B 189 32.09 -17.25 -5.25
C SER B 189 31.40 -18.58 -5.52
N SER B 190 31.06 -19.31 -4.46
CA SER B 190 30.40 -20.61 -4.60
C SER B 190 28.90 -20.42 -4.83
N ALA B 191 28.38 -19.27 -4.44
CA ALA B 191 26.98 -18.94 -4.69
C ALA B 191 26.81 -18.45 -6.12
N PHE B 192 27.94 -18.18 -6.77
CA PHE B 192 27.95 -17.73 -8.16
C PHE B 192 28.13 -18.88 -9.14
N VAL B 193 28.18 -20.11 -8.63
CA VAL B 193 28.36 -21.27 -9.49
C VAL B 193 27.30 -21.39 -10.60
N PRO B 194 26.02 -21.31 -10.24
CA PRO B 194 24.92 -21.45 -11.20
C PRO B 194 25.09 -20.57 -12.44
N LEU B 195 25.87 -19.51 -12.31
CA LEU B 195 26.08 -18.57 -13.41
C LEU B 195 27.48 -18.72 -14.00
N ILE B 196 28.47 -18.79 -13.13
CA ILE B 196 29.86 -18.75 -13.54
C ILE B 196 30.45 -20.14 -13.71
N GLY B 197 29.64 -21.16 -13.40
CA GLY B 197 30.07 -22.54 -13.52
C GLY B 197 31.03 -22.96 -12.43
N GLU B 198 31.03 -24.24 -12.09
CA GLU B 198 31.93 -24.79 -11.08
C GLU B 198 33.38 -24.40 -11.36
N LYS B 199 33.64 -24.04 -12.61
CA LYS B 199 34.99 -23.72 -13.06
C LYS B 199 35.33 -22.23 -12.89
N GLY B 200 34.30 -21.41 -12.76
CA GLY B 200 34.49 -19.97 -12.58
C GLY B 200 34.93 -19.64 -11.17
N ALA B 201 34.21 -20.19 -10.19
CA ALA B 201 34.50 -19.94 -8.78
C ALA B 201 35.98 -20.20 -8.45
N GLU B 202 36.55 -21.20 -9.11
CA GLU B 202 37.94 -21.58 -8.86
C GLU B 202 38.92 -20.73 -9.67
N GLY B 203 38.42 -20.14 -10.75
CA GLY B 203 39.26 -19.34 -11.64
C GLY B 203 39.70 -18.02 -11.03
N TRP B 204 39.63 -16.96 -11.82
CA TRP B 204 40.01 -15.64 -11.35
C TRP B 204 38.79 -14.83 -10.92
N LEU B 205 37.69 -15.03 -11.65
CA LEU B 205 36.46 -14.29 -11.36
C LEU B 205 35.91 -14.66 -9.99
N GLY B 206 35.80 -15.96 -9.72
CA GLY B 206 35.37 -16.42 -8.42
C GLY B 206 36.29 -15.91 -7.34
N LYS B 207 37.57 -15.78 -7.66
CA LYS B 207 38.55 -15.30 -6.69
C LYS B 207 38.63 -13.78 -6.67
N LEU B 208 38.01 -13.14 -7.66
CA LEU B 208 37.84 -11.69 -7.63
C LEU B 208 36.68 -11.37 -6.70
N ILE B 209 35.62 -12.16 -6.82
CA ILE B 209 34.46 -12.02 -5.95
C ILE B 209 34.87 -12.10 -4.48
N ASP B 210 35.83 -12.97 -4.19
CA ASP B 210 36.28 -13.18 -2.82
C ASP B 210 37.20 -12.06 -2.34
N ILE B 211 37.88 -11.41 -3.29
CA ILE B 211 38.69 -10.25 -2.97
C ILE B 211 37.79 -9.09 -2.57
N LEU B 212 36.91 -8.69 -3.49
CA LEU B 212 35.97 -7.60 -3.25
C LEU B 212 35.10 -7.88 -2.03
N ALA B 213 34.93 -9.16 -1.71
CA ALA B 213 34.17 -9.55 -0.54
C ALA B 213 34.92 -9.14 0.72
N ILE B 214 36.18 -9.54 0.81
CA ILE B 214 37.02 -9.21 1.96
C ILE B 214 37.26 -7.71 2.08
N ILE B 215 37.64 -7.09 0.97
CA ILE B 215 37.85 -5.65 0.94
C ILE B 215 36.62 -4.91 1.47
N ALA B 216 35.48 -5.13 0.82
CA ALA B 216 34.23 -4.52 1.25
C ALA B 216 34.03 -4.71 2.74
N THR B 217 34.33 -5.90 3.24
CA THR B 217 34.17 -6.21 4.65
C THR B 217 35.13 -5.37 5.50
N VAL B 218 36.36 -5.21 5.04
CA VAL B 218 37.35 -4.40 5.73
C VAL B 218 36.86 -2.98 5.93
N PHE B 219 36.52 -2.32 4.82
CA PHE B 219 36.07 -0.94 4.84
C PHE B 219 34.71 -0.80 5.51
N GLY B 220 33.80 -1.73 5.25
CA GLY B 220 32.50 -1.72 5.88
C GLY B 220 32.61 -1.88 7.38
N THR B 221 33.58 -2.68 7.82
CA THR B 221 33.80 -2.91 9.24
C THR B 221 34.63 -1.79 9.86
N ALA B 222 35.63 -1.33 9.13
CA ALA B 222 36.48 -0.22 9.57
C ALA B 222 35.62 0.99 9.88
N CYS B 223 34.73 1.32 8.95
CA CYS B 223 33.77 2.40 9.15
C CYS B 223 33.15 2.29 10.54
N SER B 224 32.65 1.10 10.85
CA SER B 224 32.05 0.83 12.15
C SER B 224 33.03 1.10 13.30
N LEU B 225 34.28 0.69 13.12
CA LEU B 225 35.31 0.87 14.15
C LEU B 225 35.66 2.35 14.31
N GLY B 226 35.73 3.05 13.18
CA GLY B 226 35.95 4.49 13.22
C GLY B 226 34.92 5.17 14.08
N LEU B 227 33.67 5.14 13.63
CA LEU B 227 32.57 5.75 14.37
C LEU B 227 32.62 5.39 15.85
N GLY B 228 33.03 4.16 16.13
CA GLY B 228 33.08 3.67 17.50
C GLY B 228 34.08 4.42 18.33
N ALA B 229 35.31 4.52 17.82
CA ALA B 229 36.37 5.25 18.50
C ALA B 229 36.05 6.75 18.52
N LEU B 230 35.62 7.27 17.39
CA LEU B 230 35.28 8.69 17.30
C LEU B 230 34.25 9.07 18.35
N GLN B 231 33.35 8.14 18.65
CA GLN B 231 32.27 8.42 19.60
C GLN B 231 32.69 8.25 21.06
N ILE B 232 33.56 7.28 21.34
CA ILE B 232 34.04 7.08 22.71
C ILE B 232 34.93 8.23 23.17
N GLY B 233 35.81 8.69 22.28
CA GLY B 233 36.67 9.81 22.58
C GLY B 233 35.86 11.04 22.95
N ALA B 234 34.68 11.16 22.36
CA ALA B 234 33.78 12.26 22.67
C ALA B 234 33.18 12.08 24.06
N GLY B 235 32.88 10.84 24.41
CA GLY B 235 32.33 10.52 25.71
C GLY B 235 33.35 10.70 26.81
N LEU B 236 34.63 10.57 26.45
CA LEU B 236 35.73 10.80 27.39
C LEU B 236 35.84 12.29 27.71
N SER B 237 35.27 13.12 26.84
CA SER B 237 35.28 14.57 27.04
C SER B 237 34.00 15.01 27.72
N ALA B 238 32.87 14.44 27.30
CA ALA B 238 31.60 14.67 27.97
C ALA B 238 31.81 14.49 29.47
N ALA B 239 32.12 13.25 29.85
CA ALA B 239 32.71 13.02 31.17
C ALA B 239 34.06 13.72 31.10
N ASN B 240 34.53 14.26 32.21
CA ASN B 240 35.75 15.07 32.17
C ASN B 240 37.04 14.29 32.38
N ILE B 241 37.00 12.99 32.08
CA ILE B 241 38.19 12.15 32.16
C ILE B 241 39.29 12.69 31.25
N ILE B 242 38.88 13.45 30.24
CA ILE B 242 39.82 14.08 29.32
C ILE B 242 39.37 15.51 29.02
N GLU B 243 40.31 16.40 28.74
CA GLU B 243 39.96 17.76 28.36
C GLU B 243 39.24 17.76 27.02
N ASP B 244 40.02 17.69 25.94
CA ASP B 244 39.48 17.56 24.59
C ASP B 244 40.31 16.53 23.83
N PRO B 245 39.64 15.65 23.08
CA PRO B 245 40.32 14.53 22.41
C PRO B 245 41.29 15.02 21.34
N SER B 246 42.43 14.34 21.22
CA SER B 246 43.36 14.60 20.14
C SER B 246 43.64 13.31 19.39
N ASP B 247 44.43 13.40 18.32
CA ASP B 247 44.78 12.21 17.55
C ASP B 247 45.42 11.17 18.45
N TRP B 248 46.22 11.63 19.41
CA TRP B 248 46.92 10.74 20.33
C TRP B 248 45.94 10.05 21.29
N THR B 249 44.70 10.56 21.31
CA THR B 249 43.67 9.96 22.14
C THR B 249 42.90 8.89 21.36
N ILE B 250 42.50 9.23 20.14
CA ILE B 250 41.84 8.27 19.26
C ILE B 250 42.76 7.08 18.97
N VAL B 251 44.04 7.38 18.75
CA VAL B 251 45.04 6.33 18.57
C VAL B 251 45.23 5.55 19.87
N GLY B 252 44.97 6.22 20.99
CA GLY B 252 45.01 5.56 22.28
C GLY B 252 43.87 4.57 22.43
N ILE B 253 42.66 5.02 22.13
CA ILE B 253 41.48 4.18 22.20
C ILE B 253 41.57 2.99 21.25
N VAL B 254 41.79 3.29 19.97
CA VAL B 254 41.87 2.25 18.94
C VAL B 254 42.91 1.19 19.31
N SER B 255 44.04 1.63 19.87
CA SER B 255 45.11 0.69 20.25
C SER B 255 44.69 -0.23 21.38
N VAL B 256 44.08 0.32 22.42
CA VAL B 256 43.62 -0.47 23.56
C VAL B 256 42.56 -1.49 23.12
N LEU B 257 41.62 -1.03 22.30
CA LEU B 257 40.55 -1.88 21.82
C LEU B 257 41.05 -2.91 20.79
N THR B 258 41.98 -2.49 19.93
CA THR B 258 42.58 -3.40 18.96
C THR B 258 43.39 -4.48 19.67
N LEU B 259 44.24 -4.06 20.60
CA LEU B 259 45.03 -4.99 21.39
C LEU B 259 44.14 -5.88 22.25
N ALA B 260 43.04 -5.31 22.75
CA ALA B 260 42.06 -6.09 23.48
C ALA B 260 41.44 -7.14 22.55
N PHE B 261 41.41 -6.82 21.27
CA PHE B 261 40.90 -7.75 20.26
C PHE B 261 41.91 -8.85 19.95
N ILE B 262 43.17 -8.46 19.71
CA ILE B 262 44.22 -9.43 19.42
C ILE B 262 44.20 -10.56 20.44
N PHE B 263 44.10 -10.18 21.72
CA PHE B 263 43.99 -11.15 22.80
C PHE B 263 42.78 -12.05 22.62
N SER B 264 41.59 -11.46 22.72
CA SER B 264 40.34 -12.22 22.68
C SER B 264 40.17 -12.98 21.36
N ALA B 265 40.81 -12.47 20.31
CA ALA B 265 40.79 -13.13 19.01
C ALA B 265 41.38 -14.53 19.15
N ILE B 266 42.52 -14.62 19.82
CA ILE B 266 43.11 -15.90 20.17
C ILE B 266 42.29 -16.48 21.31
N SER B 267 41.06 -16.88 20.99
CA SER B 267 40.06 -17.30 21.97
C SER B 267 40.63 -18.03 23.19
N GLY B 268 40.18 -17.62 24.37
CA GLY B 268 40.54 -18.28 25.60
C GLY B 268 39.47 -19.27 26.03
N VAL B 269 39.03 -19.15 27.27
CA VAL B 269 37.99 -20.05 27.80
C VAL B 269 36.93 -19.27 28.60
N GLY B 270 37.38 -18.59 29.65
CA GLY B 270 36.48 -17.85 30.52
C GLY B 270 35.68 -16.79 29.79
N LYS B 271 36.37 -15.84 29.17
CA LYS B 271 35.71 -14.77 28.44
C LYS B 271 35.71 -15.06 26.95
N GLY B 272 34.52 -15.31 26.40
CA GLY B 272 34.40 -15.63 24.98
C GLY B 272 33.61 -14.61 24.19
N ILE B 273 33.72 -14.68 22.88
CA ILE B 273 33.02 -13.75 21.99
C ILE B 273 31.51 -13.72 22.24
N GLN B 274 30.95 -14.84 22.68
CA GLN B 274 29.51 -14.91 22.88
C GLN B 274 29.07 -14.58 24.31
N TYR B 275 30.02 -14.25 25.19
CA TYR B 275 29.65 -13.70 26.49
C TYR B 275 29.77 -12.17 26.44
N LEU B 276 30.39 -11.67 25.38
CA LEU B 276 30.40 -10.24 25.13
C LEU B 276 29.05 -9.82 24.56
N SER B 277 28.52 -10.62 23.65
CA SER B 277 27.18 -10.38 23.12
C SER B 277 26.19 -10.29 24.26
N ASN B 278 26.28 -11.24 25.20
CA ASN B 278 25.44 -11.23 26.38
C ASN B 278 25.58 -9.90 27.13
N ALA B 279 26.82 -9.49 27.36
CA ALA B 279 27.11 -8.22 28.02
C ALA B 279 26.57 -7.06 27.19
N ASN B 280 26.95 -7.01 25.92
CA ASN B 280 26.37 -6.06 24.98
C ASN B 280 24.89 -5.91 25.24
N MET B 281 24.20 -7.04 25.34
CA MET B 281 22.76 -7.05 25.55
C MET B 281 22.34 -6.39 26.86
N VAL B 282 22.83 -6.90 27.99
CA VAL B 282 22.47 -6.34 29.28
C VAL B 282 22.80 -4.85 29.35
N LEU B 283 23.96 -4.48 28.82
CA LEU B 283 24.36 -3.07 28.76
C LEU B 283 23.37 -2.29 27.91
N ALA B 284 23.28 -2.65 26.64
CA ALA B 284 22.33 -2.02 25.72
C ALA B 284 20.93 -1.94 26.33
N ALA B 285 20.49 -3.04 26.94
CA ALA B 285 19.20 -3.08 27.59
C ALA B 285 19.12 -2.10 28.76
N LEU B 286 20.21 -1.99 29.52
CA LEU B 286 20.26 -1.05 30.63
C LEU B 286 20.18 0.39 30.13
N LEU B 287 20.94 0.71 29.09
CA LEU B 287 20.85 2.02 28.46
C LEU B 287 19.42 2.34 28.01
N ALA B 288 18.88 1.50 27.13
CA ALA B 288 17.55 1.70 26.59
C ALA B 288 16.50 1.87 27.68
N ILE B 289 16.47 0.92 28.62
CA ILE B 289 15.51 0.96 29.72
C ILE B 289 15.63 2.26 30.49
N PHE B 290 16.86 2.63 30.83
CA PHE B 290 17.12 3.86 31.57
C PHE B 290 16.44 5.05 30.89
N VAL B 291 16.90 5.40 29.69
CA VAL B 291 16.30 6.48 28.94
C VAL B 291 14.79 6.32 28.89
N PHE B 292 14.33 5.15 28.45
CA PHE B 292 12.90 4.89 28.31
C PHE B 292 12.09 5.28 29.55
N VAL B 293 12.59 4.93 30.73
CA VAL B 293 11.89 5.21 31.98
C VAL B 293 12.06 6.66 32.46
N VAL B 294 13.30 7.11 32.57
CA VAL B 294 13.56 8.45 33.09
C VAL B 294 13.20 9.52 32.06
N GLY B 295 13.25 9.15 30.79
CA GLY B 295 12.89 10.06 29.72
C GLY B 295 11.39 10.23 29.61
N PRO B 296 10.94 10.83 28.50
CA PRO B 296 9.50 11.04 28.26
C PRO B 296 8.90 9.74 27.72
N THR B 297 8.25 8.99 28.60
CA THR B 297 7.88 7.60 28.32
C THR B 297 6.76 7.43 27.29
N VAL B 298 5.58 7.96 27.59
CA VAL B 298 4.45 7.80 26.69
C VAL B 298 4.75 8.43 25.33
N SER B 299 5.64 9.41 25.30
CA SER B 299 6.02 10.03 24.04
C SER B 299 6.80 9.05 23.16
N ILE B 300 7.65 8.24 23.79
CA ILE B 300 8.38 7.18 23.10
C ILE B 300 7.42 6.09 22.66
N LEU B 301 6.42 5.83 23.50
CA LEU B 301 5.38 4.87 23.18
C LEU B 301 4.57 5.33 21.97
N ASN B 302 4.27 6.62 21.92
CA ASN B 302 3.53 7.18 20.80
C ASN B 302 4.27 6.96 19.49
N LEU B 303 5.59 6.98 19.56
CA LEU B 303 6.42 6.89 18.37
C LEU B 303 6.50 5.50 17.78
N LEU B 304 6.05 4.49 18.52
CA LEU B 304 6.05 3.12 18.01
C LEU B 304 5.04 2.99 16.87
N PRO B 305 3.74 3.17 17.16
CA PRO B 305 2.80 3.28 16.04
C PRO B 305 3.20 4.42 15.12
N GLY B 306 3.63 5.55 15.69
CA GLY B 306 3.99 6.71 14.92
C GLY B 306 5.04 6.38 13.85
N SER B 307 6.09 5.69 14.25
CA SER B 307 7.15 5.32 13.33
C SER B 307 6.67 4.37 12.24
N ILE B 308 5.92 3.34 12.65
CA ILE B 308 5.49 2.28 11.74
C ILE B 308 4.47 2.79 10.74
N GLY B 309 3.48 3.52 11.23
CA GLY B 309 2.47 4.10 10.36
C GLY B 309 3.10 4.94 9.26
N ASN B 310 3.97 5.86 9.67
CA ASN B 310 4.60 6.79 8.74
C ASN B 310 5.61 6.13 7.82
N TYR B 311 6.29 5.11 8.33
CA TYR B 311 7.21 4.35 7.49
C TYR B 311 6.49 3.70 6.31
N LEU B 312 5.34 3.06 6.57
CA LEU B 312 4.60 2.40 5.51
C LEU B 312 3.94 3.45 4.63
N SER B 313 3.55 4.55 5.25
CA SER B 313 2.91 5.63 4.51
C SER B 313 3.83 6.28 3.48
N ASN B 314 5.10 6.43 3.83
CA ASN B 314 6.05 7.17 2.99
C ASN B 314 7.04 6.27 2.26
N PHE B 315 6.86 4.96 2.38
CA PHE B 315 7.83 4.00 1.86
C PHE B 315 8.18 4.24 0.39
N PHE B 316 7.16 4.41 -0.45
CA PHE B 316 7.41 4.51 -1.88
C PHE B 316 7.93 5.89 -2.28
N GLN B 317 7.44 6.93 -1.62
CA GLN B 317 7.98 8.26 -1.82
C GLN B 317 9.49 8.22 -1.57
N MET B 318 9.88 7.77 -0.38
CA MET B 318 11.29 7.71 -0.01
C MET B 318 12.11 6.89 -0.99
N ALA B 319 11.48 5.90 -1.61
CA ALA B 319 12.17 5.02 -2.55
C ALA B 319 12.34 5.71 -3.90
N GLY B 320 11.45 6.67 -4.17
CA GLY B 320 11.48 7.40 -5.42
C GLY B 320 12.45 8.58 -5.40
N ARG B 321 12.99 8.89 -4.23
CA ARG B 321 13.86 10.06 -4.08
C ARG B 321 15.21 9.90 -4.77
N THR B 322 15.53 10.89 -5.59
CA THR B 322 16.77 10.90 -6.36
C THR B 322 17.32 12.31 -6.36
N ALA B 323 18.42 12.52 -7.07
CA ALA B 323 19.01 13.86 -7.15
C ALA B 323 18.10 14.78 -7.93
N MET B 324 17.07 14.21 -8.55
CA MET B 324 16.10 14.99 -9.32
C MET B 324 14.92 15.42 -8.45
N SER B 325 14.97 15.05 -7.17
CA SER B 325 13.84 15.30 -6.29
C SER B 325 13.94 16.67 -5.61
N ALA B 326 12.79 17.27 -5.35
CA ALA B 326 12.74 18.61 -4.77
C ALA B 326 13.40 19.60 -5.73
N ASP B 327 13.13 19.40 -7.01
CA ASP B 327 13.60 20.28 -8.07
C ASP B 327 15.12 20.32 -8.23
N GLY B 328 15.74 19.15 -8.24
CA GLY B 328 17.15 19.02 -8.55
C GLY B 328 18.05 19.30 -7.37
N THR B 329 17.49 19.20 -6.17
CA THR B 329 18.11 19.73 -4.96
C THR B 329 18.61 18.68 -3.98
N ALA B 330 18.06 17.48 -4.07
CA ALA B 330 18.25 16.47 -3.03
C ALA B 330 19.55 15.69 -3.14
N GLY B 331 20.26 15.89 -4.24
CA GLY B 331 21.50 15.18 -4.50
C GLY B 331 22.50 15.12 -3.35
N GLU B 332 22.73 16.24 -2.68
CA GLU B 332 23.72 16.29 -1.61
C GLU B 332 23.25 15.63 -0.31
N TRP B 333 22.02 15.94 0.11
CA TRP B 333 21.43 15.28 1.27
C TRP B 333 21.48 13.76 1.11
N LEU B 334 21.28 13.29 -0.12
CA LEU B 334 21.32 11.86 -0.42
C LEU B 334 22.71 11.27 -0.16
N GLY B 335 23.74 11.97 -0.64
CA GLY B 335 25.10 11.48 -0.51
C GLY B 335 25.61 11.44 0.93
N SER B 336 24.87 12.07 1.83
CA SER B 336 25.30 12.15 3.22
C SER B 336 24.46 11.23 4.09
N TRP B 337 23.34 10.77 3.54
CA TRP B 337 22.45 9.88 4.26
C TRP B 337 22.14 8.57 3.51
N THR B 338 21.09 8.58 2.69
CA THR B 338 20.64 7.34 2.03
C THR B 338 21.75 6.59 1.30
N ILE B 339 22.40 7.26 0.35
CA ILE B 339 23.42 6.62 -0.47
C ILE B 339 24.60 6.12 0.37
N PHE B 340 24.87 6.81 1.48
CA PHE B 340 25.90 6.35 2.40
C PHE B 340 25.49 5.03 3.05
N TYR B 341 24.27 5.00 3.59
CA TYR B 341 23.77 3.80 4.25
C TYR B 341 23.70 2.59 3.31
N TRP B 342 23.12 2.77 2.12
CA TRP B 342 23.04 1.69 1.15
C TRP B 342 24.43 1.12 0.88
N ALA B 343 25.36 1.99 0.49
CA ALA B 343 26.73 1.59 0.25
C ALA B 343 27.28 0.82 1.44
N TRP B 344 27.09 1.38 2.63
CA TRP B 344 27.55 0.75 3.87
C TRP B 344 26.93 -0.63 4.02
N TRP B 345 25.61 -0.71 3.86
CA TRP B 345 24.90 -1.98 4.00
C TRP B 345 25.45 -3.03 3.02
N ILE B 346 25.72 -2.62 1.79
CA ILE B 346 26.27 -3.51 0.79
C ILE B 346 27.65 -4.03 1.20
N SER B 347 28.56 -3.12 1.50
CA SER B 347 29.92 -3.47 1.87
C SER B 347 29.95 -4.39 3.10
N TRP B 348 28.89 -4.34 3.89
CA TRP B 348 28.83 -5.12 5.12
C TRP B 348 28.09 -6.46 4.94
N SER B 349 27.61 -6.71 3.72
CA SER B 349 26.75 -7.87 3.47
C SER B 349 27.45 -9.23 3.60
N PRO B 350 28.67 -9.37 3.07
CA PRO B 350 29.33 -10.68 3.19
C PRO B 350 29.38 -11.12 4.65
N PHE B 351 29.80 -10.21 5.52
CA PHE B 351 29.89 -10.49 6.95
C PHE B 351 28.53 -10.90 7.54
N VAL B 352 27.56 -10.00 7.49
CA VAL B 352 26.24 -10.28 8.05
C VAL B 352 25.56 -11.46 7.36
N GLY B 353 25.75 -11.56 6.04
CA GLY B 353 25.16 -12.65 5.28
C GLY B 353 25.66 -14.00 5.74
N MET B 354 26.97 -14.16 5.79
CA MET B 354 27.56 -15.41 6.27
C MET B 354 27.12 -15.70 7.70
N PHE B 355 27.13 -14.68 8.54
CA PHE B 355 26.67 -14.86 9.92
C PHE B 355 25.23 -15.37 9.97
N LEU B 356 24.39 -14.84 9.09
CA LEU B 356 22.99 -15.22 9.06
C LEU B 356 22.80 -16.64 8.54
N ALA B 357 23.74 -17.08 7.71
CA ALA B 357 23.71 -18.44 7.19
C ALA B 357 24.12 -19.45 8.27
N ARG B 358 25.15 -19.10 9.02
CA ARG B 358 25.72 -20.00 10.03
C ARG B 358 24.77 -20.32 11.19
N ILE B 359 23.69 -19.56 11.32
CA ILE B 359 22.76 -19.77 12.41
C ILE B 359 21.37 -20.16 11.90
N SER B 360 21.26 -20.36 10.60
CA SER B 360 19.95 -20.62 9.99
C SER B 360 19.89 -21.96 9.25
N ARG B 361 20.85 -22.83 9.49
CA ARG B 361 20.82 -24.15 8.88
C ARG B 361 19.59 -24.93 9.37
N GLY B 362 18.89 -25.57 8.44
CA GLY B 362 17.71 -26.34 8.76
C GLY B 362 16.45 -25.50 8.67
N ARG B 363 16.63 -24.21 8.46
CA ARG B 363 15.52 -23.27 8.34
C ARG B 363 14.90 -23.36 6.94
N SER B 364 13.62 -23.03 6.83
CA SER B 364 12.99 -22.92 5.52
C SER B 364 13.24 -21.53 4.93
N ILE B 365 13.30 -21.45 3.60
CA ILE B 365 13.63 -20.19 2.94
C ILE B 365 12.63 -19.08 3.26
N ARG B 366 11.38 -19.45 3.56
CA ARG B 366 10.37 -18.46 3.94
C ARG B 366 10.52 -18.06 5.40
N GLU B 367 10.82 -19.02 6.27
CA GLU B 367 11.08 -18.70 7.67
C GLU B 367 12.26 -17.76 7.79
N PHE B 368 13.33 -18.08 7.08
CA PHE B 368 14.58 -17.32 7.12
C PHE B 368 14.38 -15.84 6.79
N ILE B 369 13.67 -15.58 5.69
CA ILE B 369 13.43 -14.22 5.23
C ILE B 369 12.54 -13.43 6.18
N LEU B 370 11.42 -14.01 6.58
CA LEU B 370 10.52 -13.34 7.52
C LEU B 370 11.22 -12.99 8.83
N GLY B 371 12.11 -13.86 9.29
CA GLY B 371 12.84 -13.62 10.51
C GLY B 371 13.84 -12.49 10.36
N VAL B 372 14.56 -12.50 9.24
CA VAL B 372 15.55 -11.48 8.94
C VAL B 372 14.94 -10.08 8.76
N LEU B 373 13.78 -10.00 8.13
CA LEU B 373 13.15 -8.72 7.81
C LEU B 373 12.32 -8.12 8.94
N LEU B 374 11.95 -8.92 9.94
CA LEU B 374 11.02 -8.44 10.96
C LEU B 374 11.63 -8.30 12.36
N VAL B 375 12.55 -9.19 12.70
CA VAL B 375 13.13 -9.18 14.05
C VAL B 375 14.09 -8.00 14.25
N PRO B 376 15.09 -7.86 13.37
CA PRO B 376 15.99 -6.70 13.50
C PRO B 376 15.22 -5.37 13.42
N ALA B 377 14.16 -5.34 12.61
CA ALA B 377 13.35 -4.14 12.45
C ALA B 377 12.61 -3.78 13.74
N GLY B 378 12.29 -4.79 14.54
CA GLY B 378 11.68 -4.55 15.82
C GLY B 378 12.61 -3.74 16.70
N VAL B 379 13.86 -4.21 16.81
CA VAL B 379 14.87 -3.55 17.65
C VAL B 379 15.14 -2.10 17.23
N SER B 380 15.51 -1.89 15.97
CA SER B 380 15.80 -0.55 15.48
C SER B 380 14.63 0.42 15.69
N THR B 381 13.41 -0.05 15.47
CA THR B 381 12.23 0.75 15.75
C THR B 381 12.22 1.23 17.21
N VAL B 382 12.28 0.30 18.15
CA VAL B 382 12.24 0.62 19.57
C VAL B 382 13.38 1.57 19.95
N TRP B 383 14.55 1.33 19.40
CA TRP B 383 15.74 2.10 19.71
C TRP B 383 15.59 3.56 19.30
N PHE B 384 15.32 3.80 18.01
CA PHE B 384 15.16 5.15 17.51
C PHE B 384 13.96 5.85 18.12
N SER B 385 12.98 5.08 18.57
CA SER B 385 11.83 5.67 19.25
C SER B 385 12.25 6.20 20.62
N ILE B 386 13.23 5.53 21.22
CA ILE B 386 13.73 5.91 22.52
C ILE B 386 14.74 7.07 22.45
N PHE B 387 15.81 6.87 21.70
CA PHE B 387 16.87 7.86 21.57
C PHE B 387 16.51 8.98 20.62
N GLY B 388 16.01 8.62 19.43
CA GLY B 388 15.52 9.62 18.50
C GLY B 388 14.33 10.36 19.10
N GLY B 389 13.47 9.60 19.76
CA GLY B 389 12.26 10.16 20.34
C GLY B 389 12.55 11.21 21.38
N THR B 390 13.38 10.85 22.35
CA THR B 390 13.76 11.76 23.43
C THR B 390 14.44 13.03 22.90
N ALA B 391 15.45 12.85 22.05
CA ALA B 391 16.13 14.00 21.47
C ALA B 391 15.15 14.97 20.83
N ILE B 392 14.10 14.45 20.20
CA ILE B 392 13.10 15.28 19.55
C ILE B 392 12.14 15.88 20.57
N VAL B 393 11.90 15.15 21.66
CA VAL B 393 11.02 15.65 22.71
C VAL B 393 11.73 16.78 23.47
N PHE B 394 13.06 16.75 23.48
CA PHE B 394 13.85 17.84 24.04
C PHE B 394 13.80 19.07 23.15
N GLU B 395 13.98 18.86 21.84
CA GLU B 395 13.93 19.96 20.88
C GLU B 395 12.59 20.71 20.92
N GLN B 396 11.52 19.98 21.19
CA GLN B 396 10.20 20.60 21.23
C GLN B 396 9.97 21.41 22.49
N ASN B 397 10.68 21.06 23.57
CA ASN B 397 10.50 21.73 24.85
C ASN B 397 11.59 22.77 25.12
N GLY B 398 12.27 23.20 24.07
CA GLY B 398 13.32 24.19 24.15
C GLY B 398 14.49 23.80 25.03
N GLU B 399 14.80 22.51 25.06
CA GLU B 399 15.94 22.01 25.82
C GLU B 399 16.87 21.22 24.91
N SER B 400 17.15 21.78 23.73
CA SER B 400 17.92 21.06 22.74
C SER B 400 19.21 20.43 23.26
N ILE B 401 19.41 19.19 22.84
CA ILE B 401 20.59 18.41 23.18
C ILE B 401 21.58 18.55 22.02
N TRP B 402 21.19 19.36 21.04
CA TRP B 402 21.94 19.52 19.78
C TRP B 402 23.37 20.00 19.99
N GLY B 403 23.56 20.89 20.97
CA GLY B 403 24.87 21.45 21.26
C GLY B 403 25.48 22.16 20.06
N ASP B 404 26.71 21.78 19.72
CA ASP B 404 27.40 22.38 18.58
C ASP B 404 27.20 21.58 17.30
N GLY B 405 26.20 20.69 17.32
CA GLY B 405 25.85 19.90 16.14
C GLY B 405 26.91 18.93 15.68
N ALA B 406 27.55 18.25 16.64
CA ALA B 406 28.55 17.24 16.33
C ALA B 406 28.04 15.85 16.73
N ALA B 407 27.66 15.07 15.73
CA ALA B 407 27.11 13.73 15.91
C ALA B 407 27.68 13.03 17.14
N GLU B 408 28.98 12.80 17.13
CA GLU B 408 29.67 12.09 18.21
C GLU B 408 29.23 12.49 19.61
N GLU B 409 28.97 13.78 19.81
CA GLU B 409 28.65 14.31 21.14
C GLU B 409 27.20 14.10 21.57
N GLN B 410 26.30 14.01 20.59
CA GLN B 410 24.86 14.07 20.87
C GLN B 410 24.29 13.06 21.88
N LEU B 411 24.73 11.81 21.82
CA LEU B 411 24.25 10.79 22.77
C LEU B 411 24.53 11.22 24.21
N PHE B 412 25.79 11.55 24.47
CA PHE B 412 26.21 12.02 25.77
C PHE B 412 25.47 13.30 26.14
N GLY B 413 25.13 14.09 25.13
CA GLY B 413 24.30 15.26 25.35
C GLY B 413 22.94 14.86 25.92
N LEU B 414 22.34 13.83 25.32
CA LEU B 414 21.03 13.34 25.75
C LEU B 414 21.10 12.72 27.15
N LEU B 415 22.09 11.88 27.37
CA LEU B 415 22.25 11.21 28.66
C LEU B 415 22.48 12.17 29.83
N HIS B 416 23.40 13.12 29.66
CA HIS B 416 23.72 14.09 30.72
C HIS B 416 22.54 15.00 31.05
N ALA B 417 21.47 14.92 30.27
CA ALA B 417 20.31 15.77 30.49
C ALA B 417 19.26 15.09 31.37
N LEU B 418 19.60 13.89 31.86
CA LEU B 418 18.68 13.10 32.68
C LEU B 418 19.31 12.72 34.01
N PRO B 419 18.49 12.64 35.07
CA PRO B 419 18.94 12.17 36.39
C PRO B 419 19.75 10.89 36.27
N GLY B 420 20.87 10.81 36.98
CA GLY B 420 21.73 9.64 36.90
C GLY B 420 22.41 9.53 35.56
N GLY B 421 22.16 10.52 34.69
CA GLY B 421 22.74 10.53 33.36
C GLY B 421 24.25 10.60 33.34
N GLN B 422 24.84 10.93 34.50
CA GLN B 422 26.29 10.98 34.61
C GLN B 422 26.89 9.58 34.51
N ILE B 423 26.31 8.65 35.25
CA ILE B 423 26.78 7.26 35.27
C ILE B 423 26.52 6.56 33.93
N MET B 424 25.27 6.66 33.45
CA MET B 424 24.88 5.99 32.22
C MET B 424 25.76 6.36 31.03
N GLY B 425 26.36 7.55 31.10
CA GLY B 425 27.27 7.99 30.07
C GLY B 425 28.54 7.16 30.03
N ILE B 426 28.95 6.65 31.18
CA ILE B 426 30.16 5.82 31.26
C ILE B 426 29.87 4.41 30.78
N ILE B 427 28.73 3.87 31.19
CA ILE B 427 28.28 2.57 30.70
C ILE B 427 28.17 2.60 29.17
N ALA B 428 27.71 3.74 28.64
CA ALA B 428 27.66 3.96 27.20
C ALA B 428 29.05 3.79 26.57
N MET B 429 30.07 4.32 27.24
CA MET B 429 31.44 4.23 26.75
C MET B 429 31.92 2.78 26.68
N ILE B 430 31.46 1.96 27.62
CA ILE B 430 31.87 0.57 27.68
C ILE B 430 31.18 -0.24 26.59
N LEU B 431 29.85 -0.14 26.51
CA LEU B 431 29.07 -0.84 25.51
C LEU B 431 29.66 -0.59 24.12
N LEU B 432 30.22 0.59 23.94
CA LEU B 432 30.83 0.99 22.68
C LEU B 432 32.16 0.26 22.48
N GLY B 433 32.92 0.15 23.56
CA GLY B 433 34.21 -0.52 23.52
C GLY B 433 34.06 -2.02 23.33
N THR B 434 33.04 -2.59 23.97
CA THR B 434 32.77 -4.01 23.85
C THR B 434 32.24 -4.34 22.46
N PHE B 435 31.42 -3.45 21.90
CA PHE B 435 31.00 -3.59 20.52
C PHE B 435 32.21 -3.56 19.59
N PHE B 436 33.07 -2.58 19.78
CA PHE B 436 34.29 -2.46 18.97
C PHE B 436 34.99 -3.81 18.86
N ILE B 437 35.08 -4.51 19.98
CA ILE B 437 35.78 -5.79 20.04
C ILE B 437 34.88 -6.95 19.58
N THR B 438 33.63 -6.94 20.04
CA THR B 438 32.66 -7.94 19.64
C THR B 438 32.55 -8.01 18.12
N SER B 439 32.48 -6.86 17.47
CA SER B 439 32.33 -6.80 16.03
C SER B 439 33.66 -7.02 15.31
N ALA B 440 34.76 -6.73 16.00
CA ALA B 440 36.09 -6.97 15.44
C ALA B 440 36.33 -8.46 15.24
N ASP B 441 35.89 -9.27 16.19
CA ASP B 441 36.00 -10.72 16.07
C ASP B 441 35.21 -11.22 14.87
N SER B 442 33.89 -11.04 14.94
CA SER B 442 32.98 -11.54 13.92
C SER B 442 33.44 -11.22 12.49
N ALA B 443 33.76 -9.96 12.24
CA ALA B 443 34.21 -9.54 10.92
C ALA B 443 35.49 -10.28 10.52
N SER B 444 36.47 -10.31 11.42
CA SER B 444 37.75 -10.95 11.16
C SER B 444 37.60 -12.44 10.85
N THR B 445 36.82 -13.14 11.66
CA THR B 445 36.56 -14.55 11.44
C THR B 445 36.10 -14.78 10.01
N VAL B 446 34.96 -14.20 9.68
CA VAL B 446 34.39 -14.32 8.33
C VAL B 446 35.41 -13.95 7.26
N MET B 447 36.14 -12.85 7.47
CA MET B 447 37.17 -12.42 6.54
C MET B 447 38.23 -13.49 6.34
N GLY B 448 38.51 -14.24 7.40
CA GLY B 448 39.46 -15.33 7.31
C GLY B 448 38.89 -16.53 6.57
N THR B 449 37.66 -16.89 6.93
CA THR B 449 36.94 -17.97 6.27
C THR B 449 36.95 -17.77 4.76
N MET B 450 36.85 -16.52 4.33
CA MET B 450 36.80 -16.18 2.92
C MET B 450 38.18 -16.20 2.27
N SER B 451 39.21 -16.25 3.10
CA SER B 451 40.59 -16.28 2.61
C SER B 451 41.23 -17.64 2.84
N GLN B 452 40.41 -18.62 3.20
CA GLN B 452 40.89 -19.99 3.40
C GLN B 452 40.03 -21.00 2.65
N HIS B 453 39.63 -20.63 1.44
CA HIS B 453 38.84 -21.51 0.58
C HIS B 453 37.49 -21.91 1.17
N GLY B 454 37.13 -21.32 2.32
CA GLY B 454 35.81 -21.53 2.90
C GLY B 454 35.79 -22.34 4.18
N GLN B 455 36.94 -22.45 4.83
CA GLN B 455 37.05 -23.19 6.09
C GLN B 455 36.06 -22.66 7.12
N LEU B 456 35.52 -23.54 7.95
CA LEU B 456 34.49 -23.16 8.92
C LEU B 456 35.08 -22.47 10.16
N GLU B 457 36.12 -23.08 10.73
CA GLU B 457 36.80 -22.51 11.89
C GLU B 457 38.16 -21.94 11.50
N ALA B 458 38.15 -20.68 11.08
CA ALA B 458 39.36 -20.03 10.58
C ALA B 458 40.50 -20.01 11.59
N ASN B 459 41.70 -19.66 11.13
CA ASN B 459 42.89 -19.64 11.96
C ASN B 459 43.01 -18.37 12.80
N LYS B 460 43.37 -18.53 14.07
CA LYS B 460 43.46 -17.41 14.99
C LYS B 460 44.59 -16.44 14.66
N TRP B 461 45.36 -16.78 13.63
CA TRP B 461 46.50 -15.94 13.23
C TRP B 461 46.25 -15.17 11.94
N VAL B 462 45.17 -15.50 11.25
CA VAL B 462 44.72 -14.70 10.11
C VAL B 462 43.55 -13.84 10.58
N THR B 463 42.71 -14.43 11.41
CA THR B 463 41.64 -13.69 12.07
C THR B 463 42.20 -12.42 12.69
N ALA B 464 43.16 -12.60 13.59
CA ALA B 464 43.78 -11.48 14.29
C ALA B 464 44.49 -10.54 13.32
N ALA B 465 45.02 -11.09 12.25
CA ALA B 465 45.74 -10.31 11.25
C ALA B 465 44.80 -9.37 10.49
N TRP B 466 43.65 -9.90 10.07
CA TRP B 466 42.66 -9.08 9.36
C TRP B 466 42.08 -8.01 10.27
N GLY B 467 41.81 -8.37 11.53
CA GLY B 467 41.29 -7.42 12.49
C GLY B 467 42.20 -6.22 12.66
N VAL B 468 43.51 -6.49 12.74
CA VAL B 468 44.50 -5.43 12.90
C VAL B 468 44.44 -4.44 11.74
N ALA B 469 44.44 -4.96 10.51
CA ALA B 469 44.36 -4.12 9.32
C ALA B 469 43.00 -3.44 9.23
N THR B 470 41.98 -4.07 9.81
CA THR B 470 40.64 -3.50 9.82
C THR B 470 40.58 -2.34 10.81
N ALA B 471 41.27 -2.48 11.94
CA ALA B 471 41.35 -1.42 12.93
C ALA B 471 42.29 -0.32 12.43
N ALA B 472 43.29 -0.72 11.64
CA ALA B 472 44.23 0.23 11.05
C ALA B 472 43.53 1.12 10.03
N ILE B 473 42.84 0.50 9.08
CA ILE B 473 42.07 1.22 8.08
C ILE B 473 41.14 2.23 8.75
N GLY B 474 40.38 1.76 9.73
CA GLY B 474 39.45 2.61 10.45
C GLY B 474 40.14 3.79 11.09
N LEU B 475 41.22 3.51 11.82
CA LEU B 475 41.97 4.55 12.51
C LEU B 475 42.51 5.58 11.52
N THR B 476 42.81 5.12 10.30
CA THR B 476 43.33 6.01 9.26
C THR B 476 42.30 7.03 8.82
N LEU B 477 41.11 6.55 8.47
CA LEU B 477 40.05 7.41 7.96
C LEU B 477 39.68 8.51 8.96
N LEU B 478 40.06 8.33 10.22
CA LEU B 478 39.83 9.34 11.23
C LEU B 478 40.96 10.37 11.27
N LEU B 479 42.18 9.91 11.01
CA LEU B 479 43.35 10.78 11.01
C LEU B 479 43.41 11.61 9.74
N SER B 480 43.25 10.96 8.60
CA SER B 480 43.25 11.65 7.32
C SER B 480 42.17 12.71 7.29
N GLY B 481 40.98 12.34 7.77
CA GLY B 481 39.87 13.28 7.84
C GLY B 481 40.16 14.49 8.71
N GLY B 482 40.56 14.23 9.95
CA GLY B 482 40.83 15.30 10.89
C GLY B 482 39.56 15.88 11.48
N ASP B 483 39.23 17.10 11.05
CA ASP B 483 38.00 17.76 11.50
C ASP B 483 36.81 17.32 10.66
N ASN B 484 37.10 16.68 9.53
CA ASN B 484 36.07 16.08 8.70
C ASN B 484 36.20 14.56 8.71
N ALA B 485 36.41 13.99 9.89
CA ALA B 485 36.60 12.56 10.05
C ALA B 485 35.36 11.77 9.67
N LEU B 486 34.24 12.10 10.32
CA LEU B 486 32.95 11.50 10.01
C LEU B 486 32.65 11.63 8.52
N SER B 487 32.90 12.81 7.96
CA SER B 487 32.70 13.05 6.53
C SER B 487 33.61 12.14 5.71
N ASN B 488 34.85 11.97 6.18
CA ASN B 488 35.84 11.17 5.46
C ASN B 488 35.57 9.68 5.61
N LEU B 489 35.05 9.31 6.77
CA LEU B 489 34.72 7.92 7.07
C LEU B 489 33.65 7.41 6.12
N GLN B 490 32.67 8.28 5.85
CA GLN B 490 31.56 7.94 4.96
C GLN B 490 32.00 7.86 3.50
N ASN B 491 32.54 8.95 2.98
CA ASN B 491 32.98 9.03 1.59
C ASN B 491 33.79 7.81 1.13
N VAL B 492 34.72 7.35 1.96
CA VAL B 492 35.57 6.22 1.60
C VAL B 492 34.78 4.92 1.54
N THR B 493 33.82 4.77 2.46
CA THR B 493 32.96 3.59 2.47
C THR B 493 32.20 3.46 1.15
N ILE B 494 31.52 4.54 0.77
CA ILE B 494 30.75 4.58 -0.47
C ILE B 494 31.58 4.19 -1.68
N VAL B 495 32.88 4.47 -1.61
CA VAL B 495 33.78 4.13 -2.71
C VAL B 495 34.11 2.63 -2.73
N ALA B 496 34.49 2.10 -1.58
CA ALA B 496 34.93 0.71 -1.49
C ALA B 496 33.77 -0.28 -1.65
N ALA B 497 32.55 0.24 -1.58
CA ALA B 497 31.36 -0.61 -1.65
C ALA B 497 30.76 -0.66 -3.05
N THR B 498 31.19 0.25 -3.93
CA THR B 498 30.59 0.37 -5.25
C THR B 498 30.74 -0.88 -6.12
N PRO B 499 31.96 -1.41 -6.24
CA PRO B 499 32.13 -2.64 -7.02
C PRO B 499 31.23 -3.78 -6.52
N PHE B 500 31.19 -3.97 -5.21
CA PHE B 500 30.45 -5.08 -4.61
C PHE B 500 28.93 -4.95 -4.83
N LEU B 501 28.48 -3.74 -5.13
CA LEU B 501 27.06 -3.50 -5.39
C LEU B 501 26.56 -4.38 -6.51
N PHE B 502 27.38 -4.55 -7.54
CA PHE B 502 27.00 -5.38 -8.69
C PHE B 502 27.06 -6.86 -8.36
N VAL B 503 27.98 -7.23 -7.46
CA VAL B 503 28.06 -8.60 -6.98
C VAL B 503 26.74 -9.00 -6.33
N VAL B 504 26.23 -8.13 -5.47
CA VAL B 504 24.96 -8.38 -4.79
C VAL B 504 23.81 -8.43 -5.78
N ILE B 505 23.90 -7.65 -6.85
CA ILE B 505 22.88 -7.65 -7.89
C ILE B 505 22.87 -8.96 -8.64
N GLY B 506 24.04 -9.37 -9.12
CA GLY B 506 24.17 -10.65 -9.81
C GLY B 506 23.77 -11.80 -8.90
N LEU B 507 24.00 -11.63 -7.62
CA LEU B 507 23.70 -12.66 -6.63
C LEU B 507 22.21 -13.02 -6.67
N MET B 508 21.40 -12.11 -7.19
CA MET B 508 19.97 -12.37 -7.36
C MET B 508 19.73 -13.43 -8.44
N PHE B 509 20.42 -13.29 -9.56
CA PHE B 509 20.28 -14.24 -10.66
C PHE B 509 20.86 -15.61 -10.27
N ALA B 510 22.08 -15.59 -9.74
CA ALA B 510 22.74 -16.82 -9.32
C ALA B 510 21.91 -17.56 -8.28
N LEU B 511 21.12 -16.83 -7.52
CA LEU B 511 20.25 -17.43 -6.52
C LEU B 511 18.99 -17.98 -7.17
N VAL B 512 18.53 -17.30 -8.21
CA VAL B 512 17.33 -17.73 -8.93
C VAL B 512 17.60 -19.00 -9.76
N LYS B 513 18.78 -19.08 -10.35
CA LYS B 513 19.17 -20.25 -11.14
C LYS B 513 19.29 -21.47 -10.24
N ASP B 514 20.00 -21.29 -9.12
CA ASP B 514 20.13 -22.34 -8.11
C ASP B 514 18.77 -22.82 -7.63
N LEU B 515 18.00 -21.92 -7.03
CA LEU B 515 16.69 -22.28 -6.50
C LEU B 515 15.81 -22.99 -7.53
N SER B 516 16.10 -22.78 -8.81
CA SER B 516 15.32 -23.41 -9.87
C SER B 516 15.81 -24.84 -10.13
N ASN B 517 17.10 -25.06 -9.99
CA ASN B 517 17.70 -26.37 -10.22
C ASN B 517 17.66 -27.28 -8.99
N ASP B 518 16.83 -26.94 -8.01
CA ASP B 518 16.74 -27.73 -6.80
C ASP B 518 15.97 -29.02 -7.06
N VAL B 519 15.92 -29.90 -6.06
CA VAL B 519 15.29 -31.20 -6.21
C VAL B 519 13.79 -31.15 -5.89
N ILE B 520 13.45 -30.75 -4.67
CA ILE B 520 12.05 -30.61 -4.27
C ILE B 520 11.26 -29.78 -5.27
N TYR B 521 11.82 -28.64 -5.67
CA TYR B 521 11.14 -27.71 -6.58
C TYR B 521 10.80 -28.38 -7.91
N LEU B 522 11.62 -29.34 -8.32
CA LEU B 522 11.38 -30.08 -9.56
C LEU B 522 10.24 -31.09 -9.40
N GLU B 523 9.93 -31.44 -8.15
CA GLU B 523 8.86 -32.38 -7.86
C GLU B 523 7.57 -31.65 -7.47
N ALA C 27 -35.35 -18.33 35.12
CA ALA C 27 -34.32 -19.00 34.33
C ALA C 27 -33.02 -19.15 35.13
N SER C 28 -31.95 -19.53 34.44
CA SER C 28 -30.66 -19.68 35.08
C SER C 28 -29.88 -18.37 35.06
N LEU C 29 -30.08 -17.56 36.08
CA LEU C 29 -29.37 -16.29 36.19
C LEU C 29 -28.03 -16.46 36.91
N ASN C 30 -27.00 -15.80 36.36
CA ASN C 30 -25.67 -15.85 36.95
C ASN C 30 -25.46 -14.62 37.82
N TRP C 31 -26.14 -14.58 38.96
CA TRP C 31 -26.11 -13.41 39.85
C TRP C 31 -24.70 -12.92 40.14
N SER C 32 -23.73 -13.85 40.18
CA SER C 32 -22.35 -13.48 40.41
C SER C 32 -21.86 -12.50 39.35
N VAL C 33 -22.40 -12.64 38.13
CA VAL C 33 -22.08 -11.72 37.04
C VAL C 33 -22.99 -10.49 37.07
N ILE C 34 -24.29 -10.73 37.20
CA ILE C 34 -25.30 -9.68 37.13
C ILE C 34 -25.10 -8.57 38.14
N VAL C 35 -24.81 -8.94 39.38
CA VAL C 35 -24.77 -7.97 40.48
C VAL C 35 -23.62 -6.95 40.40
N PRO C 36 -22.37 -7.43 40.28
CA PRO C 36 -21.25 -6.50 40.15
C PRO C 36 -21.43 -5.59 38.93
N ALA C 37 -22.07 -6.11 37.89
CA ALA C 37 -22.33 -5.32 36.69
C ALA C 37 -23.45 -4.32 36.93
N LEU C 38 -24.43 -4.71 37.74
CA LEU C 38 -25.58 -3.86 38.01
C LEU C 38 -25.23 -2.80 39.06
N VAL C 39 -24.24 -3.10 39.90
CA VAL C 39 -23.79 -2.13 40.89
C VAL C 39 -23.13 -0.93 40.22
N ILE C 40 -22.07 -1.18 39.46
CA ILE C 40 -21.32 -0.12 38.80
C ILE C 40 -22.25 0.80 38.02
N VAL C 41 -23.18 0.20 37.28
CA VAL C 41 -24.15 0.98 36.50
C VAL C 41 -24.94 1.94 37.39
N LEU C 42 -25.60 1.39 38.40
CA LEU C 42 -26.39 2.21 39.31
C LEU C 42 -25.48 3.13 40.13
N ALA C 43 -24.31 2.62 40.48
CA ALA C 43 -23.33 3.43 41.20
C ALA C 43 -22.98 4.67 40.38
N THR C 44 -23.13 4.54 39.06
CA THR C 44 -22.82 5.63 38.15
C THR C 44 -23.99 6.62 38.02
N VAL C 45 -25.21 6.11 37.95
CA VAL C 45 -26.38 6.97 37.82
C VAL C 45 -26.57 7.86 39.05
N VAL C 46 -26.19 7.35 40.21
CA VAL C 46 -26.32 8.11 41.46
C VAL C 46 -25.22 9.15 41.58
N TRP C 47 -24.00 8.77 41.21
CA TRP C 47 -22.87 9.67 41.25
C TRP C 47 -23.09 10.83 40.27
N GLY C 48 -23.58 10.51 39.09
CA GLY C 48 -23.78 11.50 38.05
C GLY C 48 -25.00 12.37 38.23
N ILE C 49 -26.14 11.75 38.54
CA ILE C 49 -27.38 12.49 38.74
C ILE C 49 -27.45 13.10 40.15
N GLY C 50 -26.56 12.66 41.03
CA GLY C 50 -26.54 13.14 42.39
C GLY C 50 -25.52 14.25 42.63
N PHE C 51 -24.33 14.11 42.04
CA PHE C 51 -23.25 15.07 42.23
C PHE C 51 -22.64 15.50 40.91
N LYS C 52 -23.46 16.11 40.05
CA LYS C 52 -23.03 16.52 38.72
C LYS C 52 -21.56 16.93 38.65
N ASP C 53 -21.18 17.88 39.51
CA ASP C 53 -19.84 18.45 39.49
C ASP C 53 -18.76 17.43 39.84
N SER C 54 -19.02 16.60 40.85
CA SER C 54 -18.04 15.61 41.27
C SER C 54 -17.86 14.54 40.20
N PHE C 55 -18.93 14.27 39.46
CA PHE C 55 -18.89 13.29 38.39
C PHE C 55 -18.17 13.84 37.16
N THR C 56 -18.61 15.01 36.70
CA THR C 56 -18.01 15.65 35.53
C THR C 56 -16.54 15.96 35.76
N ASN C 57 -16.16 16.16 37.02
CA ASN C 57 -14.76 16.41 37.36
C ASN C 57 -13.93 15.14 37.31
N PHE C 58 -14.54 14.00 37.62
CA PHE C 58 -13.87 12.72 37.48
C PHE C 58 -13.80 12.27 36.01
N ALA C 59 -14.91 12.46 35.30
CA ALA C 59 -14.99 12.08 33.90
C ALA C 59 -13.89 12.77 33.09
N SER C 60 -13.78 14.09 33.28
CA SER C 60 -12.79 14.88 32.54
C SER C 60 -11.37 14.62 33.02
N SER C 61 -11.24 14.21 34.28
CA SER C 61 -9.92 13.94 34.86
C SER C 61 -9.36 12.62 34.34
N ALA C 62 -10.13 11.56 34.50
CA ALA C 62 -9.74 10.23 34.02
C ALA C 62 -9.57 10.22 32.49
N LEU C 63 -10.44 10.97 31.80
CA LEU C 63 -10.35 11.08 30.35
C LEU C 63 -8.95 11.50 29.93
N SER C 64 -8.29 12.31 30.76
CA SER C 64 -6.97 12.83 30.45
C SER C 64 -5.89 11.78 30.70
N ALA C 65 -6.04 11.03 31.78
CA ALA C 65 -5.05 10.02 32.13
C ALA C 65 -5.04 8.88 31.13
N VAL C 66 -6.21 8.54 30.62
CA VAL C 66 -6.34 7.44 29.67
C VAL C 66 -5.86 7.85 28.29
N VAL C 67 -6.28 9.03 27.83
CA VAL C 67 -5.87 9.53 26.52
C VAL C 67 -4.36 9.79 26.45
N ASP C 68 -3.80 10.30 27.55
CA ASP C 68 -2.39 10.67 27.58
C ASP C 68 -1.45 9.47 27.80
N ASN C 69 -1.88 8.51 28.62
CA ASN C 69 -1.04 7.36 28.95
C ASN C 69 -1.31 6.10 28.14
N LEU C 70 -2.51 5.99 27.55
CA LEU C 70 -2.89 4.77 26.84
C LEU C 70 -3.30 5.00 25.40
N GLY C 71 -3.35 6.26 24.98
CA GLY C 71 -3.71 6.57 23.61
C GLY C 71 -2.88 5.80 22.62
N TRP C 72 -1.61 5.58 22.98
CA TRP C 72 -0.70 4.86 22.10
C TRP C 72 -1.23 3.44 21.88
N ALA C 73 -1.86 2.90 22.93
CA ALA C 73 -2.40 1.55 22.90
C ALA C 73 -3.60 1.45 21.96
N PHE C 74 -4.60 2.31 22.14
CA PHE C 74 -5.71 2.37 21.19
C PHE C 74 -5.25 2.54 19.73
N ILE C 75 -4.19 3.32 19.51
CA ILE C 75 -3.74 3.64 18.16
C ILE C 75 -2.86 2.54 17.58
N LEU C 76 -2.06 1.89 18.42
CA LEU C 76 -1.19 0.81 17.94
C LEU C 76 -2.00 -0.45 17.64
N PHE C 77 -2.87 -0.84 18.56
CA PHE C 77 -3.64 -2.07 18.40
C PHE C 77 -4.87 -1.92 17.51
N GLY C 78 -5.44 -0.72 17.47
CA GLY C 78 -6.48 -0.42 16.51
C GLY C 78 -6.10 -0.88 15.11
N THR C 79 -4.83 -0.67 14.76
CA THR C 79 -4.33 -1.05 13.45
C THR C 79 -3.76 -2.47 13.41
N VAL C 80 -3.29 -2.95 14.56
CA VAL C 80 -2.89 -4.36 14.65
C VAL C 80 -4.10 -5.27 14.42
N PHE C 81 -5.28 -4.83 14.89
CA PHE C 81 -6.53 -5.56 14.68
C PHE C 81 -6.82 -5.76 13.20
N VAL C 82 -6.72 -4.68 12.42
CA VAL C 82 -7.00 -4.75 10.99
C VAL C 82 -6.01 -5.70 10.33
N PHE C 83 -4.75 -5.63 10.75
CA PHE C 83 -3.71 -6.49 10.18
C PHE C 83 -3.99 -7.92 10.53
N PHE C 84 -4.20 -8.17 11.82
CA PHE C 84 -4.49 -9.50 12.35
C PHE C 84 -5.63 -10.18 11.59
N ILE C 85 -6.80 -9.55 11.57
CA ILE C 85 -7.99 -10.15 11.00
C ILE C 85 -7.89 -10.42 9.51
N VAL C 86 -7.09 -9.63 8.80
CA VAL C 86 -6.88 -9.85 7.37
C VAL C 86 -5.93 -11.02 7.14
N VAL C 87 -4.87 -11.11 7.94
CA VAL C 87 -3.94 -12.22 7.85
C VAL C 87 -4.64 -13.55 8.18
N ILE C 88 -5.48 -13.54 9.22
CA ILE C 88 -6.26 -14.71 9.57
C ILE C 88 -7.04 -15.21 8.36
N ALA C 89 -7.75 -14.30 7.70
CA ALA C 89 -8.51 -14.64 6.50
C ALA C 89 -7.61 -15.17 5.38
N ALA C 90 -6.42 -14.58 5.24
CA ALA C 90 -5.49 -14.98 4.19
C ALA C 90 -4.91 -16.38 4.42
N SER C 91 -5.09 -16.92 5.61
CA SER C 91 -4.37 -18.13 6.02
C SER C 91 -5.21 -19.40 5.85
N LYS C 92 -4.62 -20.54 6.18
CA LYS C 92 -5.33 -21.80 6.09
C LYS C 92 -6.57 -21.78 6.98
N PHE C 93 -6.45 -21.16 8.14
CA PHE C 93 -7.57 -20.99 9.05
C PHE C 93 -8.82 -20.48 8.33
N GLY C 94 -8.63 -19.85 7.17
CA GLY C 94 -9.72 -19.26 6.43
C GLY C 94 -10.73 -20.26 5.87
N THR C 95 -10.24 -21.45 5.51
CA THR C 95 -11.11 -22.48 4.95
C THR C 95 -12.00 -23.15 5.99
N ILE C 96 -11.54 -23.19 7.25
CA ILE C 96 -12.36 -23.71 8.35
C ILE C 96 -13.77 -23.15 8.31
N ARG C 97 -14.72 -23.82 8.97
CA ARG C 97 -16.10 -23.37 8.92
C ARG C 97 -16.71 -23.15 10.29
N LEU C 98 -17.55 -22.13 10.38
CA LEU C 98 -18.13 -21.76 11.67
C LEU C 98 -19.27 -22.70 12.02
N GLY C 99 -18.89 -23.93 12.37
CA GLY C 99 -19.82 -25.01 12.63
C GLY C 99 -19.12 -26.35 12.46
N ARG C 100 -19.89 -27.42 12.38
CA ARG C 100 -19.32 -28.77 12.21
C ARG C 100 -18.63 -28.91 10.86
N ILE C 101 -17.67 -29.81 10.77
CA ILE C 101 -16.88 -29.98 9.55
C ILE C 101 -17.75 -29.95 8.29
N ASP C 102 -17.21 -29.37 7.24
CA ASP C 102 -17.93 -29.08 5.98
C ASP C 102 -19.40 -28.68 6.14
N GLU C 103 -19.72 -27.98 7.22
CA GLU C 103 -21.07 -27.45 7.36
C GLU C 103 -21.30 -26.30 6.35
N ALA C 104 -22.53 -25.81 6.29
CA ALA C 104 -22.89 -24.78 5.32
C ALA C 104 -23.85 -23.80 5.97
N PRO C 105 -23.97 -22.60 5.37
CA PRO C 105 -24.74 -21.49 5.94
C PRO C 105 -26.23 -21.77 6.01
N GLU C 106 -26.90 -21.16 6.98
CA GLU C 106 -28.34 -21.27 7.14
C GLU C 106 -29.10 -20.38 6.15
N PHE C 107 -28.56 -19.20 5.87
CA PHE C 107 -29.20 -18.27 4.93
C PHE C 107 -28.50 -18.28 3.57
N ARG C 108 -29.14 -17.68 2.57
CA ARG C 108 -28.46 -17.35 1.33
C ARG C 108 -27.47 -16.23 1.65
N THR C 109 -26.39 -16.11 0.88
CA THR C 109 -25.41 -15.06 1.14
C THR C 109 -26.03 -13.68 0.96
N VAL C 110 -27.01 -13.60 0.06
CA VAL C 110 -27.74 -12.35 -0.16
C VAL C 110 -28.50 -11.90 1.10
N SER C 111 -29.06 -12.85 1.83
CA SER C 111 -29.76 -12.52 3.06
C SER C 111 -28.77 -12.19 4.18
N TRP C 112 -27.57 -12.71 4.05
CA TRP C 112 -26.50 -12.47 4.99
C TRP C 112 -26.03 -11.02 4.82
N ILE C 113 -25.72 -10.67 3.57
CA ILE C 113 -25.33 -9.32 3.20
C ILE C 113 -26.37 -8.29 3.62
N SER C 114 -27.63 -8.56 3.33
CA SER C 114 -28.71 -7.65 3.70
C SER C 114 -28.74 -7.37 5.20
N MET C 115 -28.42 -8.38 6.02
CA MET C 115 -28.43 -8.21 7.46
C MET C 115 -27.21 -7.42 7.94
N MET C 116 -26.14 -7.44 7.15
CA MET C 116 -24.94 -6.69 7.49
C MET C 116 -25.07 -5.25 7.01
N PHE C 117 -25.73 -5.06 5.87
CA PHE C 117 -26.10 -3.73 5.41
C PHE C 117 -26.85 -3.02 6.53
N ALA C 118 -27.93 -3.64 6.99
CA ALA C 118 -28.80 -3.05 8.00
C ALA C 118 -28.09 -2.89 9.34
N ALA C 119 -26.97 -3.59 9.50
CA ALA C 119 -26.18 -3.47 10.72
C ALA C 119 -25.30 -2.22 10.64
N GLY C 120 -24.90 -1.86 9.43
CA GLY C 120 -24.05 -0.71 9.21
C GLY C 120 -24.71 0.61 9.56
N MET C 121 -26.04 0.63 9.55
CA MET C 121 -26.81 1.81 9.90
C MET C 121 -26.92 1.97 11.42
N GLY C 122 -27.71 2.95 11.84
CA GLY C 122 -27.86 3.25 13.26
C GLY C 122 -27.68 4.71 13.58
N ILE C 123 -27.82 5.05 14.85
CA ILE C 123 -27.74 6.44 15.31
C ILE C 123 -26.43 7.15 14.94
N GLY C 124 -25.31 6.49 15.18
CA GLY C 124 -24.00 7.06 14.90
C GLY C 124 -23.85 7.68 13.52
N LEU C 125 -24.48 7.06 12.50
CA LEU C 125 -24.43 7.60 11.15
C LEU C 125 -25.31 8.84 11.06
N MET C 126 -26.51 8.74 11.61
CA MET C 126 -27.40 9.89 11.70
C MET C 126 -26.71 11.08 12.33
N PHE C 127 -26.16 10.89 13.52
CA PHE C 127 -25.53 11.95 14.29
C PHE C 127 -24.34 12.57 13.55
N TYR C 128 -23.39 11.73 13.16
CA TYR C 128 -22.11 12.20 12.64
C TYR C 128 -22.01 12.25 11.12
N GLY C 129 -23.11 11.92 10.44
CA GLY C 129 -23.10 11.83 8.99
C GLY C 129 -22.83 13.15 8.32
N THR C 130 -23.44 14.20 8.85
CA THR C 130 -23.23 15.54 8.33
C THR C 130 -22.07 16.21 9.07
N THR C 131 -22.17 16.18 10.40
CA THR C 131 -21.21 16.85 11.27
C THR C 131 -19.74 16.53 10.98
N GLU C 132 -19.41 15.24 10.91
CA GLU C 132 -18.00 14.83 10.88
C GLU C 132 -17.22 15.29 9.65
N PRO C 133 -17.66 14.88 8.46
CA PRO C 133 -16.87 15.28 7.29
C PRO C 133 -16.94 16.79 7.06
N LEU C 134 -17.90 17.46 7.69
CA LEU C 134 -17.99 18.92 7.60
C LEU C 134 -16.95 19.60 8.49
N THR C 135 -16.92 19.18 9.75
CA THR C 135 -15.96 19.69 10.73
C THR C 135 -14.53 19.58 10.20
N PHE C 136 -14.17 18.42 9.67
CA PHE C 136 -12.84 18.18 9.15
C PHE C 136 -12.52 19.11 7.97
N TYR C 137 -13.56 19.49 7.22
CA TYR C 137 -13.39 20.35 6.07
C TYR C 137 -13.24 21.83 6.46
N ARG C 138 -14.07 22.29 7.40
CA ARG C 138 -13.97 23.65 7.89
C ARG C 138 -12.67 23.88 8.68
N ASN C 139 -12.47 23.09 9.73
CA ASN C 139 -11.36 23.30 10.65
C ASN C 139 -10.03 22.73 10.16
N GLY C 140 -10.10 21.78 9.24
CA GLY C 140 -8.92 21.07 8.80
C GLY C 140 -8.55 19.96 9.78
N VAL C 141 -7.56 19.18 9.44
CA VAL C 141 -7.15 18.03 10.25
C VAL C 141 -5.67 18.11 10.64
N PRO C 142 -5.32 17.67 11.86
CA PRO C 142 -3.91 17.69 12.25
C PRO C 142 -3.03 17.10 11.13
N GLY C 143 -2.06 17.88 10.65
CA GLY C 143 -1.17 17.44 9.59
C GLY C 143 -1.51 18.03 8.22
N HIS C 144 -2.61 18.77 8.14
CA HIS C 144 -3.15 19.20 6.85
C HIS C 144 -3.79 20.58 6.85
N ASP C 145 -3.94 21.14 5.65
CA ASP C 145 -4.58 22.44 5.48
C ASP C 145 -6.10 22.32 5.53
N GLU C 146 -6.77 23.37 5.99
CA GLU C 146 -8.22 23.37 6.05
C GLU C 146 -8.83 23.38 4.64
N HIS C 147 -10.13 23.10 4.55
CA HIS C 147 -10.82 23.10 3.27
C HIS C 147 -10.30 22.04 2.32
N ASN C 148 -9.80 20.93 2.88
CA ASN C 148 -9.34 19.80 2.09
C ASN C 148 -10.40 18.69 1.98
N VAL C 149 -10.97 18.52 0.79
CA VAL C 149 -12.06 17.57 0.59
C VAL C 149 -11.62 16.12 0.80
N GLY C 150 -10.57 15.71 0.09
CA GLY C 150 -10.07 14.34 0.18
C GLY C 150 -9.74 13.93 1.60
N VAL C 151 -9.13 14.83 2.35
CA VAL C 151 -8.74 14.53 3.72
C VAL C 151 -9.96 14.46 4.64
N ALA C 152 -10.93 15.32 4.37
CA ALA C 152 -12.17 15.31 5.13
C ALA C 152 -12.84 13.93 5.05
N MET C 153 -12.94 13.41 3.83
CA MET C 153 -13.58 12.12 3.57
C MET C 153 -12.74 10.93 4.08
N SER C 154 -11.46 10.91 3.73
CA SER C 154 -10.58 9.81 4.13
C SER C 154 -10.46 9.66 5.65
N THR C 155 -10.43 10.78 6.35
CA THR C 155 -10.37 10.77 7.81
C THR C 155 -11.68 10.19 8.36
N THR C 156 -12.77 10.39 7.63
CA THR C 156 -14.07 9.84 8.03
C THR C 156 -14.13 8.32 7.80
N MET C 157 -13.84 7.90 6.58
CA MET C 157 -13.74 6.48 6.28
C MET C 157 -12.96 5.78 7.38
N PHE C 158 -11.78 6.30 7.66
CA PHE C 158 -10.89 5.73 8.65
C PHE C 158 -11.62 5.35 9.95
N HIS C 159 -12.56 6.17 10.36
CA HIS C 159 -13.24 5.98 11.64
C HIS C 159 -14.42 5.04 11.54
N TRP C 160 -14.89 4.78 10.31
CA TRP C 160 -16.17 4.09 10.13
C TRP C 160 -16.12 2.85 9.22
N THR C 161 -14.92 2.43 8.79
CA THR C 161 -14.85 1.26 7.93
C THR C 161 -13.96 0.15 8.53
N LEU C 162 -12.86 -0.17 7.86
CA LEU C 162 -12.00 -1.27 8.28
C LEU C 162 -11.75 -1.33 9.78
N HIS C 163 -11.42 -0.19 10.40
CA HIS C 163 -11.03 -0.21 11.82
C HIS C 163 -12.11 -0.75 12.77
N PRO C 164 -13.31 -0.16 12.77
CA PRO C 164 -14.31 -0.69 13.69
C PRO C 164 -14.69 -2.14 13.39
N TRP C 165 -14.89 -2.47 12.12
CA TRP C 165 -15.32 -3.81 11.74
C TRP C 165 -14.26 -4.90 11.89
N ALA C 166 -12.99 -4.52 11.83
CA ALA C 166 -11.91 -5.43 12.19
C ALA C 166 -12.09 -5.90 13.64
N ILE C 167 -12.54 -4.99 14.50
CA ILE C 167 -12.77 -5.31 15.91
C ILE C 167 -14.03 -6.16 16.09
N TYR C 168 -15.09 -5.81 15.35
CA TYR C 168 -16.31 -6.59 15.41
C TYR C 168 -16.03 -8.00 14.89
N ALA C 169 -15.32 -8.07 13.77
CA ALA C 169 -14.90 -9.34 13.21
C ALA C 169 -14.15 -10.18 14.25
N ILE C 170 -13.20 -9.57 14.94
CA ILE C 170 -12.37 -10.30 15.90
C ILE C 170 -13.22 -10.91 17.02
N VAL C 171 -14.17 -10.12 17.54
CA VAL C 171 -15.02 -10.58 18.64
C VAL C 171 -16.11 -11.52 18.12
N GLY C 172 -16.50 -11.35 16.86
CA GLY C 172 -17.43 -12.26 16.22
C GLY C 172 -16.82 -13.64 16.00
N LEU C 173 -15.68 -13.67 15.31
CA LEU C 173 -14.97 -14.91 15.03
C LEU C 173 -14.66 -15.72 16.28
N ALA C 174 -14.44 -15.04 17.40
CA ALA C 174 -14.14 -15.73 18.65
C ALA C 174 -15.38 -16.40 19.23
N ILE C 175 -16.49 -15.67 19.23
CA ILE C 175 -17.75 -16.18 19.76
C ILE C 175 -18.30 -17.28 18.86
N ALA C 176 -18.22 -17.07 17.55
CA ALA C 176 -18.71 -18.05 16.61
C ALA C 176 -17.90 -19.34 16.68
N TYR C 177 -16.58 -19.23 16.56
CA TYR C 177 -15.75 -20.42 16.60
C TYR C 177 -15.90 -21.16 17.92
N SER C 178 -16.19 -20.41 18.99
CA SER C 178 -16.34 -20.99 20.31
C SER C 178 -17.67 -21.70 20.44
N THR C 179 -18.72 -21.09 19.89
CA THR C 179 -20.07 -21.62 19.98
C THR C 179 -20.37 -22.74 18.97
N PHE C 180 -20.03 -22.50 17.71
CA PHE C 180 -20.41 -23.40 16.62
C PHE C 180 -19.39 -24.48 16.31
N ARG C 181 -18.13 -24.25 16.64
CA ARG C 181 -17.08 -25.19 16.29
C ARG C 181 -16.67 -26.10 17.46
N VAL C 182 -16.99 -25.68 18.68
CA VAL C 182 -16.49 -26.36 19.86
C VAL C 182 -17.58 -26.64 20.90
N GLY C 183 -18.77 -26.09 20.67
CA GLY C 183 -19.89 -26.33 21.56
C GLY C 183 -19.74 -25.76 22.95
N ARG C 184 -19.01 -24.66 23.06
CA ARG C 184 -18.91 -23.95 24.33
C ARG C 184 -20.11 -23.00 24.44
N LYS C 185 -20.32 -22.44 25.62
CA LYS C 185 -21.39 -21.48 25.80
C LYS C 185 -21.13 -20.21 24.98
N GLN C 186 -22.20 -19.60 24.50
CA GLN C 186 -22.09 -18.35 23.75
C GLN C 186 -21.76 -17.23 24.72
N LEU C 187 -20.59 -17.34 25.34
CA LEU C 187 -20.12 -16.38 26.32
C LEU C 187 -18.75 -15.89 25.89
N LEU C 188 -18.40 -14.67 26.29
CA LEU C 188 -17.11 -14.12 25.91
C LEU C 188 -15.99 -14.89 26.60
N SER C 189 -16.21 -15.22 27.88
CA SER C 189 -15.21 -15.93 28.67
C SER C 189 -14.90 -17.31 28.09
N SER C 190 -15.85 -17.86 27.36
CA SER C 190 -15.65 -19.15 26.74
C SER C 190 -14.61 -19.05 25.63
N ALA C 191 -14.43 -17.84 25.11
CA ALA C 191 -13.48 -17.63 24.03
C ALA C 191 -12.05 -17.63 24.56
N PHE C 192 -11.93 -17.52 25.88
CA PHE C 192 -10.63 -17.46 26.55
C PHE C 192 -10.22 -18.80 27.15
N VAL C 193 -10.87 -19.87 26.71
CA VAL C 193 -10.58 -21.21 27.22
C VAL C 193 -9.16 -21.68 26.89
N PRO C 194 -8.68 -21.45 25.65
CA PRO C 194 -7.34 -21.89 25.25
C PRO C 194 -6.21 -21.33 26.12
N LEU C 195 -6.46 -20.18 26.75
CA LEU C 195 -5.41 -19.52 27.54
C LEU C 195 -5.64 -19.72 29.04
N ILE C 196 -6.92 -19.84 29.41
CA ILE C 196 -7.30 -19.79 30.81
C ILE C 196 -7.72 -21.16 31.35
N GLY C 197 -8.11 -22.05 30.43
CA GLY C 197 -8.52 -23.39 30.80
C GLY C 197 -9.97 -23.43 31.22
N GLU C 198 -10.57 -24.62 31.18
CA GLU C 198 -11.95 -24.80 31.59
C GLU C 198 -12.18 -24.26 33.00
N LYS C 199 -11.31 -24.64 33.94
CA LYS C 199 -11.42 -24.18 35.31
C LYS C 199 -11.48 -22.66 35.38
N GLY C 200 -10.51 -22.01 34.74
CA GLY C 200 -10.38 -20.57 34.78
C GLY C 200 -11.58 -19.83 34.23
N ALA C 201 -12.23 -20.39 33.22
CA ALA C 201 -13.36 -19.72 32.59
C ALA C 201 -14.63 -19.80 33.44
N GLU C 202 -14.60 -20.67 34.44
CA GLU C 202 -15.70 -20.75 35.40
C GLU C 202 -15.33 -20.01 36.68
N GLY C 203 -14.05 -19.72 36.84
CA GLY C 203 -13.55 -19.01 38.00
C GLY C 203 -13.74 -17.51 37.91
N TRP C 204 -12.93 -16.77 38.66
CA TRP C 204 -13.06 -15.32 38.76
C TRP C 204 -12.66 -14.62 37.46
N LEU C 205 -11.47 -14.95 36.96
CA LEU C 205 -10.97 -14.34 35.73
C LEU C 205 -11.99 -14.49 34.61
N GLY C 206 -12.56 -15.69 34.49
CA GLY C 206 -13.60 -15.95 33.51
C GLY C 206 -14.81 -15.07 33.72
N LYS C 207 -15.17 -14.85 34.98
CA LYS C 207 -16.33 -14.02 35.31
C LYS C 207 -16.05 -12.54 35.10
N LEU C 208 -14.85 -12.11 35.50
CA LEU C 208 -14.43 -10.72 35.27
C LEU C 208 -14.64 -10.37 33.80
N ILE C 209 -14.18 -11.27 32.93
CA ILE C 209 -14.30 -11.06 31.49
C ILE C 209 -15.75 -10.89 31.07
N ASP C 210 -16.65 -11.62 31.70
CA ASP C 210 -18.07 -11.52 31.39
C ASP C 210 -18.66 -10.21 31.90
N ILE C 211 -18.18 -9.74 33.05
CA ILE C 211 -18.68 -8.52 33.64
C ILE C 211 -18.23 -7.29 32.85
N LEU C 212 -16.95 -7.25 32.48
CA LEU C 212 -16.43 -6.14 31.68
C LEU C 212 -17.15 -6.08 30.33
N ALA C 213 -17.55 -7.25 29.83
CA ALA C 213 -18.30 -7.34 28.57
C ALA C 213 -19.65 -6.64 28.69
N ILE C 214 -20.37 -6.94 29.77
CA ILE C 214 -21.68 -6.35 30.01
C ILE C 214 -21.59 -4.85 30.31
N ILE C 215 -20.54 -4.44 31.03
CA ILE C 215 -20.33 -3.03 31.33
C ILE C 215 -20.01 -2.26 30.06
N ALA C 216 -19.12 -2.81 29.24
CA ALA C 216 -18.75 -2.18 27.98
C ALA C 216 -19.98 -2.04 27.08
N THR C 217 -20.86 -3.03 27.12
CA THR C 217 -22.04 -3.03 26.26
C THR C 217 -23.05 -1.97 26.67
N VAL C 218 -23.24 -1.78 27.97
CA VAL C 218 -24.22 -0.82 28.46
C VAL C 218 -23.77 0.61 28.17
N PHE C 219 -22.51 0.90 28.44
CA PHE C 219 -21.96 2.24 28.24
C PHE C 219 -21.86 2.57 26.75
N GLY C 220 -21.35 1.64 25.97
CA GLY C 220 -21.22 1.83 24.54
C GLY C 220 -22.57 2.01 23.86
N THR C 221 -23.61 1.46 24.48
CA THR C 221 -24.97 1.58 23.95
C THR C 221 -25.63 2.86 24.47
N ALA C 222 -25.43 3.14 25.75
CA ALA C 222 -25.94 4.36 26.36
C ALA C 222 -25.44 5.54 25.54
N CYS C 223 -24.18 5.47 25.12
CA CYS C 223 -23.58 6.51 24.28
C CYS C 223 -24.39 6.68 23.00
N SER C 224 -24.83 5.57 22.44
CA SER C 224 -25.65 5.59 21.24
C SER C 224 -27.02 6.20 21.54
N LEU C 225 -27.65 5.74 22.61
CA LEU C 225 -28.95 6.25 23.02
C LEU C 225 -28.86 7.75 23.34
N GLY C 226 -27.81 8.13 24.07
CA GLY C 226 -27.57 9.52 24.43
C GLY C 226 -27.51 10.42 23.22
N LEU C 227 -26.60 10.13 22.29
CA LEU C 227 -26.53 10.85 21.02
C LEU C 227 -27.90 10.99 20.38
N GLY C 228 -28.64 9.88 20.30
CA GLY C 228 -29.96 9.87 19.71
C GLY C 228 -30.91 10.83 20.41
N ALA C 229 -30.94 10.77 21.74
CA ALA C 229 -31.82 11.62 22.53
C ALA C 229 -31.50 13.09 22.27
N LEU C 230 -30.22 13.43 22.34
CA LEU C 230 -29.76 14.77 22.07
C LEU C 230 -30.23 15.22 20.69
N GLN C 231 -29.95 14.39 19.69
CA GLN C 231 -30.20 14.75 18.30
C GLN C 231 -31.69 14.92 17.98
N ILE C 232 -32.54 14.16 18.64
CA ILE C 232 -33.98 14.28 18.43
C ILE C 232 -34.54 15.52 19.13
N GLY C 233 -34.04 15.80 20.33
CA GLY C 233 -34.40 17.01 21.04
C GLY C 233 -34.08 18.24 20.21
N ALA C 234 -32.92 18.21 19.56
CA ALA C 234 -32.50 19.30 18.69
C ALA C 234 -33.34 19.35 17.43
N GLY C 235 -33.93 18.21 17.07
CA GLY C 235 -34.75 18.13 15.88
C GLY C 235 -36.15 18.66 16.11
N LEU C 236 -36.55 18.71 17.38
CA LEU C 236 -37.85 19.26 17.75
C LEU C 236 -37.86 20.76 17.53
N SER C 237 -36.72 21.40 17.78
CA SER C 237 -36.59 22.85 17.64
C SER C 237 -36.56 23.29 16.18
N ALA C 238 -35.88 22.52 15.34
CA ALA C 238 -35.75 22.85 13.93
C ALA C 238 -37.08 22.67 13.20
N ALA C 239 -37.97 21.89 13.78
CA ALA C 239 -39.32 21.72 13.24
C ALA C 239 -40.27 22.67 13.95
N ASN C 240 -39.71 23.47 14.84
CA ASN C 240 -40.49 24.41 15.66
C ASN C 240 -41.65 23.74 16.39
N ILE C 241 -41.32 22.71 17.16
CA ILE C 241 -42.30 22.03 18.01
C ILE C 241 -41.91 22.24 19.48
N ILE C 242 -40.96 23.15 19.70
CA ILE C 242 -40.49 23.49 21.04
C ILE C 242 -39.48 24.64 20.99
N GLU C 243 -39.36 25.38 22.09
CA GLU C 243 -38.49 26.56 22.13
C GLU C 243 -37.00 26.22 22.27
N ASP C 244 -36.70 25.20 23.06
CA ASP C 244 -35.31 24.87 23.38
C ASP C 244 -35.20 23.47 23.96
N PRO C 245 -34.18 22.71 23.51
CA PRO C 245 -33.88 21.38 24.07
C PRO C 245 -33.51 21.44 25.54
N SER C 246 -34.49 21.64 26.41
CA SER C 246 -34.26 21.74 27.84
C SER C 246 -34.22 20.37 28.52
N ASP C 247 -33.76 20.34 29.76
CA ASP C 247 -33.57 19.08 30.47
C ASP C 247 -34.86 18.28 30.63
N TRP C 248 -35.91 18.92 31.10
CA TRP C 248 -37.19 18.22 31.31
C TRP C 248 -37.79 17.76 29.98
N THR C 249 -37.04 17.99 28.89
CA THR C 249 -37.46 17.55 27.57
C THR C 249 -36.67 16.31 27.14
N ILE C 250 -35.36 16.32 27.42
CA ILE C 250 -34.50 15.18 27.10
C ILE C 250 -34.97 13.93 27.84
N VAL C 251 -35.20 14.07 29.15
CA VAL C 251 -35.70 12.97 29.96
C VAL C 251 -37.07 12.52 29.47
N GLY C 252 -37.85 13.46 28.94
CA GLY C 252 -39.15 13.16 28.39
C GLY C 252 -39.03 12.37 27.10
N ILE C 253 -37.96 12.62 26.36
CA ILE C 253 -37.67 11.88 25.14
C ILE C 253 -37.22 10.46 25.47
N VAL C 254 -36.25 10.36 26.38
CA VAL C 254 -35.74 9.07 26.82
C VAL C 254 -36.85 8.22 27.42
N SER C 255 -37.62 8.79 28.34
CA SER C 255 -38.68 8.07 29.04
C SER C 255 -39.71 7.46 28.08
N VAL C 256 -40.19 8.26 27.13
CA VAL C 256 -41.18 7.77 26.16
C VAL C 256 -40.61 6.64 25.31
N LEU C 257 -39.41 6.83 24.80
CA LEU C 257 -38.76 5.79 23.99
C LEU C 257 -38.42 4.57 24.82
N THR C 258 -38.01 4.79 26.07
CA THR C 258 -37.72 3.69 26.99
C THR C 258 -38.94 2.81 27.19
N LEU C 259 -40.10 3.43 27.42
CA LEU C 259 -41.32 2.68 27.61
C LEU C 259 -41.72 1.91 26.34
N ALA C 260 -41.57 2.56 25.19
CA ALA C 260 -41.86 1.91 23.91
C ALA C 260 -40.96 0.69 23.71
N PHE C 261 -39.83 0.68 24.41
CA PHE C 261 -38.91 -0.44 24.40
C PHE C 261 -39.43 -1.58 25.27
N ILE C 262 -40.05 -1.22 26.39
CA ILE C 262 -40.64 -2.21 27.28
C ILE C 262 -41.77 -2.96 26.55
N PHE C 263 -42.63 -2.21 25.88
CA PHE C 263 -43.70 -2.81 25.09
C PHE C 263 -43.14 -3.83 24.11
N SER C 264 -42.15 -3.40 23.33
CA SER C 264 -41.53 -4.25 22.33
C SER C 264 -40.74 -5.40 22.95
N ALA C 265 -40.35 -5.23 24.21
CA ALA C 265 -39.54 -6.22 24.90
C ALA C 265 -40.37 -7.40 25.44
N ILE C 266 -41.53 -7.10 26.00
CA ILE C 266 -42.39 -8.14 26.59
C ILE C 266 -43.14 -8.90 25.51
N SER C 267 -43.51 -8.22 24.43
CA SER C 267 -44.28 -8.81 23.34
C SER C 267 -43.41 -9.67 22.43
N GLY C 268 -42.29 -10.16 22.96
CA GLY C 268 -41.34 -10.91 22.18
C GLY C 268 -40.36 -9.99 21.47
N VAL C 269 -39.10 -10.05 21.88
CA VAL C 269 -38.07 -9.19 21.29
C VAL C 269 -37.94 -9.44 19.80
N GLY C 270 -38.26 -10.66 19.37
CA GLY C 270 -38.17 -11.04 17.97
C GLY C 270 -39.08 -10.25 17.07
N LYS C 271 -40.34 -10.08 17.46
CA LYS C 271 -41.32 -9.37 16.65
C LYS C 271 -40.88 -7.93 16.39
N GLY C 272 -40.34 -7.29 17.42
CA GLY C 272 -39.93 -5.90 17.33
C GLY C 272 -38.75 -5.69 16.41
N ILE C 273 -37.61 -6.24 16.78
CA ILE C 273 -36.37 -6.06 16.02
C ILE C 273 -36.57 -6.20 14.51
N GLN C 274 -37.10 -7.35 14.09
CA GLN C 274 -37.26 -7.62 12.66
C GLN C 274 -38.24 -6.66 11.99
N TYR C 275 -39.26 -6.23 12.74
CA TYR C 275 -40.23 -5.30 12.19
C TYR C 275 -39.68 -3.89 12.11
N LEU C 276 -39.09 -3.43 13.21
CA LEU C 276 -38.54 -2.08 13.28
C LEU C 276 -37.39 -1.89 12.29
N SER C 277 -36.58 -2.93 12.10
CA SER C 277 -35.52 -2.89 11.11
C SER C 277 -36.10 -2.54 9.74
N ASN C 278 -37.28 -3.09 9.44
CA ASN C 278 -37.98 -2.77 8.20
C ASN C 278 -38.25 -1.27 8.11
N ALA C 279 -38.81 -0.72 9.19
CA ALA C 279 -39.01 0.72 9.28
C ALA C 279 -37.66 1.40 9.09
N ASN C 280 -36.70 1.00 9.91
CA ASN C 280 -35.36 1.57 9.88
C ASN C 280 -34.78 1.65 8.47
N MET C 281 -34.87 0.55 7.73
CA MET C 281 -34.31 0.52 6.38
C MET C 281 -35.14 1.33 5.38
N VAL C 282 -36.45 1.34 5.59
CA VAL C 282 -37.33 2.13 4.73
C VAL C 282 -37.14 3.62 4.96
N LEU C 283 -37.15 4.03 6.22
CA LEU C 283 -36.95 5.42 6.58
C LEU C 283 -35.56 5.89 6.16
N ALA C 284 -34.54 5.11 6.54
CA ALA C 284 -33.16 5.44 6.22
C ALA C 284 -32.96 5.60 4.71
N ALA C 285 -33.51 4.68 3.94
CA ALA C 285 -33.40 4.74 2.49
C ALA C 285 -34.01 6.02 1.92
N LEU C 286 -35.08 6.49 2.57
CA LEU C 286 -35.75 7.71 2.13
C LEU C 286 -34.88 8.95 2.32
N LEU C 287 -34.36 9.13 3.53
CA LEU C 287 -33.46 10.23 3.80
C LEU C 287 -32.33 10.24 2.77
N ALA C 288 -31.68 9.09 2.62
CA ALA C 288 -30.52 8.98 1.74
C ALA C 288 -30.86 9.32 0.29
N ILE C 289 -31.98 8.82 -0.20
CA ILE C 289 -32.35 9.07 -1.60
C ILE C 289 -32.84 10.50 -1.78
N PHE C 290 -33.59 11.01 -0.81
CA PHE C 290 -34.05 12.38 -0.86
C PHE C 290 -32.89 13.36 -1.02
N VAL C 291 -31.93 13.29 -0.10
CA VAL C 291 -30.75 14.12 -0.18
C VAL C 291 -29.94 13.85 -1.46
N PHE C 292 -29.89 12.58 -1.87
CA PHE C 292 -29.13 12.22 -3.06
C PHE C 292 -29.74 12.81 -4.33
N VAL C 293 -31.06 12.85 -4.37
CA VAL C 293 -31.78 13.30 -5.56
C VAL C 293 -31.99 14.81 -5.56
N VAL C 294 -32.23 15.36 -4.37
CA VAL C 294 -32.53 16.78 -4.24
C VAL C 294 -31.27 17.59 -3.99
N GLY C 295 -30.23 16.93 -3.47
CA GLY C 295 -28.96 17.59 -3.24
C GLY C 295 -28.09 17.62 -4.48
N PRO C 296 -26.80 17.96 -4.31
CA PRO C 296 -25.86 18.03 -5.43
C PRO C 296 -25.49 16.64 -5.95
N THR C 297 -26.43 16.00 -6.64
CA THR C 297 -26.29 14.59 -7.06
C THR C 297 -24.90 14.25 -7.59
N VAL C 298 -24.45 14.97 -8.62
CA VAL C 298 -23.18 14.69 -9.27
C VAL C 298 -21.98 14.80 -8.30
N SER C 299 -22.03 15.78 -7.40
CA SER C 299 -20.95 15.97 -6.44
C SER C 299 -20.87 14.82 -5.46
N ILE C 300 -22.03 14.27 -5.10
CA ILE C 300 -22.10 13.12 -4.23
C ILE C 300 -21.50 11.89 -4.91
N LEU C 301 -21.82 11.72 -6.20
CA LEU C 301 -21.27 10.62 -6.98
C LEU C 301 -19.74 10.70 -7.07
N ASN C 302 -19.22 11.91 -7.25
CA ASN C 302 -17.78 12.10 -7.34
C ASN C 302 -17.07 11.64 -6.07
N LEU C 303 -17.75 11.76 -4.94
CA LEU C 303 -17.16 11.44 -3.65
C LEU C 303 -17.06 9.94 -3.43
N LEU C 304 -17.70 9.16 -4.29
CA LEU C 304 -17.60 7.71 -4.18
C LEU C 304 -16.18 7.24 -4.49
N PRO C 305 -15.71 7.41 -5.74
CA PRO C 305 -14.30 7.06 -5.95
C PRO C 305 -13.41 8.01 -5.16
N GLY C 306 -13.89 9.23 -4.93
CA GLY C 306 -13.16 10.20 -4.13
C GLY C 306 -12.80 9.70 -2.74
N SER C 307 -13.81 9.27 -1.98
CA SER C 307 -13.57 8.75 -0.64
C SER C 307 -12.69 7.51 -0.65
N ILE C 308 -12.96 6.58 -1.56
CA ILE C 308 -12.22 5.33 -1.59
C ILE C 308 -10.74 5.57 -1.91
N GLY C 309 -10.48 6.37 -2.94
CA GLY C 309 -9.11 6.67 -3.34
C GLY C 309 -8.28 7.36 -2.26
N ASN C 310 -8.88 8.33 -1.59
CA ASN C 310 -8.19 9.06 -0.56
C ASN C 310 -7.95 8.21 0.68
N TYR C 311 -8.98 7.47 1.08
CA TYR C 311 -8.89 6.58 2.24
C TYR C 311 -7.77 5.55 2.08
N LEU C 312 -7.59 5.04 0.87
CA LEU C 312 -6.50 4.10 0.64
C LEU C 312 -5.19 4.85 0.66
N SER C 313 -5.18 6.02 0.03
CA SER C 313 -3.97 6.82 -0.07
C SER C 313 -3.42 7.19 1.30
N ASN C 314 -4.30 7.61 2.20
CA ASN C 314 -3.88 8.15 3.49
C ASN C 314 -3.98 7.17 4.66
N PHE C 315 -4.20 5.89 4.37
CA PHE C 315 -4.47 4.90 5.41
C PHE C 315 -3.40 4.83 6.50
N PHE C 316 -2.17 4.52 6.10
CA PHE C 316 -1.08 4.38 7.06
C PHE C 316 -0.65 5.72 7.67
N GLN C 317 -0.80 6.80 6.91
CA GLN C 317 -0.55 8.13 7.44
C GLN C 317 -1.45 8.36 8.63
N MET C 318 -2.73 8.05 8.48
CA MET C 318 -3.70 8.22 9.56
C MET C 318 -3.43 7.23 10.71
N ALA C 319 -2.96 6.03 10.35
CA ALA C 319 -2.66 5.03 11.37
C ALA C 319 -1.54 5.54 12.28
N GLY C 320 -0.55 6.18 11.68
CA GLY C 320 0.63 6.61 12.41
C GLY C 320 0.50 7.87 13.24
N ARG C 321 -0.68 8.50 13.21
CA ARG C 321 -0.92 9.77 13.90
C ARG C 321 -1.14 9.59 15.39
N THR C 322 -0.42 10.37 16.18
CA THR C 322 -0.48 10.29 17.63
C THR C 322 -0.31 11.68 18.23
N ALA C 323 -0.16 11.71 19.55
CA ALA C 323 0.06 12.96 20.27
C ALA C 323 1.38 13.61 19.86
N MET C 324 2.27 12.81 19.29
CA MET C 324 3.56 13.31 18.83
C MET C 324 3.49 13.84 17.40
N SER C 325 2.38 13.58 16.74
CA SER C 325 2.20 14.00 15.35
C SER C 325 1.84 15.48 15.30
N ALA C 326 2.13 16.11 14.15
CA ALA C 326 1.86 17.53 13.99
C ALA C 326 2.75 18.33 14.96
N ASP C 327 4.03 17.97 14.99
CA ASP C 327 5.02 18.66 15.79
C ASP C 327 4.66 18.67 17.28
N GLY C 328 3.88 17.70 17.70
CA GLY C 328 3.57 17.53 19.11
C GLY C 328 2.30 18.21 19.54
N THR C 329 1.41 18.47 18.58
CA THR C 329 0.22 19.28 18.85
C THR C 329 -1.13 18.58 18.64
N ALA C 330 -1.12 17.33 18.15
CA ALA C 330 -2.36 16.70 17.68
C ALA C 330 -3.16 15.92 18.73
N GLY C 331 -2.60 15.78 19.92
CA GLY C 331 -3.20 14.95 20.96
C GLY C 331 -4.62 15.27 21.36
N GLU C 332 -5.00 16.54 21.28
CA GLU C 332 -6.32 16.95 21.75
C GLU C 332 -7.41 16.58 20.74
N TRP C 333 -7.07 16.73 19.45
CA TRP C 333 -7.95 16.34 18.35
C TRP C 333 -8.21 14.83 18.42
N LEU C 334 -7.13 14.06 18.46
CA LEU C 334 -7.17 12.64 18.75
C LEU C 334 -8.20 12.29 19.82
N GLY C 335 -8.19 13.03 20.92
CA GLY C 335 -9.05 12.71 22.05
C GLY C 335 -10.51 12.99 21.80
N SER C 336 -10.79 13.86 20.84
CA SER C 336 -12.17 14.25 20.54
C SER C 336 -12.71 13.47 19.35
N TRP C 337 -11.82 12.75 18.67
CA TRP C 337 -12.22 11.99 17.50
C TRP C 337 -11.67 10.56 17.53
N THR C 338 -10.52 10.35 16.91
CA THR C 338 -9.97 9.02 16.73
C THR C 338 -10.06 8.17 17.99
N ILE C 339 -9.41 8.60 19.07
CA ILE C 339 -9.40 7.84 20.31
C ILE C 339 -10.81 7.65 20.87
N PHE C 340 -11.70 8.63 20.64
CA PHE C 340 -13.08 8.45 21.04
C PHE C 340 -13.72 7.23 20.37
N TYR C 341 -13.73 7.25 19.03
CA TYR C 341 -14.32 6.16 18.24
C TYR C 341 -13.77 4.78 18.61
N TRP C 342 -12.45 4.63 18.59
CA TRP C 342 -11.81 3.38 19.00
C TRP C 342 -12.41 2.82 20.30
N ALA C 343 -12.49 3.65 21.33
CA ALA C 343 -13.06 3.22 22.60
C ALA C 343 -14.51 2.81 22.40
N TRP C 344 -15.24 3.57 21.60
CA TRP C 344 -16.65 3.32 21.36
C TRP C 344 -16.86 1.99 20.63
N TRP C 345 -16.09 1.77 19.57
CA TRP C 345 -16.17 0.53 18.82
C TRP C 345 -15.81 -0.65 19.71
N ILE C 346 -14.79 -0.47 20.53
CA ILE C 346 -14.36 -1.50 21.47
C ILE C 346 -15.50 -1.84 22.44
N SER C 347 -16.07 -0.83 23.08
CA SER C 347 -17.13 -1.06 24.07
C SER C 347 -18.34 -1.76 23.44
N TRP C 348 -18.60 -1.47 22.18
CA TRP C 348 -19.76 -2.03 21.48
C TRP C 348 -19.51 -3.44 20.92
N SER C 349 -18.24 -3.82 20.86
CA SER C 349 -17.84 -5.05 20.17
C SER C 349 -18.54 -6.35 20.65
N PRO C 350 -18.64 -6.55 21.98
CA PRO C 350 -19.30 -7.77 22.44
C PRO C 350 -20.66 -7.96 21.78
N PHE C 351 -21.44 -6.89 21.71
CA PHE C 351 -22.78 -6.96 21.14
C PHE C 351 -22.81 -7.20 19.63
N VAL C 352 -22.19 -6.32 18.85
CA VAL C 352 -22.21 -6.45 17.40
C VAL C 352 -21.46 -7.70 16.92
N GLY C 353 -20.59 -8.23 17.76
CA GLY C 353 -19.89 -9.47 17.46
C GLY C 353 -20.76 -10.69 17.70
N MET C 354 -21.50 -10.67 18.81
CA MET C 354 -22.45 -11.73 19.09
C MET C 354 -23.52 -11.79 18.02
N PHE C 355 -23.95 -10.62 17.58
CA PHE C 355 -24.91 -10.52 16.49
C PHE C 355 -24.32 -11.06 15.18
N LEU C 356 -23.07 -10.71 14.90
CA LEU C 356 -22.41 -11.19 13.70
C LEU C 356 -22.27 -12.71 13.70
N ALA C 357 -22.03 -13.29 14.88
CA ALA C 357 -21.92 -14.73 15.01
C ALA C 357 -23.27 -15.39 14.72
N ARG C 358 -24.29 -14.94 15.44
CA ARG C 358 -25.63 -15.52 15.35
C ARG C 358 -26.25 -15.53 13.94
N ILE C 359 -25.65 -14.81 13.00
CA ILE C 359 -26.14 -14.79 11.62
C ILE C 359 -25.12 -15.36 10.64
N SER C 360 -24.01 -15.86 11.17
CA SER C 360 -22.92 -16.29 10.30
C SER C 360 -22.49 -17.76 10.45
N ARG C 361 -23.35 -18.59 11.05
CA ARG C 361 -23.01 -20.00 11.21
C ARG C 361 -22.88 -20.73 9.87
N GLY C 362 -21.91 -21.64 9.79
CA GLY C 362 -21.72 -22.43 8.59
C GLY C 362 -20.95 -21.68 7.52
N ARG C 363 -20.63 -20.44 7.80
CA ARG C 363 -19.78 -19.63 6.93
C ARG C 363 -18.34 -20.06 7.11
N SER C 364 -17.54 -19.93 6.06
CA SER C 364 -16.09 -20.10 6.22
C SER C 364 -15.50 -18.85 6.89
N ILE C 365 -14.47 -19.05 7.71
CA ILE C 365 -13.84 -17.94 8.43
C ILE C 365 -13.43 -16.83 7.46
N ARG C 366 -12.82 -17.22 6.36
CA ARG C 366 -12.40 -16.29 5.32
C ARG C 366 -13.57 -15.51 4.71
N GLU C 367 -14.62 -16.21 4.34
CA GLU C 367 -15.79 -15.59 3.74
C GLU C 367 -16.49 -14.65 4.73
N PHE C 368 -16.45 -15.04 5.99
CA PHE C 368 -17.01 -14.23 7.08
C PHE C 368 -16.24 -12.91 7.27
N ILE C 369 -14.91 -13.00 7.34
CA ILE C 369 -14.07 -11.82 7.51
C ILE C 369 -14.25 -10.78 6.40
N LEU C 370 -14.19 -11.23 5.14
CA LEU C 370 -14.39 -10.32 4.01
C LEU C 370 -15.77 -9.66 4.01
N GLY C 371 -16.81 -10.45 4.26
CA GLY C 371 -18.16 -9.92 4.28
C GLY C 371 -18.36 -8.83 5.33
N VAL C 372 -17.81 -9.05 6.52
CA VAL C 372 -17.98 -8.12 7.64
C VAL C 372 -17.24 -6.80 7.41
N LEU C 373 -16.05 -6.91 6.86
CA LEU C 373 -15.28 -5.73 6.50
C LEU C 373 -15.97 -4.93 5.39
N LEU C 374 -16.05 -5.53 4.21
CA LEU C 374 -16.50 -4.84 3.00
C LEU C 374 -17.96 -4.35 2.98
N VAL C 375 -18.90 -5.16 3.45
CA VAL C 375 -20.32 -4.85 3.23
C VAL C 375 -20.76 -3.58 3.97
N PRO C 376 -20.51 -3.50 5.29
CA PRO C 376 -20.82 -2.28 6.04
C PRO C 376 -20.08 -1.05 5.49
N ALA C 377 -18.80 -1.21 5.16
CA ALA C 377 -18.01 -0.15 4.55
C ALA C 377 -18.76 0.56 3.43
N GLY C 378 -19.32 -0.22 2.51
CA GLY C 378 -20.08 0.35 1.41
C GLY C 378 -21.20 1.24 1.89
N VAL C 379 -21.82 0.88 3.01
CA VAL C 379 -22.91 1.67 3.57
C VAL C 379 -22.38 3.02 4.03
N SER C 380 -21.47 2.99 4.99
CA SER C 380 -20.86 4.22 5.50
C SER C 380 -20.30 5.04 4.34
N THR C 381 -19.48 4.43 3.49
CA THR C 381 -18.96 5.10 2.30
C THR C 381 -20.03 5.89 1.52
N VAL C 382 -21.15 5.25 1.24
CA VAL C 382 -22.23 5.91 0.52
C VAL C 382 -22.92 6.96 1.39
N TRP C 383 -23.18 6.60 2.64
CA TRP C 383 -23.94 7.46 3.55
C TRP C 383 -23.22 8.79 3.81
N PHE C 384 -21.91 8.72 3.99
CA PHE C 384 -21.10 9.93 4.25
C PHE C 384 -20.92 10.78 3.00
N SER C 385 -20.81 10.14 1.84
CA SER C 385 -20.74 10.88 0.58
C SER C 385 -22.01 11.68 0.34
N ILE C 386 -23.15 11.15 0.80
CA ILE C 386 -24.41 11.85 0.60
C ILE C 386 -24.54 13.02 1.57
N PHE C 387 -24.42 12.75 2.86
CA PHE C 387 -24.62 13.78 3.88
C PHE C 387 -23.43 14.70 4.06
N GLY C 388 -22.24 14.12 4.25
CA GLY C 388 -21.03 14.91 4.34
C GLY C 388 -20.77 15.68 3.05
N GLY C 389 -20.85 14.98 1.93
CA GLY C 389 -20.60 15.58 0.63
C GLY C 389 -21.50 16.76 0.34
N THR C 390 -22.77 16.66 0.72
CA THR C 390 -23.73 17.73 0.51
C THR C 390 -23.43 18.91 1.44
N ALA C 391 -23.06 18.61 2.68
CA ALA C 391 -22.68 19.65 3.63
C ALA C 391 -21.49 20.43 3.11
N ILE C 392 -20.50 19.71 2.59
CA ILE C 392 -19.29 20.34 2.05
C ILE C 392 -19.58 21.20 0.82
N VAL C 393 -20.46 20.72 -0.05
CA VAL C 393 -20.87 21.50 -1.22
C VAL C 393 -21.53 22.83 -0.83
N PHE C 394 -22.26 22.82 0.27
CA PHE C 394 -22.90 24.02 0.78
C PHE C 394 -21.88 25.06 1.24
N GLU C 395 -20.90 24.60 2.01
CA GLU C 395 -19.80 25.44 2.44
C GLU C 395 -19.17 26.09 1.21
N GLN C 396 -18.70 25.27 0.30
CA GLN C 396 -18.02 25.72 -0.91
C GLN C 396 -18.79 26.81 -1.67
N ASN C 397 -20.11 26.71 -1.68
CA ASN C 397 -20.93 27.65 -2.45
C ASN C 397 -21.53 28.78 -1.62
N GLY C 398 -20.87 29.12 -0.52
CA GLY C 398 -21.28 30.24 0.31
C GLY C 398 -22.68 30.11 0.89
N GLU C 399 -23.06 28.90 1.27
CA GLU C 399 -24.35 28.65 1.90
C GLU C 399 -24.18 27.72 3.08
N SER C 400 -23.13 27.94 3.87
CA SER C 400 -22.79 27.07 4.99
C SER C 400 -24.02 26.69 5.81
N ILE C 401 -24.01 25.46 6.31
CA ILE C 401 -25.13 24.92 7.10
C ILE C 401 -24.70 24.77 8.56
N TRP C 402 -23.47 25.17 8.82
CA TRP C 402 -22.82 25.01 10.13
C TRP C 402 -23.61 25.60 11.30
N GLY C 403 -24.28 26.73 11.08
CA GLY C 403 -25.06 27.38 12.12
C GLY C 403 -24.25 27.76 13.35
N ASP C 404 -24.74 27.37 14.52
CA ASP C 404 -24.06 27.64 15.79
C ASP C 404 -22.89 26.69 16.05
N GLY C 405 -22.73 25.70 15.18
CA GLY C 405 -21.65 24.75 15.32
C GLY C 405 -21.93 23.64 16.32
N ALA C 406 -23.21 23.34 16.52
CA ALA C 406 -23.61 22.23 17.38
C ALA C 406 -24.00 21.01 16.54
N ALA C 407 -23.28 19.91 16.74
CA ALA C 407 -23.52 18.67 16.00
C ALA C 407 -25.00 18.38 15.77
N GLU C 408 -25.74 18.18 16.86
CA GLU C 408 -27.13 17.73 16.82
C GLU C 408 -28.03 18.54 15.88
N GLU C 409 -27.73 19.82 15.71
CA GLU C 409 -28.57 20.69 14.90
C GLU C 409 -28.29 20.57 13.40
N GLN C 410 -27.12 20.05 13.06
CA GLN C 410 -26.61 20.14 11.69
C GLN C 410 -27.28 19.25 10.63
N LEU C 411 -27.78 18.08 11.01
CA LEU C 411 -28.55 17.26 10.08
C LEU C 411 -29.82 17.99 9.69
N PHE C 412 -30.51 18.54 10.68
CA PHE C 412 -31.70 19.34 10.44
C PHE C 412 -31.33 20.65 9.74
N GLY C 413 -30.13 21.16 10.02
CA GLY C 413 -29.61 22.28 9.27
C GLY C 413 -29.63 21.97 7.77
N LEU C 414 -28.90 20.92 7.38
CA LEU C 414 -28.83 20.49 6.00
C LEU C 414 -30.19 20.13 5.40
N LEU C 415 -31.05 19.51 6.20
CA LEU C 415 -32.37 19.12 5.71
C LEU C 415 -33.23 20.33 5.37
N HIS C 416 -33.29 21.29 6.29
CA HIS C 416 -34.11 22.49 6.09
C HIS C 416 -33.58 23.37 4.96
N ALA C 417 -32.37 23.10 4.51
CA ALA C 417 -31.80 23.83 3.37
C ALA C 417 -32.28 23.29 2.03
N LEU C 418 -33.16 22.30 2.07
CA LEU C 418 -33.63 21.61 0.86
C LEU C 418 -35.15 21.68 0.69
N PRO C 419 -35.63 21.50 -0.54
CA PRO C 419 -37.07 21.45 -0.85
C PRO C 419 -37.74 20.24 -0.23
N GLY C 420 -38.70 20.47 0.65
CA GLY C 420 -39.38 19.38 1.34
C GLY C 420 -38.67 18.99 2.63
N GLY C 421 -37.56 19.65 2.89
CA GLY C 421 -36.74 19.34 4.05
C GLY C 421 -37.45 19.48 5.38
N GLN C 422 -38.45 20.34 5.44
CA GLN C 422 -39.19 20.54 6.67
C GLN C 422 -39.94 19.26 7.04
N ILE C 423 -40.41 18.54 6.01
CA ILE C 423 -41.06 17.26 6.20
C ILE C 423 -40.04 16.21 6.61
N MET C 424 -39.00 16.06 5.79
CA MET C 424 -37.96 15.05 6.03
C MET C 424 -37.34 15.20 7.41
N GLY C 425 -37.35 16.42 7.94
CA GLY C 425 -36.83 16.67 9.27
C GLY C 425 -37.67 16.00 10.35
N ILE C 426 -38.95 15.81 10.06
CA ILE C 426 -39.83 15.07 10.95
C ILE C 426 -39.55 13.58 10.82
N ILE C 427 -39.35 13.15 9.57
CA ILE C 427 -39.06 11.75 9.28
C ILE C 427 -37.78 11.28 9.98
N ALA C 428 -36.75 12.13 9.92
CA ALA C 428 -35.47 11.80 10.54
C ALA C 428 -35.61 11.73 12.06
N MET C 429 -36.64 12.37 12.60
CA MET C 429 -36.93 12.29 14.03
C MET C 429 -37.49 10.92 14.38
N ILE C 430 -38.41 10.45 13.56
CA ILE C 430 -39.02 9.14 13.76
C ILE C 430 -37.97 8.04 13.61
N LEU C 431 -37.14 8.16 12.58
CA LEU C 431 -36.07 7.21 12.33
C LEU C 431 -35.13 7.09 13.54
N LEU C 432 -34.81 8.22 14.15
CA LEU C 432 -33.97 8.24 15.35
C LEU C 432 -34.67 7.55 16.52
N GLY C 433 -36.00 7.65 16.55
CA GLY C 433 -36.79 7.02 17.59
C GLY C 433 -36.77 5.51 17.44
N THR C 434 -37.02 5.03 16.23
CA THR C 434 -36.99 3.61 15.95
C THR C 434 -35.58 3.06 16.23
N PHE C 435 -34.56 3.71 15.68
CA PHE C 435 -33.17 3.32 15.91
C PHE C 435 -32.90 3.17 17.41
N PHE C 436 -33.35 4.16 18.18
CA PHE C 436 -33.21 4.14 19.62
C PHE C 436 -33.75 2.81 20.19
N ILE C 437 -34.89 2.38 19.66
CA ILE C 437 -35.60 1.22 20.19
C ILE C 437 -35.04 -0.11 19.71
N THR C 438 -34.71 -0.21 18.42
CA THR C 438 -34.15 -1.44 17.87
C THR C 438 -32.75 -1.67 18.42
N SER C 439 -32.04 -0.58 18.73
CA SER C 439 -30.70 -0.66 19.29
C SER C 439 -30.74 -1.14 20.74
N ALA C 440 -31.72 -0.64 21.49
CA ALA C 440 -31.89 -1.05 22.88
C ALA C 440 -32.44 -2.47 22.96
N ASP C 441 -33.27 -2.85 21.99
CA ASP C 441 -33.76 -4.21 21.90
C ASP C 441 -32.59 -5.17 21.70
N SER C 442 -31.93 -5.05 20.55
CA SER C 442 -30.80 -5.89 20.20
C SER C 442 -29.82 -6.01 21.35
N ALA C 443 -29.21 -4.88 21.71
CA ALA C 443 -28.17 -4.83 22.73
C ALA C 443 -28.58 -5.45 24.06
N SER C 444 -29.82 -5.21 24.48
CA SER C 444 -30.31 -5.76 25.74
C SER C 444 -30.46 -7.27 25.70
N THR C 445 -30.79 -7.81 24.53
CA THR C 445 -30.88 -9.27 24.38
C THR C 445 -29.54 -9.90 24.70
N VAL C 446 -28.49 -9.42 24.04
CA VAL C 446 -27.15 -9.94 24.24
C VAL C 446 -26.72 -9.86 25.70
N MET C 447 -27.12 -8.79 26.39
CA MET C 447 -26.79 -8.63 27.79
C MET C 447 -27.54 -9.65 28.62
N GLY C 448 -28.71 -10.06 28.14
CA GLY C 448 -29.44 -11.13 28.77
C GLY C 448 -28.60 -12.39 28.69
N THR C 449 -28.26 -12.76 27.47
CA THR C 449 -27.46 -13.96 27.21
C THR C 449 -26.19 -13.98 28.07
N MET C 450 -25.52 -12.85 28.17
CA MET C 450 -24.26 -12.76 28.88
C MET C 450 -24.45 -12.91 30.40
N SER C 451 -25.70 -12.84 30.85
CA SER C 451 -25.98 -12.93 32.28
C SER C 451 -26.75 -14.21 32.61
N GLN C 452 -27.09 -14.98 31.58
CA GLN C 452 -27.78 -16.26 31.76
C GLN C 452 -26.97 -17.42 31.20
N HIS C 453 -25.71 -17.48 31.60
CA HIS C 453 -24.82 -18.59 31.23
C HIS C 453 -24.77 -18.91 29.74
N GLY C 454 -25.05 -17.92 28.90
CA GLY C 454 -24.98 -18.12 27.45
C GLY C 454 -26.25 -18.70 26.85
N GLN C 455 -27.38 -18.39 27.46
CA GLN C 455 -28.67 -18.82 26.94
C GLN C 455 -29.08 -17.95 25.76
N LEU C 456 -29.35 -18.59 24.63
CA LEU C 456 -29.62 -17.87 23.39
C LEU C 456 -30.82 -16.93 23.46
N GLU C 457 -31.96 -17.44 23.90
CA GLU C 457 -33.13 -16.59 24.10
C GLU C 457 -33.24 -16.12 25.54
N ALA C 458 -32.94 -14.85 25.77
CA ALA C 458 -32.93 -14.28 27.11
C ALA C 458 -34.34 -14.15 27.67
N ASN C 459 -34.42 -13.92 28.98
CA ASN C 459 -35.68 -13.66 29.65
C ASN C 459 -36.15 -12.23 29.41
N LYS C 460 -37.41 -12.08 29.01
CA LYS C 460 -37.95 -10.75 28.68
C LYS C 460 -37.94 -9.79 29.87
N TRP C 461 -37.59 -10.29 31.04
CA TRP C 461 -37.48 -9.46 32.23
C TRP C 461 -36.03 -9.05 32.48
N VAL C 462 -35.12 -10.01 32.32
CA VAL C 462 -33.70 -9.71 32.43
C VAL C 462 -33.29 -8.82 31.27
N THR C 463 -33.98 -8.96 30.14
CA THR C 463 -33.72 -8.12 28.98
C THR C 463 -34.16 -6.68 29.23
N ALA C 464 -35.44 -6.49 29.53
CA ALA C 464 -35.98 -5.16 29.78
C ALA C 464 -35.22 -4.46 30.91
N ALA C 465 -34.75 -5.24 31.88
CA ALA C 465 -33.99 -4.69 32.98
C ALA C 465 -32.76 -3.94 32.47
N TRP C 466 -32.08 -4.53 31.49
CA TRP C 466 -30.88 -3.93 30.93
C TRP C 466 -31.21 -2.68 30.11
N GLY C 467 -32.30 -2.73 29.36
CA GLY C 467 -32.72 -1.60 28.55
C GLY C 467 -32.95 -0.34 29.36
N VAL C 468 -33.46 -0.50 30.57
CA VAL C 468 -33.73 0.63 31.46
C VAL C 468 -32.45 1.18 32.07
N ALA C 469 -31.65 0.29 32.64
CA ALA C 469 -30.37 0.69 33.23
C ALA C 469 -29.51 1.39 32.19
N THR C 470 -29.58 0.92 30.95
CA THR C 470 -28.80 1.50 29.86
C THR C 470 -29.29 2.89 29.47
N ALA C 471 -30.58 3.01 29.18
CA ALA C 471 -31.18 4.31 28.86
C ALA C 471 -31.00 5.29 30.02
N ALA C 472 -30.99 4.77 31.23
CA ALA C 472 -30.80 5.61 32.42
C ALA C 472 -29.37 6.15 32.46
N ILE C 473 -28.40 5.33 32.09
CA ILE C 473 -27.01 5.76 32.02
C ILE C 473 -26.85 6.75 30.88
N GLY C 474 -27.51 6.46 29.76
CA GLY C 474 -27.50 7.38 28.63
C GLY C 474 -27.94 8.76 29.06
N LEU C 475 -29.01 8.81 29.85
CA LEU C 475 -29.55 10.07 30.34
C LEU C 475 -28.66 10.70 31.42
N THR C 476 -28.05 9.85 32.25
CA THR C 476 -27.17 10.35 33.31
C THR C 476 -25.92 11.00 32.75
N LEU C 477 -25.46 10.51 31.60
CA LEU C 477 -24.33 11.10 30.92
C LEU C 477 -24.71 12.48 30.36
N LEU C 478 -25.85 12.56 29.69
CA LEU C 478 -26.32 13.82 29.12
C LEU C 478 -26.58 14.86 30.20
N LEU C 479 -27.32 14.49 31.24
CA LEU C 479 -27.70 15.42 32.30
C LEU C 479 -26.51 15.96 33.09
N SER C 480 -25.65 15.04 33.55
CA SER C 480 -24.51 15.44 34.36
C SER C 480 -23.58 16.42 33.63
N GLY C 481 -23.70 16.45 32.31
CA GLY C 481 -22.81 17.26 31.49
C GLY C 481 -23.17 18.74 31.43
N GLY C 482 -24.46 19.02 31.28
CA GLY C 482 -24.94 20.39 31.18
C GLY C 482 -24.92 20.91 29.76
N ASP C 483 -24.12 21.94 29.53
CA ASP C 483 -23.99 22.54 28.20
C ASP C 483 -23.07 21.71 27.32
N ASN C 484 -22.31 20.82 27.96
CA ASN C 484 -21.37 19.97 27.24
C ASN C 484 -21.72 18.49 27.38
N ALA C 485 -22.99 18.15 27.22
CA ALA C 485 -23.44 16.77 27.32
C ALA C 485 -22.59 15.87 26.43
N LEU C 486 -22.34 16.34 25.21
CA LEU C 486 -21.57 15.59 24.24
C LEU C 486 -20.16 15.26 24.73
N SER C 487 -19.50 16.26 25.31
CA SER C 487 -18.15 16.09 25.84
C SER C 487 -18.15 15.05 26.95
N ASN C 488 -19.21 15.05 27.74
CA ASN C 488 -19.34 14.13 28.87
C ASN C 488 -19.71 12.73 28.37
N LEU C 489 -20.50 12.69 27.31
CA LEU C 489 -20.96 11.45 26.71
C LEU C 489 -19.81 10.72 26.02
N GLN C 490 -18.75 11.46 25.71
CA GLN C 490 -17.59 10.87 25.03
C GLN C 490 -16.47 10.55 26.00
N ASN C 491 -16.40 11.29 27.10
CA ASN C 491 -15.33 11.10 28.08
C ASN C 491 -15.56 9.86 28.92
N VAL C 492 -16.81 9.62 29.29
CA VAL C 492 -17.16 8.44 30.08
C VAL C 492 -17.00 7.17 29.24
N THR C 493 -17.48 7.23 28.00
CA THR C 493 -17.37 6.10 27.09
C THR C 493 -15.92 5.67 26.92
N ILE C 494 -15.02 6.63 26.76
CA ILE C 494 -13.60 6.32 26.60
C ILE C 494 -13.05 5.68 27.87
N VAL C 495 -13.45 6.22 29.01
CA VAL C 495 -12.97 5.73 30.30
C VAL C 495 -13.50 4.32 30.55
N ALA C 496 -14.77 4.10 30.21
CA ALA C 496 -15.40 2.80 30.41
C ALA C 496 -14.81 1.73 29.49
N ALA C 497 -14.69 2.06 28.21
CA ALA C 497 -14.18 1.12 27.22
C ALA C 497 -12.71 0.76 27.45
N THR C 498 -12.06 1.43 28.41
CA THR C 498 -10.63 1.26 28.58
C THR C 498 -10.20 -0.13 29.05
N PRO C 499 -10.87 -0.67 30.07
CA PRO C 499 -10.53 -2.01 30.54
C PRO C 499 -10.75 -3.11 29.49
N PHE C 500 -11.72 -2.92 28.60
CA PHE C 500 -12.11 -3.98 27.67
C PHE C 500 -11.25 -4.01 26.41
N LEU C 501 -10.49 -2.95 26.19
CA LEU C 501 -9.54 -2.88 25.09
C LEU C 501 -8.49 -3.98 25.26
N PHE C 502 -8.18 -4.31 26.51
CA PHE C 502 -7.17 -5.31 26.81
C PHE C 502 -7.72 -6.71 26.62
N VAL C 503 -9.02 -6.87 26.85
CA VAL C 503 -9.70 -8.12 26.58
C VAL C 503 -9.59 -8.46 25.10
N VAL C 504 -10.04 -7.54 24.25
CA VAL C 504 -9.94 -7.71 22.80
C VAL C 504 -8.51 -7.99 22.33
N ILE C 505 -7.53 -7.50 23.07
CA ILE C 505 -6.14 -7.77 22.70
C ILE C 505 -5.78 -9.22 22.97
N GLY C 506 -6.20 -9.72 24.13
CA GLY C 506 -5.92 -11.10 24.50
C GLY C 506 -6.72 -12.10 23.69
N LEU C 507 -7.89 -11.66 23.24
CA LEU C 507 -8.73 -12.44 22.35
C LEU C 507 -7.91 -12.89 21.14
N MET C 508 -7.09 -11.99 20.61
CA MET C 508 -6.20 -12.32 19.50
C MET C 508 -5.36 -13.53 19.82
N PHE C 509 -4.75 -13.53 21.01
CA PHE C 509 -3.88 -14.62 21.44
C PHE C 509 -4.70 -15.88 21.69
N ALA C 510 -5.88 -15.68 22.25
CA ALA C 510 -6.80 -16.78 22.50
C ALA C 510 -7.22 -17.43 21.18
N LEU C 511 -7.73 -16.60 20.27
CA LEU C 511 -8.28 -17.07 18.99
C LEU C 511 -7.25 -17.86 18.18
N VAL C 512 -6.01 -17.39 18.16
CA VAL C 512 -4.96 -18.07 17.40
C VAL C 512 -4.65 -19.44 18.01
N LYS C 513 -4.73 -19.52 19.33
CA LYS C 513 -4.44 -20.77 20.04
C LYS C 513 -5.51 -21.81 19.70
N ASP C 514 -6.77 -21.38 19.74
CA ASP C 514 -7.90 -22.22 19.34
C ASP C 514 -7.74 -22.74 17.93
N LEU C 515 -7.65 -21.84 16.96
CA LEU C 515 -7.54 -22.20 15.56
C LEU C 515 -6.36 -23.12 15.30
N SER C 516 -5.31 -23.00 16.11
CA SER C 516 -4.15 -23.86 15.96
C SER C 516 -4.46 -25.28 16.43
N ASN C 517 -5.39 -25.39 17.37
CA ASN C 517 -5.84 -26.69 17.88
C ASN C 517 -6.95 -27.30 17.02
N ASP C 518 -7.54 -26.49 16.15
CA ASP C 518 -8.63 -26.96 15.29
C ASP C 518 -8.21 -28.18 14.48
N VAL C 519 -9.15 -29.10 14.30
CA VAL C 519 -8.85 -30.38 13.64
C VAL C 519 -8.58 -30.28 12.13
N ILE C 520 -9.38 -29.52 11.40
CA ILE C 520 -9.18 -29.40 9.95
C ILE C 520 -7.84 -28.76 9.58
N TYR C 521 -7.45 -27.68 10.28
CA TYR C 521 -6.16 -27.05 10.02
C TYR C 521 -4.99 -27.89 10.50
N LEU C 522 -5.18 -28.59 11.62
CA LEU C 522 -4.21 -29.57 12.07
C LEU C 522 -4.10 -30.68 11.03
N GLU C 523 -5.14 -30.83 10.21
CA GLU C 523 -5.18 -31.83 9.16
C GLU C 523 -4.38 -31.44 7.91
N TYR C 524 -4.16 -30.15 7.72
CA TYR C 524 -3.44 -29.67 6.53
C TYR C 524 -1.96 -29.46 6.79
N ARG C 525 -1.60 -29.10 8.03
CA ARG C 525 -0.21 -29.11 8.44
C ARG C 525 0.18 -30.54 8.81
N GLU C 526 -0.78 -31.46 8.61
CA GLU C 526 -0.56 -32.88 8.79
C GLU C 526 -0.34 -33.53 7.44
N GLN C 527 -0.92 -32.94 6.41
CA GLN C 527 -0.74 -33.42 5.04
C GLN C 527 0.39 -32.67 4.35
N GLN C 528 0.97 -31.70 5.05
CA GLN C 528 2.08 -30.93 4.51
C GLN C 528 3.38 -31.35 5.19
N ARG C 529 3.27 -32.13 6.25
CA ARG C 529 4.43 -32.66 6.96
C ARG C 529 4.73 -34.08 6.54
N PHE C 530 3.82 -34.67 5.78
CA PHE C 530 3.99 -36.04 5.30
C PHE C 530 4.44 -36.06 3.84
N ASN C 531 3.67 -35.39 2.98
CA ASN C 531 4.02 -35.29 1.57
C ASN C 531 5.33 -34.54 1.36
N ALA C 532 5.46 -33.39 2.03
CA ALA C 532 6.66 -32.58 1.94
C ALA C 532 7.65 -32.93 3.05
#